data_2UZA
#
_entry.id   2UZA
#
_cell.length_a   85.948
_cell.length_b   146.155
_cell.length_c   211.327
_cell.angle_alpha   90.00
_cell.angle_beta   90.00
_cell.angle_gamma   90.00
#
_symmetry.space_group_name_H-M   'P 21 21 21'
#
loop_
_entity.id
_entity.type
_entity.pdbx_description
1 polymer 'PYRUVATE FERREDOXIN OXIDOREDUCTASE'
2 non-polymer 'IRON/SULFUR CLUSTER'
3 non-polymer '2-ACETYL-THIAMINE DIPHOSPHATE'
4 non-polymer 'MAGNESIUM ION'
5 non-polymer 'CALCIUM ION'
6 non-polymer 'CARBON DIOXIDE'
7 water water
#
_entity_poly.entity_id   1
_entity_poly.type   'polypeptide(L)'
_entity_poly.pdbx_seq_one_letter_code
;GKKMMTTDGNTATAHVAYAMSEVAAIYPITPSSTMGEEADDWAAQGRKNIFGQTLTIREMQSEAGAAGAVHGALAAGALT
TTFTASQGLLLMIPNMYKISGELLPGVFHVTARAIAAHALSIFGDHQDIYAARQTGFAMLASSSVQEAHDMALVAHLAAI
ESNVPFMHFFDGFRTSHEIQKIEVLDYADMASLVNQKALAEFRAKSMNPEHPHVRGTAQNPDIYFQGREAANPYYLKVPG
IVAEYMQKVASLTGRSYKLFDYVGAPDAERVIVSMGSSCETIEEVINHLAAKGEKIGLIKVRLYRPFVSEAFFAALPASA
KVITVLDRTKEPGAPGDPLYLDVCSAFVERGEAMPKILAGRYGLGSKEFSPAMVKSVYDNMSGAKKNHFTVGIEDDVTGT
SLPVDNAFADTTPKGTIQCQFWGLGADGTVGANKQAIKIIGDNTDLFAQGYFSYDSKKSGGITISHLRFGEKPIQSTYLV
NRADYVACHNPAYVGIYDILEGIKDGGTFVLNSPWSSLEDMDKHLPSGIKRTIANKKLKFYNIDAVKIATDVGLGGRINM
IMQTAFFKLAGVLPFEKAVDLLKKSIHKAYGKKGEKIVKMNTDAVDQAVTSLQEFKYPDSWKDAPAETKAEPMTNEFFKN
VVKPILTQQGDKLPVSAFEADGRFPLGTSQFEKRGVAINVPQWVPENCIQCNQCAFVCPHSAILPVLAKEEELVGAPANF
TALEAKGKELKGYKFRIQINTLDCMGCGNCADICPPKEKALVMQPLDTQRDAQVPNLEYAARIPVKSEVLPRDSLKGSQF
QEPLMEFSGACSGCGETPYVRVITQLFGERMFIANATGCSSIWGASAPSMPYKTNRLGQGPAWGNSLFEDAAEYGFGMNM
SMFARRTHLADLAAKALESDASGDVKEALQGWLAGKNDPIKSKEYGDKLKKLLAGQKDGLLGQIAAMSDLYTKKSVWIFG
GDGWAYDIGYGGLDHVLASGEDVNVFVMDTEVYSNTGGQSSKATPTGAVAKFAAAGKRTGKKDLARMVMTYGYVYVATVS
MGYSKQQFLKVLKEAESFPGPSLVIAYATCINQGLRKGMGKSQDVMNTAVKSGYWPLFRYDPRLAAQGKNPFQLDSKAPD
GSVEEFLMAQNRFAVLDRSFPEDAKRLRAQVAHELDVRFKELEHMAATNIFESFAPAGGKADGSVDFGEGAEFCTRDDTP
MMARPDSGEACDQNRAGTSEQQGDLSKRTKK
;
_entity_poly.pdbx_strand_id   A,B
#
loop_
_chem_comp.id
_chem_comp.type
_chem_comp.name
_chem_comp.formula
CA non-polymer 'CALCIUM ION' 'Ca 2'
CO2 non-polymer 'CARBON DIOXIDE' 'C O2'
HTL non-polymer '2-ACETYL-THIAMINE DIPHOSPHATE' 'C14 H21 N4 O8 P2 S 1'
MG non-polymer 'MAGNESIUM ION' 'Mg 2'
SF4 non-polymer 'IRON/SULFUR CLUSTER' 'Fe4 S4'
#
# COMPACT_ATOMS: atom_id res chain seq x y z
N GLY A 1 -26.91 30.67 -12.18
CA GLY A 1 -26.00 30.88 -13.34
C GLY A 1 -24.52 30.87 -13.01
N LYS A 2 -23.77 31.73 -13.69
CA LYS A 2 -22.32 31.83 -13.50
C LYS A 2 -21.89 32.78 -12.39
N LYS A 3 -20.60 33.03 -12.31
CA LYS A 3 -20.01 33.91 -11.31
C LYS A 3 -18.51 33.98 -11.57
N MET A 4 -17.96 35.19 -11.62
CA MET A 4 -16.53 35.37 -11.85
C MET A 4 -15.78 35.15 -10.55
N MET A 5 -14.53 34.72 -10.65
CA MET A 5 -13.75 34.41 -9.47
C MET A 5 -12.27 34.19 -9.80
N THR A 6 -11.38 34.66 -8.94
CA THR A 6 -9.96 34.44 -9.16
C THR A 6 -9.52 33.42 -8.12
N THR A 7 -9.13 32.23 -8.59
CA THR A 7 -8.68 31.15 -7.73
C THR A 7 -7.74 30.22 -8.47
N ASP A 8 -7.24 29.23 -7.76
CA ASP A 8 -6.32 28.29 -8.35
C ASP A 8 -7.03 27.03 -8.85
N GLY A 9 -6.30 26.20 -9.59
CA GLY A 9 -6.87 24.97 -10.10
C GLY A 9 -7.51 24.13 -9.00
N ASN A 10 -6.88 24.13 -7.82
CA ASN A 10 -7.39 23.35 -6.69
C ASN A 10 -8.78 23.75 -6.23
N THR A 11 -8.98 25.04 -5.95
CA THR A 11 -10.29 25.46 -5.47
C THR A 11 -11.30 25.44 -6.60
N ALA A 12 -10.83 25.61 -7.83
CA ALA A 12 -11.73 25.55 -8.96
C ALA A 12 -12.34 24.14 -9.00
N THR A 13 -11.50 23.10 -8.84
CA THR A 13 -12.09 21.77 -8.88
C THR A 13 -12.75 21.36 -7.57
N ALA A 14 -12.19 21.78 -6.45
CA ALA A 14 -12.83 21.44 -5.15
C ALA A 14 -14.25 22.03 -5.10
N HIS A 15 -14.41 23.19 -5.73
CA HIS A 15 -15.69 23.87 -5.81
C HIS A 15 -16.75 22.92 -6.38
N VAL A 16 -16.41 22.18 -7.43
CA VAL A 16 -17.33 21.24 -8.06
C VAL A 16 -17.44 19.96 -7.26
N ALA A 17 -16.29 19.42 -6.84
CA ALA A 17 -16.27 18.18 -6.08
C ALA A 17 -17.15 18.21 -4.85
N TYR A 18 -17.16 19.34 -4.13
CA TYR A 18 -17.98 19.46 -2.92
C TYR A 18 -19.45 19.36 -3.25
N ALA A 19 -19.84 20.02 -4.34
CA ALA A 19 -21.23 20.05 -4.79
C ALA A 19 -21.73 18.70 -5.25
N MET A 20 -20.89 17.96 -5.96
CA MET A 20 -21.27 16.69 -6.53
C MET A 20 -21.10 15.46 -5.66
N SER A 21 -20.59 15.64 -4.43
CA SER A 21 -20.33 14.51 -3.57
C SER A 21 -21.04 14.49 -2.21
N GLU A 22 -21.29 13.30 -1.68
CA GLU A 22 -21.94 13.16 -0.40
C GLU A 22 -20.89 12.76 0.63
N VAL A 23 -19.89 12.00 0.18
CA VAL A 23 -18.84 11.52 1.06
C VAL A 23 -17.47 11.73 0.43
N ALA A 24 -16.46 11.91 1.28
CA ALA A 24 -15.09 12.06 0.84
C ALA A 24 -14.18 11.47 1.92
N ALA A 25 -13.26 10.61 1.51
CA ALA A 25 -12.31 9.99 2.42
C ALA A 25 -11.01 10.62 2.00
N ILE A 26 -10.30 11.28 2.92
CA ILE A 26 -9.07 11.95 2.50
C ILE A 26 -7.83 11.68 3.32
N TYR A 27 -6.71 12.14 2.75
CA TYR A 27 -5.39 12.02 3.34
C TYR A 27 -4.53 13.12 2.70
N PRO A 28 -3.77 13.87 3.52
CA PRO A 28 -2.95 14.95 2.97
C PRO A 28 -1.70 14.59 2.16
N ILE A 29 -1.58 15.18 0.98
CA ILE A 29 -0.40 15.04 0.13
C ILE A 29 -0.31 16.23 -0.86
N THR A 30 0.85 16.88 -0.87
CA THR A 30 1.09 18.03 -1.73
C THR A 30 1.16 17.49 -3.17
N PRO A 31 0.64 18.25 -4.15
CA PRO A 31 -0.01 19.55 -4.01
C PRO A 31 -1.55 19.52 -3.97
N SER A 32 -2.11 18.39 -3.56
CA SER A 32 -3.56 18.24 -3.50
C SER A 32 -4.22 18.61 -2.18
N SER A 33 -3.42 18.76 -1.12
CA SER A 33 -3.95 19.05 0.22
C SER A 33 -5.02 20.13 0.31
N THR A 34 -4.83 21.20 -0.45
CA THR A 34 -5.77 22.31 -0.49
C THR A 34 -7.21 21.86 -0.74
N MET A 35 -7.41 20.91 -1.64
CA MET A 35 -8.78 20.49 -1.90
C MET A 35 -9.51 19.91 -0.68
N GLY A 36 -8.87 18.96 -0.02
CA GLY A 36 -9.48 18.35 1.15
C GLY A 36 -9.68 19.37 2.25
N GLU A 37 -8.71 20.25 2.44
CA GLU A 37 -8.82 21.26 3.47
C GLU A 37 -9.98 22.22 3.20
N GLU A 38 -10.15 22.63 1.95
CA GLU A 38 -11.26 23.52 1.60
C GLU A 38 -12.60 22.79 1.81
N ALA A 39 -12.64 21.50 1.47
CA ALA A 39 -13.87 20.73 1.64
C ALA A 39 -14.25 20.67 3.10
N ASP A 40 -13.25 20.46 3.95
CA ASP A 40 -13.47 20.40 5.39
C ASP A 40 -13.95 21.78 5.85
N ASP A 41 -13.25 22.83 5.46
CA ASP A 41 -13.67 24.17 5.85
C ASP A 41 -15.09 24.52 5.38
N TRP A 42 -15.42 24.19 4.15
CA TRP A 42 -16.74 24.51 3.65
C TRP A 42 -17.83 23.74 4.41
N ALA A 43 -17.59 22.45 4.66
CA ALA A 43 -18.55 21.63 5.38
C ALA A 43 -18.77 22.22 6.77
N ALA A 44 -17.69 22.71 7.39
CA ALA A 44 -17.79 23.29 8.71
C ALA A 44 -18.56 24.62 8.65
N GLN A 45 -18.37 25.42 7.60
CA GLN A 45 -19.07 26.69 7.45
C GLN A 45 -20.56 26.52 7.09
N GLY A 46 -20.97 25.31 6.71
CA GLY A 46 -22.36 25.06 6.37
C GLY A 46 -22.70 25.01 4.88
N ARG A 47 -21.70 24.93 4.01
CA ARG A 47 -21.95 24.86 2.57
C ARG A 47 -22.70 23.58 2.29
N LYS A 48 -23.69 23.65 1.41
CA LYS A 48 -24.48 22.47 1.07
C LYS A 48 -24.09 21.94 -0.31
N ASN A 49 -24.19 20.63 -0.52
CA ASN A 49 -23.89 20.04 -1.81
C ASN A 49 -25.18 20.07 -2.60
N ILE A 50 -25.20 19.45 -3.79
CA ILE A 50 -26.42 19.50 -4.60
C ILE A 50 -27.64 18.91 -3.93
N PHE A 51 -27.44 18.12 -2.86
CA PHE A 51 -28.57 17.49 -2.14
C PHE A 51 -28.99 18.28 -0.89
N GLY A 52 -28.43 19.49 -0.74
CA GLY A 52 -28.75 20.29 0.41
C GLY A 52 -28.06 19.81 1.69
N GLN A 53 -27.05 18.97 1.55
CA GLN A 53 -26.37 18.45 2.73
C GLN A 53 -24.91 18.92 2.79
N THR A 54 -24.37 19.00 4.00
CA THR A 54 -22.97 19.35 4.16
C THR A 54 -22.22 18.04 3.88
N LEU A 55 -21.00 18.13 3.40
CA LEU A 55 -20.22 16.95 3.07
C LEU A 55 -19.78 16.13 4.28
N THR A 56 -19.77 14.82 4.14
CA THR A 56 -19.32 13.94 5.22
C THR A 56 -17.88 13.61 4.84
N ILE A 57 -16.92 14.26 5.49
CA ILE A 57 -15.49 14.09 5.22
C ILE A 57 -14.79 13.44 6.38
N ARG A 58 -13.83 12.57 6.06
CA ARG A 58 -13.06 11.88 7.09
C ARG A 58 -11.64 11.67 6.62
N GLU A 59 -10.71 11.90 7.53
CA GLU A 59 -9.29 11.73 7.26
C GLU A 59 -8.93 10.31 7.69
N MET A 60 -8.29 9.56 6.79
CA MET A 60 -7.90 8.20 7.07
C MET A 60 -6.44 8.12 7.57
N GLN A 61 -5.90 6.92 7.65
CA GLN A 61 -4.53 6.79 8.13
C GLN A 61 -3.53 6.83 6.98
N SER A 62 -4.04 6.71 5.76
CA SER A 62 -3.19 6.75 4.57
C SER A 62 -4.13 6.78 3.37
N GLU A 63 -3.55 6.97 2.19
CA GLU A 63 -4.36 7.00 0.98
C GLU A 63 -4.93 5.61 0.68
N ALA A 64 -4.25 4.58 1.16
CA ALA A 64 -4.75 3.23 0.94
C ALA A 64 -6.04 3.14 1.75
N GLY A 65 -6.02 3.69 2.95
CA GLY A 65 -7.21 3.69 3.79
C GLY A 65 -8.32 4.52 3.16
N ALA A 66 -7.97 5.68 2.58
CA ALA A 66 -9.01 6.51 1.97
C ALA A 66 -9.64 5.76 0.80
N ALA A 67 -8.81 5.14 -0.04
CA ALA A 67 -9.31 4.37 -1.19
C ALA A 67 -10.28 3.28 -0.75
N GLY A 68 -9.95 2.57 0.34
CA GLY A 68 -10.83 1.53 0.81
C GLY A 68 -12.16 2.11 1.29
N ALA A 69 -12.09 3.23 2.00
CA ALA A 69 -13.30 3.87 2.52
C ALA A 69 -14.12 4.42 1.35
N VAL A 70 -13.45 4.89 0.31
CA VAL A 70 -14.16 5.42 -0.84
C VAL A 70 -14.93 4.28 -1.51
N HIS A 71 -14.26 3.13 -1.59
CA HIS A 71 -14.87 1.96 -2.20
C HIS A 71 -16.11 1.57 -1.39
N GLY A 72 -15.95 1.52 -0.08
CA GLY A 72 -17.06 1.13 0.78
C GLY A 72 -18.22 2.08 0.68
N ALA A 73 -17.91 3.38 0.68
CA ALA A 73 -18.94 4.39 0.58
C ALA A 73 -19.71 4.25 -0.72
N LEU A 74 -18.99 4.04 -1.82
CA LEU A 74 -19.64 3.88 -3.13
C LEU A 74 -20.43 2.60 -3.18
N ALA A 75 -19.85 1.53 -2.64
CA ALA A 75 -20.52 0.26 -2.64
C ALA A 75 -21.85 0.37 -1.89
N ALA A 76 -21.83 1.17 -0.83
CA ALA A 76 -23.02 1.38 -0.01
C ALA A 76 -23.93 2.51 -0.53
N GLY A 77 -23.75 2.88 -1.79
CA GLY A 77 -24.61 3.86 -2.41
C GLY A 77 -24.51 5.35 -2.17
N ALA A 78 -23.31 5.84 -1.89
CA ALA A 78 -23.15 7.28 -1.70
C ALA A 78 -22.15 7.82 -2.74
N LEU A 79 -22.49 8.95 -3.36
CA LEU A 79 -21.58 9.56 -4.34
C LEU A 79 -20.34 9.97 -3.54
N THR A 80 -19.18 9.54 -4.01
CA THR A 80 -17.96 9.78 -3.27
C THR A 80 -16.79 10.28 -4.09
N THR A 81 -15.95 11.07 -3.44
CA THR A 81 -14.77 11.64 -4.09
C THR A 81 -13.55 11.63 -3.16
N THR A 82 -12.38 11.87 -3.74
CA THR A 82 -11.14 11.95 -2.98
C THR A 82 -10.14 12.83 -3.79
N PHE A 83 -9.12 13.32 -3.11
CA PHE A 83 -8.13 14.18 -3.72
C PHE A 83 -6.78 13.60 -3.40
N THR A 84 -5.92 13.50 -4.39
CA THR A 84 -4.64 12.93 -4.08
C THR A 84 -3.62 13.16 -5.17
N ALA A 85 -2.45 12.58 -4.97
CA ALA A 85 -1.37 12.72 -5.93
C ALA A 85 -0.26 11.73 -5.70
N SER A 86 0.59 11.62 -6.71
CA SER A 86 1.83 10.86 -6.63
C SER A 86 1.80 9.59 -5.73
N GLN A 87 2.68 9.56 -4.74
CA GLN A 87 2.78 8.43 -3.82
C GLN A 87 1.40 7.99 -3.32
N GLY A 88 0.51 8.96 -3.10
CA GLY A 88 -0.82 8.66 -2.60
C GLY A 88 -1.67 7.90 -3.60
N LEU A 89 -1.63 8.34 -4.86
CA LEU A 89 -2.39 7.68 -5.91
C LEU A 89 -1.91 6.23 -6.01
N LEU A 90 -0.61 6.03 -5.88
CA LEU A 90 -0.04 4.69 -5.96
C LEU A 90 -0.70 3.78 -4.93
N LEU A 91 -0.85 4.25 -3.69
CA LEU A 91 -1.48 3.44 -2.67
C LEU A 91 -2.93 3.15 -2.95
N MET A 92 -3.57 3.94 -3.81
CA MET A 92 -4.99 3.73 -4.12
C MET A 92 -5.21 2.75 -5.26
N ILE A 93 -4.15 2.46 -6.01
CA ILE A 93 -4.26 1.56 -7.15
C ILE A 93 -5.01 0.23 -6.94
N PRO A 94 -4.71 -0.51 -5.86
CA PRO A 94 -5.44 -1.76 -5.68
C PRO A 94 -6.93 -1.53 -5.62
N ASN A 95 -7.35 -0.48 -4.94
CA ASN A 95 -8.77 -0.22 -4.86
C ASN A 95 -9.36 0.35 -6.15
N MET A 96 -8.53 0.96 -6.96
CA MET A 96 -9.05 1.49 -8.22
C MET A 96 -9.57 0.32 -9.07
N TYR A 97 -8.81 -0.77 -9.08
CA TYR A 97 -9.22 -1.94 -9.84
C TYR A 97 -10.58 -2.42 -9.36
N LYS A 98 -10.76 -2.42 -8.05
CA LYS A 98 -12.02 -2.83 -7.45
C LYS A 98 -13.13 -1.82 -7.76
N ILE A 99 -12.83 -0.53 -7.62
CA ILE A 99 -13.85 0.48 -7.88
C ILE A 99 -14.34 0.49 -9.32
N SER A 100 -13.45 0.25 -10.28
CA SER A 100 -13.90 0.23 -11.67
C SER A 100 -14.48 -1.13 -11.98
N GLY A 101 -13.85 -2.16 -11.42
CA GLY A 101 -14.31 -3.52 -11.65
C GLY A 101 -15.74 -3.68 -11.19
N GLU A 102 -16.09 -2.94 -10.14
CA GLU A 102 -17.43 -2.99 -9.59
C GLU A 102 -18.36 -1.90 -10.15
N LEU A 103 -17.93 -1.28 -11.25
CA LEU A 103 -18.69 -0.21 -11.90
C LEU A 103 -19.31 0.82 -10.93
N LEU A 104 -18.45 1.44 -10.14
CA LEU A 104 -18.88 2.44 -9.17
C LEU A 104 -18.58 3.84 -9.67
N PRO A 105 -19.55 4.76 -9.57
CA PRO A 105 -19.40 6.15 -10.03
C PRO A 105 -18.53 7.03 -9.13
N GLY A 106 -17.32 6.58 -8.83
CA GLY A 106 -16.46 7.40 -8.01
C GLY A 106 -15.70 8.40 -8.86
N VAL A 107 -15.18 9.43 -8.21
CA VAL A 107 -14.38 10.43 -8.91
C VAL A 107 -13.17 10.78 -8.07
N PHE A 108 -11.98 10.62 -8.65
CA PHE A 108 -10.76 11.00 -7.96
C PHE A 108 -10.24 12.27 -8.58
N HIS A 109 -9.98 13.30 -7.77
CA HIS A 109 -9.39 14.52 -8.30
C HIS A 109 -7.93 14.45 -7.93
N VAL A 110 -7.11 14.36 -8.96
CA VAL A 110 -5.65 14.22 -8.82
C VAL A 110 -4.82 15.40 -9.35
N THR A 111 -3.91 15.90 -8.52
CA THR A 111 -2.99 16.96 -8.92
C THR A 111 -1.75 16.16 -9.33
N ALA A 112 -1.56 15.96 -10.64
CA ALA A 112 -0.45 15.16 -11.11
C ALA A 112 0.90 15.62 -10.59
N ARG A 113 1.56 14.71 -9.88
CA ARG A 113 2.86 14.97 -9.27
C ARG A 113 3.79 13.81 -9.55
N ALA A 114 5.09 14.10 -9.58
CA ALA A 114 6.11 13.11 -9.83
C ALA A 114 6.19 12.04 -8.74
N ILE A 115 6.61 10.85 -9.15
CA ILE A 115 6.77 9.71 -8.26
C ILE A 115 8.23 9.72 -7.81
N ALA A 116 8.49 9.32 -6.57
CA ALA A 116 9.85 9.31 -6.06
C ALA A 116 10.59 8.10 -6.61
N ALA A 117 11.75 8.35 -7.21
CA ALA A 117 12.60 7.30 -7.78
C ALA A 117 14.02 7.62 -7.30
N HIS A 118 14.82 8.27 -8.15
CA HIS A 118 16.18 8.64 -7.74
C HIS A 118 16.07 9.74 -6.67
N ALA A 119 14.90 10.38 -6.61
CA ALA A 119 14.64 11.45 -5.64
C ALA A 119 13.13 11.69 -5.52
N LEU A 120 12.73 12.37 -4.46
CA LEU A 120 11.33 12.71 -4.26
C LEU A 120 11.09 14.07 -4.87
N SER A 121 9.90 14.28 -5.40
CA SER A 121 9.55 15.58 -5.95
C SER A 121 8.07 15.82 -5.69
N ILE A 122 7.74 17.04 -5.23
CA ILE A 122 6.36 17.39 -4.95
C ILE A 122 5.79 18.08 -6.18
N PHE A 123 6.64 18.32 -7.17
CA PHE A 123 6.21 19.02 -8.36
C PHE A 123 5.52 18.20 -9.43
N GLY A 124 4.96 18.91 -10.39
CA GLY A 124 4.16 18.23 -11.39
C GLY A 124 4.63 17.61 -12.68
N ASP A 125 4.04 16.44 -12.92
CA ASP A 125 4.24 15.68 -14.14
C ASP A 125 3.22 14.53 -14.12
N HIS A 126 3.18 13.72 -15.17
CA HIS A 126 2.14 12.69 -15.22
C HIS A 126 2.56 11.28 -14.86
N GLN A 127 3.69 11.15 -14.18
CA GLN A 127 4.15 9.83 -13.79
C GLN A 127 3.10 9.14 -12.95
N ASP A 128 2.51 9.87 -12.01
CA ASP A 128 1.53 9.25 -11.16
C ASP A 128 0.26 8.81 -11.88
N ILE A 129 -0.39 9.71 -12.63
CA ILE A 129 -1.62 9.30 -13.28
C ILE A 129 -1.41 8.20 -14.33
N TYR A 130 -0.22 8.13 -14.94
CA TYR A 130 0.04 7.09 -15.94
C TYR A 130 0.22 5.74 -15.28
N ALA A 131 0.59 5.77 -14.01
CA ALA A 131 0.81 4.54 -13.26
C ALA A 131 -0.53 3.86 -12.99
N ALA A 132 -1.61 4.60 -13.18
CA ALA A 132 -2.93 4.05 -12.94
C ALA A 132 -3.77 3.89 -14.19
N ARG A 133 -3.18 4.13 -15.37
CA ARG A 133 -3.95 4.00 -16.62
C ARG A 133 -4.55 2.63 -16.89
N GLN A 134 -4.14 1.59 -16.17
CA GLN A 134 -4.71 0.26 -16.42
C GLN A 134 -5.74 -0.20 -15.39
N THR A 135 -6.06 0.68 -14.45
CA THR A 135 -7.00 0.34 -13.40
C THR A 135 -8.45 0.29 -13.85
N GLY A 136 -8.75 0.79 -15.05
CA GLY A 136 -10.12 0.79 -15.51
C GLY A 136 -10.86 2.09 -15.26
N PHE A 137 -10.13 3.07 -14.71
CA PHE A 137 -10.73 4.39 -14.46
C PHE A 137 -10.70 5.18 -15.75
N ALA A 138 -11.72 5.99 -15.98
CA ALA A 138 -11.72 6.86 -17.14
C ALA A 138 -10.77 7.97 -16.66
N MET A 139 -10.12 8.64 -17.60
CA MET A 139 -9.16 9.67 -17.25
C MET A 139 -9.42 10.90 -18.09
N LEU A 140 -9.72 12.00 -17.41
CA LEU A 140 -10.02 13.26 -18.07
C LEU A 140 -9.04 14.34 -17.63
N ALA A 141 -8.34 14.89 -18.60
CA ALA A 141 -7.35 15.91 -18.31
C ALA A 141 -7.91 17.32 -18.51
N SER A 142 -7.47 18.24 -17.66
CA SER A 142 -7.87 19.62 -17.79
C SER A 142 -6.50 20.28 -17.87
N SER A 143 -6.38 21.29 -18.72
CA SER A 143 -5.12 21.96 -18.92
C SER A 143 -5.01 23.41 -18.41
N SER A 144 -6.04 23.88 -17.75
CA SER A 144 -6.02 25.24 -17.25
C SER A 144 -6.92 25.29 -16.04
N VAL A 145 -6.76 26.38 -15.27
CA VAL A 145 -7.56 26.58 -14.08
C VAL A 145 -9.06 26.53 -14.41
N GLN A 146 -9.46 27.15 -15.52
CA GLN A 146 -10.85 27.16 -15.94
C GLN A 146 -11.28 25.77 -16.41
N GLU A 147 -10.35 25.04 -17.01
CA GLU A 147 -10.66 23.70 -17.47
C GLU A 147 -10.81 22.75 -16.28
N ALA A 148 -10.07 23.00 -15.20
CA ALA A 148 -10.15 22.16 -14.01
C ALA A 148 -11.60 22.17 -13.53
N HIS A 149 -12.18 23.37 -13.45
CA HIS A 149 -13.57 23.51 -13.03
C HIS A 149 -14.52 22.74 -13.96
N ASP A 150 -14.39 22.98 -15.26
CA ASP A 150 -15.27 22.34 -16.23
C ASP A 150 -15.14 20.81 -16.28
N MET A 151 -13.92 20.31 -16.30
CA MET A 151 -13.70 18.87 -16.36
C MET A 151 -14.10 18.17 -15.06
N ALA A 152 -13.98 18.86 -13.94
CA ALA A 152 -14.36 18.26 -12.67
C ALA A 152 -15.86 17.96 -12.75
N LEU A 153 -16.60 18.90 -13.31
CA LEU A 153 -18.04 18.75 -13.44
C LEU A 153 -18.38 17.66 -14.45
N VAL A 154 -17.70 17.66 -15.58
CA VAL A 154 -18.01 16.63 -16.57
C VAL A 154 -17.71 15.23 -16.00
N ALA A 155 -16.59 15.11 -15.29
CA ALA A 155 -16.20 13.82 -14.70
C ALA A 155 -17.29 13.28 -13.77
N HIS A 156 -17.76 14.12 -12.87
CA HIS A 156 -18.79 13.69 -11.93
C HIS A 156 -20.06 13.29 -12.60
N LEU A 157 -20.56 14.13 -13.49
CA LEU A 157 -21.79 13.83 -14.18
C LEU A 157 -21.69 12.55 -14.99
N ALA A 158 -20.57 12.42 -15.68
CA ALA A 158 -20.32 11.27 -16.53
C ALA A 158 -20.10 10.00 -15.70
N ALA A 159 -19.51 10.16 -14.52
CA ALA A 159 -19.27 8.99 -13.69
C ALA A 159 -20.62 8.49 -13.23
N ILE A 160 -21.50 9.40 -12.85
CA ILE A 160 -22.82 9.00 -12.41
C ILE A 160 -23.61 8.29 -13.50
N GLU A 161 -23.63 8.84 -14.71
CA GLU A 161 -24.40 8.19 -15.77
C GLU A 161 -23.77 6.95 -16.35
N SER A 162 -22.45 6.97 -16.48
CA SER A 162 -21.78 5.82 -17.07
C SER A 162 -21.52 4.63 -16.14
N ASN A 163 -21.36 4.88 -14.85
CA ASN A 163 -21.05 3.84 -13.86
C ASN A 163 -19.60 3.45 -13.94
N VAL A 164 -18.80 4.29 -14.58
CA VAL A 164 -17.38 4.04 -14.70
C VAL A 164 -16.70 5.11 -13.83
N PRO A 165 -15.85 4.70 -12.88
CA PRO A 165 -15.22 5.75 -12.05
C PRO A 165 -14.31 6.62 -12.90
N PHE A 166 -14.17 7.88 -12.50
CA PHE A 166 -13.35 8.82 -13.22
C PHE A 166 -12.21 9.40 -12.42
N MET A 167 -11.09 9.63 -13.10
CA MET A 167 -9.97 10.30 -12.51
C MET A 167 -9.82 11.61 -13.28
N HIS A 168 -10.14 12.71 -12.63
CA HIS A 168 -10.00 14.01 -13.23
C HIS A 168 -8.62 14.49 -12.79
N PHE A 169 -7.76 14.86 -13.72
CA PHE A 169 -6.44 15.32 -13.32
C PHE A 169 -5.99 16.61 -13.99
N PHE A 170 -5.10 17.32 -13.30
CA PHE A 170 -4.51 18.57 -13.76
C PHE A 170 -3.10 18.67 -13.17
N ASP A 171 -2.22 19.39 -13.86
CA ASP A 171 -0.83 19.49 -13.43
C ASP A 171 -0.54 20.11 -12.08
N GLY A 172 0.24 19.38 -11.28
CA GLY A 172 0.62 19.81 -9.95
C GLY A 172 1.33 21.14 -10.02
N PHE A 173 0.90 22.05 -9.15
CA PHE A 173 1.44 23.40 -9.09
C PHE A 173 1.17 24.22 -10.35
N ARG A 174 1.72 23.79 -11.49
CA ARG A 174 1.56 24.53 -12.74
C ARG A 174 0.10 24.89 -13.03
N THR A 175 -0.82 24.01 -12.64
CA THR A 175 -2.24 24.30 -12.80
C THR A 175 -2.94 24.36 -11.43
N SER A 176 -2.54 23.50 -10.49
CA SER A 176 -3.17 23.45 -9.18
C SER A 176 -2.95 24.69 -8.33
N HIS A 177 -1.77 25.30 -8.40
CA HIS A 177 -1.48 26.50 -7.61
C HIS A 177 -1.37 27.79 -8.43
N GLU A 178 -1.84 27.75 -9.67
CA GLU A 178 -1.80 28.95 -10.49
C GLU A 178 -3.13 29.65 -10.27
N ILE A 179 -3.10 30.97 -10.13
CA ILE A 179 -4.33 31.72 -9.93
C ILE A 179 -4.77 32.32 -11.24
N GLN A 180 -6.07 32.29 -11.51
CA GLN A 180 -6.63 32.85 -12.73
C GLN A 180 -8.03 33.36 -12.46
N LYS A 181 -8.44 34.35 -13.23
CA LYS A 181 -9.80 34.87 -13.08
C LYS A 181 -10.58 33.91 -13.98
N ILE A 182 -11.55 33.23 -13.40
CA ILE A 182 -12.36 32.26 -14.14
C ILE A 182 -13.83 32.42 -13.81
N GLU A 183 -14.65 31.58 -14.44
CA GLU A 183 -16.08 31.58 -14.22
C GLU A 183 -16.49 30.21 -13.66
N VAL A 184 -17.32 30.21 -12.62
CA VAL A 184 -17.78 28.97 -12.01
C VAL A 184 -19.30 28.88 -11.96
N LEU A 185 -19.85 27.68 -12.09
CA LEU A 185 -21.30 27.49 -12.08
C LEU A 185 -21.85 27.40 -10.67
N ASP A 186 -23.13 27.73 -10.52
CA ASP A 186 -23.82 27.63 -9.22
C ASP A 186 -24.03 26.16 -9.01
N TYR A 187 -24.23 25.74 -7.78
CA TYR A 187 -24.47 24.34 -7.51
C TYR A 187 -25.78 23.86 -8.13
N ALA A 188 -26.76 24.76 -8.18
CA ALA A 188 -28.07 24.46 -8.75
C ALA A 188 -27.98 24.06 -10.22
N ASP A 189 -27.10 24.72 -10.96
CA ASP A 189 -26.92 24.41 -12.38
C ASP A 189 -26.28 23.02 -12.52
N MET A 190 -25.38 22.70 -11.61
CA MET A 190 -24.73 21.40 -11.66
C MET A 190 -25.81 20.37 -11.41
N ALA A 191 -26.59 20.59 -10.36
CA ALA A 191 -27.66 19.69 -9.99
C ALA A 191 -28.62 19.45 -11.15
N SER A 192 -28.95 20.49 -11.90
CA SER A 192 -29.90 20.35 -13.00
C SER A 192 -29.40 19.44 -14.10
N LEU A 193 -28.08 19.29 -14.23
CA LEU A 193 -27.49 18.43 -15.26
C LEU A 193 -27.41 16.94 -14.86
N VAL A 194 -27.60 16.65 -13.58
CA VAL A 194 -27.52 15.27 -13.10
C VAL A 194 -28.62 14.38 -13.67
N ASN A 195 -28.22 13.20 -14.13
CA ASN A 195 -29.17 12.23 -14.67
C ASN A 195 -29.86 11.57 -13.47
N GLN A 196 -31.12 11.93 -13.23
CA GLN A 196 -31.86 11.41 -12.08
C GLN A 196 -32.15 9.90 -12.11
N LYS A 197 -32.45 9.37 -13.29
CA LYS A 197 -32.72 7.96 -13.41
C LYS A 197 -31.47 7.18 -13.05
N ALA A 198 -30.32 7.64 -13.50
CA ALA A 198 -29.06 6.97 -13.20
C ALA A 198 -28.77 7.01 -11.71
N LEU A 199 -29.01 8.17 -11.10
CA LEU A 199 -28.76 8.31 -9.69
C LEU A 199 -29.60 7.34 -8.88
N ALA A 200 -30.85 7.15 -9.30
CA ALA A 200 -31.74 6.26 -8.59
C ALA A 200 -31.30 4.82 -8.78
N GLU A 201 -30.78 4.52 -9.97
CA GLU A 201 -30.31 3.16 -10.25
C GLU A 201 -29.10 2.83 -9.38
N PHE A 202 -28.25 3.84 -9.17
CA PHE A 202 -27.05 3.68 -8.35
C PHE A 202 -27.49 3.31 -6.94
N ARG A 203 -28.42 4.10 -6.40
CA ARG A 203 -28.98 3.88 -5.06
C ARG A 203 -29.54 2.48 -4.91
N ALA A 204 -30.36 2.06 -5.88
CA ALA A 204 -31.02 0.75 -5.85
C ALA A 204 -30.11 -0.46 -6.01
N LYS A 205 -28.99 -0.34 -6.72
CA LYS A 205 -28.12 -1.50 -6.90
C LYS A 205 -27.09 -1.62 -5.79
N SER A 206 -27.00 -0.60 -4.94
CA SER A 206 -26.01 -0.60 -3.86
C SER A 206 -26.24 -1.59 -2.72
N MET A 207 -25.19 -1.80 -1.94
CA MET A 207 -25.24 -2.70 -0.80
C MET A 207 -26.32 -2.29 0.18
N ASN A 208 -27.14 -3.25 0.59
CA ASN A 208 -28.20 -2.99 1.57
C ASN A 208 -28.81 -4.31 1.99
N PRO A 209 -28.88 -4.58 3.31
CA PRO A 209 -29.45 -5.83 3.82
C PRO A 209 -30.93 -6.03 3.54
N GLU A 210 -31.59 -5.00 3.06
CA GLU A 210 -33.01 -5.08 2.76
C GLU A 210 -33.18 -5.78 1.40
N HIS A 211 -32.13 -5.75 0.59
CA HIS A 211 -32.11 -6.42 -0.73
C HIS A 211 -30.63 -6.68 -1.01
N PRO A 212 -30.05 -7.62 -0.24
CA PRO A 212 -28.63 -7.99 -0.35
C PRO A 212 -28.18 -8.73 -1.60
N HIS A 213 -26.88 -8.68 -1.82
CA HIS A 213 -26.28 -9.39 -2.93
C HIS A 213 -24.86 -9.65 -2.44
N VAL A 214 -24.10 -10.46 -3.17
CA VAL A 214 -22.72 -10.72 -2.78
C VAL A 214 -21.82 -10.08 -3.79
N ARG A 215 -20.81 -9.36 -3.31
CA ARG A 215 -19.84 -8.72 -4.20
C ARG A 215 -18.41 -9.07 -3.76
N GLY A 216 -17.50 -9.16 -4.73
CA GLY A 216 -16.14 -9.52 -4.39
C GLY A 216 -16.04 -11.02 -4.21
N THR A 217 -16.52 -11.76 -5.19
CA THR A 217 -16.43 -13.20 -5.08
C THR A 217 -15.03 -13.58 -5.55
N ALA A 218 -14.68 -14.83 -5.32
CA ALA A 218 -13.42 -15.38 -5.75
C ALA A 218 -13.83 -16.30 -6.92
N GLN A 219 -13.22 -16.14 -8.09
CA GLN A 219 -13.60 -16.95 -9.25
C GLN A 219 -12.52 -17.86 -9.80
N ASN A 220 -12.91 -19.03 -10.32
CA ASN A 220 -11.96 -19.99 -10.91
C ASN A 220 -11.78 -19.76 -12.41
N PRO A 221 -10.91 -20.54 -13.05
CA PRO A 221 -10.73 -20.31 -14.49
C PRO A 221 -11.98 -20.48 -15.39
N ASP A 222 -12.93 -21.28 -14.95
CA ASP A 222 -14.12 -21.50 -15.75
C ASP A 222 -14.91 -20.23 -16.07
N ILE A 223 -14.90 -19.23 -15.19
CA ILE A 223 -15.68 -18.03 -15.45
C ILE A 223 -15.04 -16.66 -15.26
N TYR A 224 -13.84 -16.60 -14.70
CA TYR A 224 -13.21 -15.30 -14.46
C TYR A 224 -13.12 -14.42 -15.73
N PHE A 225 -12.56 -14.96 -16.80
CA PHE A 225 -12.37 -14.24 -18.08
C PHE A 225 -13.71 -13.67 -18.58
N GLN A 226 -14.78 -14.47 -18.57
CA GLN A 226 -16.08 -13.95 -19.01
C GLN A 226 -16.52 -12.79 -18.10
N GLY A 227 -16.41 -12.99 -16.80
CA GLY A 227 -16.80 -11.96 -15.87
C GLY A 227 -16.02 -10.67 -16.05
N ARG A 228 -14.77 -10.77 -16.47
CA ARG A 228 -13.92 -9.59 -16.67
C ARG A 228 -14.33 -8.80 -17.90
N GLU A 229 -14.87 -9.49 -18.90
CA GLU A 229 -15.29 -8.85 -20.14
C GLU A 229 -16.72 -8.34 -20.15
N ALA A 230 -17.49 -8.69 -19.12
CA ALA A 230 -18.88 -8.29 -19.05
C ALA A 230 -19.11 -6.79 -18.90
N ALA A 231 -18.08 -6.04 -18.54
CA ALA A 231 -18.28 -4.60 -18.39
C ALA A 231 -18.06 -3.83 -19.70
N ASN A 232 -17.57 -4.52 -20.74
CA ASN A 232 -17.33 -3.88 -22.05
C ASN A 232 -18.39 -2.86 -22.50
N PRO A 233 -19.67 -3.25 -22.47
CA PRO A 233 -20.71 -2.31 -22.90
C PRO A 233 -20.55 -0.95 -22.25
N TYR A 234 -20.21 -0.94 -20.96
CA TYR A 234 -20.06 0.30 -20.23
C TYR A 234 -18.91 1.15 -20.72
N TYR A 235 -17.78 0.51 -21.03
CA TYR A 235 -16.64 1.29 -21.49
C TYR A 235 -16.83 1.80 -22.90
N LEU A 236 -17.63 1.11 -23.70
CA LEU A 236 -17.92 1.55 -25.06
C LEU A 236 -18.73 2.86 -25.03
N LYS A 237 -19.67 2.95 -24.09
CA LYS A 237 -20.54 4.10 -23.98
C LYS A 237 -19.97 5.31 -23.24
N VAL A 238 -19.01 5.12 -22.35
CA VAL A 238 -18.53 6.27 -21.61
C VAL A 238 -18.07 7.44 -22.47
N PRO A 239 -17.39 7.17 -23.59
CA PRO A 239 -16.93 8.27 -24.45
C PRO A 239 -18.07 9.18 -24.92
N GLY A 240 -19.14 8.59 -25.43
CA GLY A 240 -20.27 9.39 -25.89
C GLY A 240 -20.91 10.16 -24.74
N ILE A 241 -20.86 9.57 -23.55
CA ILE A 241 -21.43 10.21 -22.38
C ILE A 241 -20.60 11.43 -21.99
N VAL A 242 -19.27 11.30 -22.08
CA VAL A 242 -18.40 12.41 -21.76
C VAL A 242 -18.65 13.54 -22.76
N ALA A 243 -18.77 13.20 -24.04
CA ALA A 243 -19.01 14.23 -25.05
C ALA A 243 -20.36 14.91 -24.78
N GLU A 244 -21.38 14.09 -24.48
CA GLU A 244 -22.73 14.61 -24.19
C GLU A 244 -22.69 15.63 -23.03
N TYR A 245 -21.98 15.29 -21.95
CA TYR A 245 -21.91 16.21 -20.82
C TYR A 245 -20.99 17.39 -21.10
N MET A 246 -20.03 17.22 -21.99
CA MET A 246 -19.17 18.36 -22.36
C MET A 246 -20.09 19.31 -23.10
N GLN A 247 -21.02 18.74 -23.86
CA GLN A 247 -21.97 19.53 -24.61
C GLN A 247 -23.01 20.21 -23.72
N LYS A 248 -23.61 19.45 -22.80
CA LYS A 248 -24.60 20.04 -21.91
C LYS A 248 -23.97 21.18 -21.10
N VAL A 249 -22.80 20.93 -20.52
CA VAL A 249 -22.14 21.96 -19.75
C VAL A 249 -21.82 23.19 -20.60
N ALA A 250 -21.53 22.98 -21.88
CA ALA A 250 -21.22 24.09 -22.78
C ALA A 250 -22.44 24.98 -23.01
N SER A 251 -23.62 24.39 -23.03
CA SER A 251 -24.83 25.17 -23.24
C SER A 251 -25.07 26.08 -22.05
N LEU A 252 -24.44 25.78 -20.92
CA LEU A 252 -24.59 26.60 -19.72
C LEU A 252 -23.43 27.59 -19.53
N THR A 253 -22.26 27.24 -20.05
CA THR A 253 -21.09 28.11 -19.87
C THR A 253 -20.57 28.79 -21.12
N GLY A 254 -20.85 28.21 -22.29
CA GLY A 254 -20.33 28.79 -23.52
C GLY A 254 -18.94 28.29 -23.87
N ARG A 255 -18.39 27.40 -23.05
CA ARG A 255 -17.08 26.83 -23.32
C ARG A 255 -17.24 25.39 -23.79
N SER A 256 -16.95 25.15 -25.07
CA SER A 256 -17.08 23.80 -25.66
C SER A 256 -15.82 22.98 -25.60
N TYR A 257 -15.98 21.65 -25.50
CA TYR A 257 -14.85 20.73 -25.48
C TYR A 257 -15.20 19.46 -26.24
N LYS A 258 -14.16 18.78 -26.70
CA LYS A 258 -14.31 17.50 -27.38
C LYS A 258 -13.31 16.56 -26.70
N LEU A 259 -13.42 15.25 -26.94
CA LEU A 259 -12.49 14.30 -26.34
C LEU A 259 -11.06 14.68 -26.75
N PHE A 260 -10.92 15.19 -27.97
CA PHE A 260 -9.66 15.67 -28.53
C PHE A 260 -9.98 17.00 -29.24
N ASP A 261 -9.24 18.06 -28.93
CA ASP A 261 -9.49 19.34 -29.57
C ASP A 261 -8.29 19.82 -30.37
N TYR A 262 -8.57 20.45 -31.50
CA TYR A 262 -7.53 20.96 -32.36
C TYR A 262 -7.50 22.49 -32.47
N VAL A 263 -6.31 23.06 -32.40
CA VAL A 263 -6.10 24.50 -32.54
C VAL A 263 -4.93 24.68 -33.50
N GLY A 264 -4.97 25.74 -34.28
CA GLY A 264 -3.89 26.00 -35.23
C GLY A 264 -4.35 26.00 -36.68
N ALA A 265 -3.39 26.09 -37.60
CA ALA A 265 -3.68 26.11 -39.03
C ALA A 265 -4.41 24.84 -39.41
N PRO A 266 -5.52 24.97 -40.16
CA PRO A 266 -6.29 23.79 -40.57
C PRO A 266 -5.49 22.95 -41.55
N ASP A 267 -4.49 23.58 -42.17
CA ASP A 267 -3.61 22.95 -43.15
C ASP A 267 -2.20 22.76 -42.59
N ALA A 268 -2.11 22.66 -41.26
CA ALA A 268 -0.83 22.49 -40.59
C ALA A 268 -0.15 21.23 -41.10
N GLU A 269 1.17 21.27 -41.22
CA GLU A 269 1.91 20.10 -41.70
C GLU A 269 2.67 19.44 -40.56
N ARG A 270 2.92 20.22 -39.50
CA ARG A 270 3.64 19.77 -38.30
C ARG A 270 2.72 19.96 -37.10
N VAL A 271 2.33 18.86 -36.47
CA VAL A 271 1.42 18.90 -35.34
C VAL A 271 1.95 18.30 -34.05
N ILE A 272 1.50 18.85 -32.94
CA ILE A 272 1.87 18.37 -31.62
C ILE A 272 0.62 17.81 -30.94
N VAL A 273 0.77 16.69 -30.24
CA VAL A 273 -0.30 16.07 -29.46
C VAL A 273 0.22 16.18 -28.02
N SER A 274 -0.52 16.86 -27.16
CA SER A 274 -0.10 17.02 -25.78
C SER A 274 -1.28 16.95 -24.82
N MET A 275 -0.98 16.96 -23.52
CA MET A 275 -1.98 16.84 -22.47
C MET A 275 -1.58 17.64 -21.22
N GLY A 276 -2.54 18.32 -20.62
CA GLY A 276 -2.22 19.11 -19.45
C GLY A 276 -1.91 20.55 -19.78
N SER A 277 -1.48 21.28 -18.75
CA SER A 277 -1.15 22.69 -18.84
C SER A 277 -0.21 23.05 -19.99
N SER A 278 0.52 22.07 -20.53
CA SER A 278 1.43 22.37 -21.65
C SER A 278 0.63 22.85 -22.86
N CYS A 279 -0.59 22.34 -23.01
CA CYS A 279 -1.43 22.75 -24.13
C CYS A 279 -1.67 24.27 -24.23
N GLU A 280 -1.77 24.93 -23.08
CA GLU A 280 -2.00 26.38 -23.03
C GLU A 280 -0.83 27.16 -23.62
N THR A 281 0.38 26.80 -23.20
CA THR A 281 1.57 27.47 -23.69
C THR A 281 1.79 27.12 -25.16
N ILE A 282 1.49 25.88 -25.54
CA ILE A 282 1.67 25.49 -26.93
C ILE A 282 0.73 26.32 -27.81
N GLU A 283 -0.52 26.44 -27.39
CA GLU A 283 -1.46 27.21 -28.20
C GLU A 283 -1.04 28.65 -28.36
N GLU A 284 -0.50 29.24 -27.31
CA GLU A 284 -0.06 30.63 -27.35
C GLU A 284 1.03 30.80 -28.39
N VAL A 285 1.90 29.79 -28.48
CA VAL A 285 2.98 29.86 -29.43
C VAL A 285 2.48 29.68 -30.85
N ILE A 286 1.48 28.83 -31.01
CA ILE A 286 0.88 28.58 -32.32
C ILE A 286 0.27 29.89 -32.84
N ASN A 287 -0.42 30.63 -31.98
CA ASN A 287 -1.03 31.88 -32.38
C ASN A 287 0.02 32.81 -32.93
N HIS A 288 1.11 32.92 -32.20
CA HIS A 288 2.22 33.79 -32.59
C HIS A 288 2.85 33.34 -33.92
N LEU A 289 3.23 32.07 -34.01
CA LEU A 289 3.88 31.54 -35.20
C LEU A 289 2.97 31.37 -36.42
N ALA A 290 1.73 30.98 -36.20
CA ALA A 290 0.80 30.80 -37.31
C ALA A 290 0.57 32.17 -37.95
N ALA A 291 0.58 33.23 -37.13
CA ALA A 291 0.36 34.57 -37.65
C ALA A 291 1.52 34.97 -38.57
N LYS A 292 2.59 34.18 -38.56
CA LYS A 292 3.72 34.46 -39.43
C LYS A 292 3.72 33.49 -40.59
N GLY A 293 2.63 32.74 -40.75
CA GLY A 293 2.56 31.79 -41.85
C GLY A 293 2.95 30.35 -41.57
N GLU A 294 3.46 30.07 -40.36
CA GLU A 294 3.85 28.70 -40.03
C GLU A 294 2.63 27.78 -40.00
N LYS A 295 2.74 26.62 -40.66
CA LYS A 295 1.63 25.66 -40.72
C LYS A 295 1.70 24.65 -39.58
N ILE A 296 1.46 25.12 -38.36
CA ILE A 296 1.54 24.26 -37.20
C ILE A 296 0.23 24.19 -36.43
N GLY A 297 0.08 23.13 -35.65
CA GLY A 297 -1.13 22.96 -34.88
C GLY A 297 -0.90 22.09 -33.67
N LEU A 298 -1.96 21.99 -32.87
CA LEU A 298 -1.98 21.22 -31.64
C LEU A 298 -3.26 20.46 -31.36
N ILE A 299 -3.12 19.19 -30.98
CA ILE A 299 -4.27 18.38 -30.61
C ILE A 299 -4.20 18.23 -29.09
N LYS A 300 -5.15 18.84 -28.40
CA LYS A 300 -5.24 18.77 -26.94
C LYS A 300 -5.99 17.50 -26.51
N VAL A 301 -5.37 16.67 -25.69
CA VAL A 301 -6.04 15.45 -25.23
C VAL A 301 -6.88 15.75 -23.98
N ARG A 302 -8.19 15.53 -24.08
CA ARG A 302 -9.09 15.71 -22.95
C ARG A 302 -9.34 14.37 -22.28
N LEU A 303 -10.04 13.49 -22.98
CA LEU A 303 -10.31 12.16 -22.46
C LEU A 303 -9.18 11.19 -22.87
N TYR A 304 -8.29 10.86 -21.93
CA TYR A 304 -7.17 9.97 -22.19
C TYR A 304 -7.53 8.48 -22.10
N ARG A 305 -8.55 8.17 -21.29
CA ARG A 305 -9.05 6.81 -21.12
C ARG A 305 -10.56 6.84 -20.89
N PRO A 306 -11.33 6.12 -21.73
CA PRO A 306 -10.88 5.31 -22.87
C PRO A 306 -10.32 6.17 -24.01
N PHE A 307 -9.36 5.62 -24.74
CA PHE A 307 -8.73 6.32 -25.87
C PHE A 307 -9.56 6.02 -27.12
N VAL A 308 -10.26 7.03 -27.62
CA VAL A 308 -11.11 6.82 -28.78
C VAL A 308 -10.38 7.33 -30.00
N SER A 309 -9.80 6.41 -30.75
CA SER A 309 -9.04 6.77 -31.94
C SER A 309 -9.82 7.59 -32.96
N GLU A 310 -11.13 7.35 -33.04
CA GLU A 310 -11.97 8.08 -33.98
C GLU A 310 -12.03 9.59 -33.66
N ALA A 311 -12.08 9.93 -32.37
CA ALA A 311 -12.12 11.32 -31.97
C ALA A 311 -10.74 11.90 -32.15
N PHE A 312 -9.72 11.05 -32.06
CA PHE A 312 -8.37 11.55 -32.24
C PHE A 312 -8.26 12.01 -33.69
N PHE A 313 -8.66 11.14 -34.60
CA PHE A 313 -8.58 11.48 -36.02
C PHE A 313 -9.47 12.64 -36.41
N ALA A 314 -10.62 12.79 -35.74
CA ALA A 314 -11.51 13.90 -36.05
C ALA A 314 -10.78 15.23 -35.79
N ALA A 315 -9.78 15.20 -34.92
CA ALA A 315 -9.00 16.40 -34.60
C ALA A 315 -7.68 16.50 -35.37
N LEU A 316 -7.41 15.56 -36.26
CA LEU A 316 -6.15 15.57 -36.99
C LEU A 316 -6.30 16.04 -38.42
N PRO A 317 -5.58 17.12 -38.78
CA PRO A 317 -5.65 17.66 -40.17
C PRO A 317 -4.99 16.63 -41.11
N ALA A 318 -5.63 16.34 -42.24
CA ALA A 318 -5.06 15.39 -43.20
C ALA A 318 -3.75 15.91 -43.78
N SER A 319 -3.53 17.21 -43.65
CA SER A 319 -2.33 17.84 -44.16
C SER A 319 -1.10 17.58 -43.29
N ALA A 320 -1.31 17.14 -42.05
CA ALA A 320 -0.18 16.89 -41.15
C ALA A 320 0.76 15.84 -41.70
N LYS A 321 2.04 16.15 -41.79
CA LYS A 321 3.00 15.18 -42.31
C LYS A 321 3.93 14.68 -41.20
N VAL A 322 4.06 15.48 -40.16
CA VAL A 322 4.89 15.13 -39.03
C VAL A 322 4.09 15.40 -37.77
N ILE A 323 4.09 14.44 -36.86
CA ILE A 323 3.37 14.59 -35.61
C ILE A 323 4.28 14.24 -34.45
N THR A 324 4.35 15.15 -33.47
CA THR A 324 5.16 14.92 -32.27
C THR A 324 4.24 14.75 -31.08
N VAL A 325 4.36 13.62 -30.40
CA VAL A 325 3.53 13.36 -29.21
C VAL A 325 4.36 13.68 -27.97
N LEU A 326 3.87 14.57 -27.13
CA LEU A 326 4.56 14.96 -25.91
C LEU A 326 4.07 14.20 -24.67
N ASP A 327 4.96 13.50 -23.98
CA ASP A 327 4.59 12.78 -22.76
C ASP A 327 5.26 13.44 -21.55
N ARG A 328 4.50 13.67 -20.49
CA ARG A 328 5.07 14.31 -19.31
C ARG A 328 5.46 13.25 -18.27
N THR A 329 6.21 12.25 -18.72
CA THR A 329 6.63 11.16 -17.84
C THR A 329 7.81 10.39 -18.43
N LYS A 330 8.33 9.46 -17.64
CA LYS A 330 9.42 8.62 -18.10
C LYS A 330 9.24 7.18 -17.65
N GLU A 331 9.11 6.27 -18.61
CA GLU A 331 8.98 4.85 -18.29
C GLU A 331 10.24 4.19 -18.80
N PRO A 332 11.25 4.09 -17.94
CA PRO A 332 12.54 3.47 -18.30
C PRO A 332 12.38 2.12 -18.97
N GLY A 333 13.02 1.97 -20.12
CA GLY A 333 12.94 0.69 -20.82
C GLY A 333 11.78 0.49 -21.75
N ALA A 334 10.72 1.29 -21.64
CA ALA A 334 9.59 1.13 -22.55
C ALA A 334 10.01 1.66 -23.92
N PRO A 335 9.41 1.13 -24.99
CA PRO A 335 9.78 1.58 -26.33
C PRO A 335 9.26 3.00 -26.59
N GLY A 336 8.51 3.51 -25.63
CA GLY A 336 7.97 4.85 -25.78
C GLY A 336 7.00 5.10 -24.66
N ASP A 337 6.74 6.38 -24.36
CA ASP A 337 5.84 6.72 -23.31
C ASP A 337 4.38 6.50 -23.72
N PRO A 338 3.46 6.34 -22.75
CA PRO A 338 2.03 6.08 -22.94
C PRO A 338 1.27 6.78 -24.06
N LEU A 339 1.19 8.11 -24.03
CA LEU A 339 0.46 8.84 -25.06
C LEU A 339 1.05 8.53 -26.45
N TYR A 340 2.38 8.51 -26.52
CA TYR A 340 3.04 8.22 -27.77
C TYR A 340 2.60 6.85 -28.29
N LEU A 341 2.64 5.83 -27.44
CA LEU A 341 2.22 4.49 -27.84
C LEU A 341 0.74 4.45 -28.24
N ASP A 342 -0.10 5.21 -27.55
CA ASP A 342 -1.52 5.24 -27.87
C ASP A 342 -1.73 5.84 -29.26
N VAL A 343 -1.04 6.94 -29.55
CA VAL A 343 -1.19 7.54 -30.86
C VAL A 343 -0.69 6.58 -31.94
N CYS A 344 0.47 5.97 -31.71
CA CYS A 344 1.00 5.02 -32.69
C CYS A 344 -0.03 3.94 -33.00
N SER A 345 -0.67 3.42 -31.97
CA SER A 345 -1.67 2.37 -32.18
C SER A 345 -2.75 2.89 -33.09
N ALA A 346 -3.17 4.14 -32.87
CA ALA A 346 -4.22 4.70 -33.71
C ALA A 346 -3.83 4.71 -35.19
N PHE A 347 -2.59 5.06 -35.48
CA PHE A 347 -2.18 5.07 -36.88
C PHE A 347 -2.06 3.67 -37.46
N VAL A 348 -1.48 2.72 -36.73
CA VAL A 348 -1.38 1.40 -37.33
C VAL A 348 -2.75 0.80 -37.59
N GLU A 349 -3.68 0.97 -36.65
CA GLU A 349 -5.00 0.40 -36.82
C GLU A 349 -5.77 1.02 -37.98
N ARG A 350 -5.56 2.32 -38.18
CA ARG A 350 -6.22 3.02 -39.26
C ARG A 350 -5.72 2.45 -40.60
N GLY A 351 -4.47 2.02 -40.59
CA GLY A 351 -3.86 1.41 -41.77
C GLY A 351 -3.88 2.20 -43.07
N GLU A 352 -3.59 3.49 -43.00
CA GLU A 352 -3.56 4.33 -44.19
C GLU A 352 -2.28 5.13 -44.17
N ALA A 353 -2.41 6.44 -44.37
CA ALA A 353 -1.27 7.35 -44.36
C ALA A 353 -0.53 7.21 -43.03
N MET A 354 0.80 7.23 -43.10
CA MET A 354 1.60 7.13 -41.90
C MET A 354 2.52 8.31 -41.79
N PRO A 355 2.06 9.42 -41.20
CA PRO A 355 2.97 10.56 -41.09
C PRO A 355 4.13 10.20 -40.16
N LYS A 356 5.18 11.00 -40.17
CA LYS A 356 6.33 10.75 -39.31
C LYS A 356 5.87 11.07 -37.88
N ILE A 357 6.06 10.12 -36.99
CA ILE A 357 5.66 10.32 -35.63
C ILE A 357 6.88 10.33 -34.74
N LEU A 358 6.97 11.36 -33.92
CA LEU A 358 8.10 11.49 -33.02
C LEU A 358 7.59 11.55 -31.60
N ALA A 359 8.44 11.13 -30.68
CA ALA A 359 8.06 11.13 -29.29
C ALA A 359 8.95 12.12 -28.56
N GLY A 360 8.35 12.90 -27.65
CA GLY A 360 9.10 13.88 -26.89
C GLY A 360 8.70 13.89 -25.41
N ARG A 361 9.69 14.10 -24.55
CA ARG A 361 9.49 14.12 -23.12
C ARG A 361 9.78 15.52 -22.60
N TYR A 362 8.92 15.98 -21.70
CA TYR A 362 9.06 17.31 -21.14
C TYR A 362 8.45 17.41 -19.75
N GLY A 363 8.75 18.52 -19.09
CA GLY A 363 8.19 18.87 -17.80
C GLY A 363 8.24 18.03 -16.55
N LEU A 364 9.15 17.08 -16.48
CA LEU A 364 9.26 16.25 -15.28
C LEU A 364 9.52 17.11 -14.06
N GLY A 365 8.80 16.83 -12.98
CA GLY A 365 8.95 17.57 -11.74
C GLY A 365 8.80 19.07 -11.92
N SER A 366 7.75 19.47 -12.65
CA SER A 366 7.46 20.88 -12.96
C SER A 366 8.57 21.58 -13.72
N LYS A 367 9.39 20.86 -14.46
CA LYS A 367 10.42 21.52 -15.26
C LYS A 367 9.68 22.46 -16.20
N GLU A 368 10.22 23.66 -16.39
CA GLU A 368 9.62 24.64 -17.26
C GLU A 368 9.37 24.11 -18.66
N PHE A 369 8.23 24.49 -19.22
CA PHE A 369 7.92 24.17 -20.60
C PHE A 369 7.50 25.53 -21.15
N SER A 370 8.48 26.25 -21.69
CA SER A 370 8.31 27.59 -22.23
C SER A 370 8.16 27.67 -23.75
N PRO A 371 7.79 28.86 -24.27
CA PRO A 371 7.61 29.08 -25.71
C PRO A 371 8.83 28.67 -26.52
N ALA A 372 10.00 29.00 -26.01
CA ALA A 372 11.25 28.66 -26.68
C ALA A 372 11.28 27.16 -26.87
N MET A 373 10.92 26.43 -25.82
CA MET A 373 10.89 24.96 -25.89
C MET A 373 9.89 24.50 -26.91
N VAL A 374 8.76 25.19 -27.01
CA VAL A 374 7.75 24.79 -27.98
C VAL A 374 8.32 25.01 -29.38
N LYS A 375 9.07 26.08 -29.52
CA LYS A 375 9.70 26.40 -30.79
C LYS A 375 10.65 25.27 -31.12
N SER A 376 11.45 24.83 -30.14
CA SER A 376 12.38 23.71 -30.37
C SER A 376 11.60 22.53 -30.94
N VAL A 377 10.51 22.17 -30.27
CA VAL A 377 9.68 21.06 -30.70
C VAL A 377 9.21 21.22 -32.13
N TYR A 378 8.68 22.39 -32.48
CA TYR A 378 8.22 22.63 -33.86
C TYR A 378 9.37 22.64 -34.86
N ASP A 379 10.49 23.27 -34.49
CA ASP A 379 11.65 23.31 -35.37
C ASP A 379 12.14 21.90 -35.62
N ASN A 380 12.11 21.07 -34.59
CA ASN A 380 12.56 19.71 -34.76
C ASN A 380 11.78 18.98 -35.83
N MET A 381 10.49 19.25 -35.94
CA MET A 381 9.68 18.56 -36.94
C MET A 381 10.01 18.94 -38.38
N SER A 382 10.60 20.12 -38.58
CA SER A 382 10.97 20.55 -39.93
C SER A 382 12.49 20.38 -40.14
N GLY A 383 13.23 20.14 -39.06
CA GLY A 383 14.67 19.98 -39.15
C GLY A 383 15.16 18.55 -38.96
N ALA A 384 15.97 18.34 -37.93
CA ALA A 384 16.53 17.03 -37.62
C ALA A 384 15.51 15.89 -37.39
N LYS A 385 14.35 16.24 -36.82
CA LYS A 385 13.33 15.23 -36.54
C LYS A 385 13.91 14.19 -35.59
N LYS A 386 14.63 14.66 -34.57
CA LYS A 386 15.21 13.75 -33.59
C LYS A 386 14.01 13.06 -32.94
N ASN A 387 14.16 11.79 -32.63
CA ASN A 387 13.06 11.05 -32.02
C ASN A 387 13.42 10.70 -30.58
N HIS A 388 12.39 10.43 -29.76
CA HIS A 388 12.56 10.12 -28.35
C HIS A 388 13.47 11.14 -27.72
N PHE A 389 13.13 12.40 -27.93
CA PHE A 389 13.95 13.47 -27.42
C PHE A 389 13.47 13.98 -26.07
N THR A 390 14.27 14.84 -25.46
CA THR A 390 13.88 15.46 -24.21
C THR A 390 14.02 16.94 -24.49
N VAL A 391 13.22 17.74 -23.81
CA VAL A 391 13.31 19.17 -24.00
C VAL A 391 13.12 19.83 -22.65
N GLY A 392 14.02 20.74 -22.31
CA GLY A 392 13.94 21.41 -21.04
C GLY A 392 15.21 21.17 -20.26
N ILE A 393 16.02 20.22 -20.73
CA ILE A 393 17.30 19.91 -20.07
C ILE A 393 18.39 19.77 -21.12
N GLU A 394 19.63 19.72 -20.66
CA GLU A 394 20.74 19.49 -21.57
C GLU A 394 21.19 18.05 -21.31
N ASP A 395 20.88 17.14 -22.23
CA ASP A 395 21.31 15.76 -22.04
C ASP A 395 22.59 15.54 -22.79
N ASP A 396 23.68 15.93 -22.16
CA ASP A 396 25.01 15.79 -22.73
C ASP A 396 25.55 14.39 -22.42
N VAL A 397 24.70 13.51 -21.93
CA VAL A 397 25.18 12.17 -21.60
C VAL A 397 24.75 11.20 -22.70
N THR A 398 23.48 11.21 -23.06
CA THR A 398 22.98 10.33 -24.10
C THR A 398 22.55 11.12 -25.32
N GLY A 399 22.58 12.45 -25.20
CA GLY A 399 22.22 13.33 -26.31
C GLY A 399 20.81 13.23 -26.84
N THR A 400 19.83 13.12 -25.95
CA THR A 400 18.43 13.03 -26.37
C THR A 400 17.69 14.37 -26.40
N SER A 401 18.34 15.42 -25.91
CA SER A 401 17.70 16.74 -25.83
C SER A 401 17.73 17.67 -27.06
N LEU A 402 16.66 18.44 -27.21
CA LEU A 402 16.56 19.40 -28.28
C LEU A 402 17.22 20.66 -27.79
N PRO A 403 18.06 21.27 -28.62
CA PRO A 403 18.70 22.50 -28.15
C PRO A 403 17.62 23.59 -28.04
N VAL A 404 17.74 24.48 -27.06
CA VAL A 404 16.74 25.52 -26.89
C VAL A 404 17.30 26.93 -26.97
N ASP A 405 16.76 27.69 -27.90
CA ASP A 405 17.18 29.08 -28.15
C ASP A 405 16.35 30.05 -27.31
N ASN A 406 16.93 30.53 -26.22
CA ASN A 406 16.23 31.45 -25.32
C ASN A 406 16.05 32.88 -25.77
N ALA A 407 16.42 33.18 -27.01
CA ALA A 407 16.27 34.51 -27.57
C ALA A 407 14.90 34.57 -28.23
N PHE A 408 14.25 33.41 -28.31
CA PHE A 408 12.92 33.35 -28.90
C PHE A 408 12.12 34.53 -28.37
N ALA A 409 11.33 35.15 -29.24
CA ALA A 409 10.53 36.32 -28.86
C ALA A 409 9.40 36.04 -27.90
N ASP A 410 9.08 37.06 -27.09
CA ASP A 410 7.99 36.94 -26.13
C ASP A 410 6.73 36.71 -26.94
N THR A 411 5.92 35.75 -26.49
CA THR A 411 4.70 35.41 -27.21
C THR A 411 3.40 35.69 -26.47
N THR A 412 3.47 36.39 -25.33
CA THR A 412 2.24 36.70 -24.60
C THR A 412 1.42 37.64 -25.48
N PRO A 413 0.07 37.54 -25.44
CA PRO A 413 -0.80 38.40 -26.26
C PRO A 413 -0.46 39.87 -26.16
N LYS A 414 -0.86 40.62 -27.19
CA LYS A 414 -0.60 42.05 -27.24
C LYS A 414 -1.32 42.76 -26.09
N GLY A 415 -0.54 43.45 -25.26
CA GLY A 415 -1.12 44.16 -24.14
C GLY A 415 -1.02 43.45 -22.79
N THR A 416 -0.12 42.49 -22.67
CA THR A 416 0.01 41.77 -21.41
C THR A 416 1.11 42.36 -20.54
N ILE A 417 0.77 42.70 -19.30
CA ILE A 417 1.77 43.25 -18.40
C ILE A 417 2.29 42.11 -17.51
N GLN A 418 3.61 41.90 -17.52
CA GLN A 418 4.21 40.84 -16.74
C GLN A 418 5.04 41.37 -15.59
N CYS A 419 4.77 40.83 -14.39
CA CYS A 419 5.45 41.26 -13.19
C CYS A 419 6.18 40.15 -12.43
N GLN A 420 7.27 40.53 -11.77
CA GLN A 420 8.05 39.63 -10.95
C GLN A 420 8.36 40.34 -9.64
N PHE A 421 8.18 39.61 -8.53
CA PHE A 421 8.45 40.17 -7.22
C PHE A 421 9.35 39.22 -6.44
N TRP A 422 10.48 39.75 -5.98
CA TRP A 422 11.46 38.99 -5.21
C TRP A 422 11.26 39.33 -3.75
N GLY A 423 10.68 38.40 -2.99
CA GLY A 423 10.46 38.66 -1.58
C GLY A 423 11.23 37.74 -0.66
N LEU A 424 11.14 38.01 0.63
CA LEU A 424 11.77 37.23 1.68
C LEU A 424 10.64 36.58 2.46
N GLY A 425 10.78 35.30 2.77
CA GLY A 425 9.71 34.61 3.48
C GLY A 425 9.14 35.37 4.66
N ALA A 426 7.82 35.49 4.70
CA ALA A 426 7.14 36.18 5.79
C ALA A 426 7.18 37.72 5.76
N ASP A 427 7.49 38.30 4.60
CA ASP A 427 7.50 39.74 4.48
C ASP A 427 6.19 40.20 3.83
N GLY A 428 5.27 39.25 3.66
CA GLY A 428 3.96 39.54 3.10
C GLY A 428 3.83 39.86 1.62
N THR A 429 4.89 39.65 0.85
CA THR A 429 4.87 39.90 -0.58
C THR A 429 3.82 39.07 -1.32
N VAL A 430 3.83 37.76 -1.07
CA VAL A 430 2.90 36.86 -1.72
C VAL A 430 1.47 37.21 -1.39
N GLY A 431 1.20 37.45 -0.11
CA GLY A 431 -0.15 37.82 0.30
C GLY A 431 -0.56 39.12 -0.35
N ALA A 432 0.39 40.03 -0.53
CA ALA A 432 0.09 41.30 -1.16
C ALA A 432 -0.20 41.07 -2.64
N ASN A 433 0.58 40.17 -3.26
CA ASN A 433 0.40 39.86 -4.67
C ASN A 433 -0.95 39.23 -4.94
N LYS A 434 -1.40 38.37 -4.02
CA LYS A 434 -2.69 37.73 -4.16
C LYS A 434 -3.82 38.74 -4.02
N GLN A 435 -3.64 39.71 -3.10
CA GLN A 435 -4.65 40.75 -2.90
C GLN A 435 -4.79 41.60 -4.17
N ALA A 436 -3.65 41.97 -4.75
CA ALA A 436 -3.64 42.76 -5.95
C ALA A 436 -4.34 41.99 -7.07
N ILE A 437 -4.24 40.67 -7.05
CA ILE A 437 -4.90 39.88 -8.08
C ILE A 437 -6.41 39.90 -7.90
N LYS A 438 -6.87 39.81 -6.66
CA LYS A 438 -8.30 39.85 -6.38
C LYS A 438 -8.79 41.26 -6.70
N ILE A 439 -8.15 42.26 -6.09
CA ILE A 439 -8.49 43.65 -6.30
C ILE A 439 -8.60 44.02 -7.77
N ILE A 440 -7.57 43.69 -8.54
CA ILE A 440 -7.57 44.00 -9.98
C ILE A 440 -8.61 43.22 -10.76
N GLY A 441 -8.71 41.92 -10.48
CA GLY A 441 -9.67 41.09 -11.19
C GLY A 441 -11.11 41.49 -10.92
N ASP A 442 -11.42 41.82 -9.67
CA ASP A 442 -12.77 42.21 -9.29
C ASP A 442 -13.16 43.60 -9.81
N ASN A 443 -12.18 44.46 -10.04
CA ASN A 443 -12.49 45.81 -10.47
C ASN A 443 -12.14 46.21 -11.90
N THR A 444 -11.87 45.22 -12.75
CA THR A 444 -11.56 45.49 -14.15
C THR A 444 -12.02 44.33 -15.01
N ASP A 445 -11.86 44.47 -16.32
CA ASP A 445 -12.22 43.43 -17.28
C ASP A 445 -10.99 42.64 -17.63
N LEU A 446 -9.89 42.95 -16.95
CA LEU A 446 -8.59 42.31 -17.17
C LEU A 446 -8.52 40.88 -16.65
N PHE A 447 -7.75 40.05 -17.34
CA PHE A 447 -7.55 38.68 -16.92
C PHE A 447 -6.33 38.78 -16.04
N ALA A 448 -6.31 37.99 -14.97
CA ALA A 448 -5.19 38.01 -14.06
C ALA A 448 -4.68 36.60 -13.84
N GLN A 449 -3.36 36.47 -13.71
CA GLN A 449 -2.71 35.20 -13.48
C GLN A 449 -1.56 35.40 -12.49
N GLY A 450 -1.47 34.49 -11.54
CA GLY A 450 -0.42 34.58 -10.55
C GLY A 450 0.13 33.20 -10.27
N TYR A 451 1.44 33.12 -10.09
CA TYR A 451 2.08 31.83 -9.81
C TYR A 451 3.24 32.16 -8.88
N PHE A 452 3.56 31.24 -7.97
CA PHE A 452 4.63 31.53 -7.02
C PHE A 452 5.71 30.46 -6.84
N SER A 453 6.97 30.89 -6.90
CA SER A 453 8.11 30.01 -6.71
C SER A 453 8.56 30.19 -5.29
N TYR A 454 8.65 29.10 -4.55
CA TYR A 454 9.09 29.22 -3.17
C TYR A 454 10.51 28.67 -3.01
N ASP A 455 10.94 28.56 -1.76
CA ASP A 455 12.29 28.10 -1.42
C ASP A 455 12.22 26.81 -0.59
N SER A 456 13.20 25.93 -0.76
CA SER A 456 13.21 24.70 0.03
C SER A 456 13.45 25.10 1.48
N LYS A 457 14.04 26.27 1.68
CA LYS A 457 14.34 26.80 3.02
C LYS A 457 13.03 27.25 3.67
N LYS A 458 12.74 26.69 4.84
CA LYS A 458 11.53 27.02 5.56
C LYS A 458 11.58 28.38 6.23
N SER A 459 12.78 28.88 6.50
CA SER A 459 12.94 30.15 7.19
C SER A 459 13.87 31.12 6.47
N GLY A 460 13.41 32.35 6.29
CA GLY A 460 14.21 33.35 5.61
C GLY A 460 14.46 32.97 4.18
N GLY A 461 13.53 32.19 3.60
CA GLY A 461 13.66 31.74 2.23
C GLY A 461 13.25 32.80 1.23
N ILE A 462 13.68 32.66 -0.03
CA ILE A 462 13.33 33.64 -1.04
C ILE A 462 12.10 33.20 -1.82
N THR A 463 11.26 34.17 -2.14
CA THR A 463 10.04 33.94 -2.90
C THR A 463 10.03 34.76 -4.17
N ILE A 464 9.57 34.16 -5.27
CA ILE A 464 9.49 34.92 -6.50
C ILE A 464 8.10 34.82 -7.10
N SER A 465 7.41 35.96 -7.14
CA SER A 465 6.06 36.01 -7.69
C SER A 465 6.05 36.36 -9.17
N HIS A 466 5.18 35.71 -9.93
CA HIS A 466 5.05 35.97 -11.34
C HIS A 466 3.57 36.29 -11.61
N LEU A 467 3.28 37.55 -11.90
CA LEU A 467 1.89 37.95 -12.19
C LEU A 467 1.73 38.51 -13.61
N ARG A 468 0.57 38.24 -14.20
CA ARG A 468 0.30 38.76 -15.53
C ARG A 468 -1.11 39.30 -15.51
N PHE A 469 -1.30 40.42 -16.19
CA PHE A 469 -2.61 41.06 -16.32
C PHE A 469 -2.75 41.42 -17.78
N GLY A 470 -3.94 41.22 -18.32
CA GLY A 470 -4.15 41.54 -19.71
C GLY A 470 -5.60 41.56 -20.15
N GLU A 471 -5.78 42.06 -21.37
CA GLU A 471 -7.10 42.17 -21.97
C GLU A 471 -7.50 40.87 -22.66
N LYS A 472 -6.51 40.03 -22.97
CA LYS A 472 -6.77 38.75 -23.63
C LYS A 472 -6.52 37.60 -22.65
N PRO A 473 -7.16 36.44 -22.88
CA PRO A 473 -6.97 35.28 -22.00
C PRO A 473 -5.48 35.00 -21.80
N ILE A 474 -5.09 34.63 -20.58
CA ILE A 474 -3.68 34.34 -20.29
C ILE A 474 -3.38 32.85 -20.30
N GLN A 475 -2.73 32.40 -21.35
CA GLN A 475 -2.38 30.98 -21.52
C GLN A 475 -0.92 30.68 -21.19
N SER A 476 -0.24 31.65 -20.58
CA SER A 476 1.16 31.49 -20.25
C SER A 476 1.44 30.57 -19.08
N THR A 477 1.36 29.26 -19.28
CA THR A 477 1.64 28.34 -18.19
C THR A 477 3.16 28.11 -18.06
N TYR A 478 3.87 29.20 -17.81
CA TYR A 478 5.32 29.19 -17.65
C TYR A 478 5.69 30.47 -16.89
N LEU A 479 6.88 30.52 -16.33
CA LEU A 479 7.29 31.69 -15.57
C LEU A 479 7.47 32.92 -16.46
N VAL A 480 7.45 34.10 -15.86
CA VAL A 480 7.63 35.33 -16.60
C VAL A 480 9.13 35.41 -16.86
N ASN A 481 9.55 35.64 -18.11
CA ASN A 481 10.99 35.74 -18.39
C ASN A 481 11.40 37.10 -18.98
N ARG A 482 10.41 37.91 -19.33
CA ARG A 482 10.62 39.25 -19.88
C ARG A 482 9.60 40.14 -19.19
N ALA A 483 9.92 40.55 -17.96
CA ALA A 483 9.01 41.36 -17.17
C ALA A 483 9.03 42.86 -17.46
N ASP A 484 7.85 43.47 -17.34
CA ASP A 484 7.70 44.90 -17.54
C ASP A 484 8.00 45.55 -16.19
N TYR A 485 7.62 44.85 -15.13
CA TYR A 485 7.81 45.35 -13.78
C TYR A 485 8.52 44.32 -12.92
N VAL A 486 9.61 44.72 -12.31
CA VAL A 486 10.35 43.83 -11.44
C VAL A 486 10.55 44.55 -10.13
N ALA A 487 10.15 43.90 -9.04
CA ALA A 487 10.30 44.48 -7.72
C ALA A 487 11.17 43.57 -6.86
N CYS A 488 12.19 44.16 -6.25
CA CYS A 488 13.07 43.41 -5.37
C CYS A 488 12.83 43.91 -3.94
N HIS A 489 12.01 43.20 -3.18
CA HIS A 489 11.65 43.57 -1.83
C HIS A 489 12.69 43.35 -0.74
N ASN A 490 13.81 42.72 -1.08
CA ASN A 490 14.87 42.51 -0.10
C ASN A 490 16.20 42.96 -0.69
N PRO A 491 16.80 44.01 -0.11
CA PRO A 491 18.08 44.55 -0.58
C PRO A 491 19.25 43.56 -0.56
N ALA A 492 19.18 42.54 0.29
CA ALA A 492 20.26 41.56 0.35
C ALA A 492 20.38 40.80 -0.97
N TYR A 493 19.29 40.76 -1.74
CA TYR A 493 19.28 40.05 -3.02
C TYR A 493 20.10 40.74 -4.09
N VAL A 494 20.06 42.06 -4.09
CA VAL A 494 20.79 42.88 -5.06
C VAL A 494 22.16 42.32 -5.44
N GLY A 495 22.98 42.00 -4.45
CA GLY A 495 24.29 41.50 -4.77
C GLY A 495 24.46 40.00 -4.97
N ILE A 496 23.43 39.22 -4.66
CA ILE A 496 23.56 37.77 -4.80
C ILE A 496 22.76 37.05 -5.89
N TYR A 497 21.63 37.62 -6.33
CA TYR A 497 20.80 36.98 -7.36
C TYR A 497 20.65 37.84 -8.61
N ASP A 498 20.45 37.19 -9.75
CA ASP A 498 20.28 37.88 -11.02
C ASP A 498 18.84 38.39 -11.15
N ILE A 499 18.50 39.38 -10.34
CA ILE A 499 17.15 39.95 -10.29
C ILE A 499 16.60 40.66 -11.52
N LEU A 500 17.47 41.29 -12.31
CA LEU A 500 16.99 42.02 -13.48
C LEU A 500 17.03 41.22 -14.77
N GLU A 501 17.24 39.92 -14.65
CA GLU A 501 17.30 39.05 -15.81
C GLU A 501 16.09 39.17 -16.73
N GLY A 502 16.36 39.42 -18.00
CA GLY A 502 15.31 39.53 -18.99
C GLY A 502 14.33 40.70 -18.93
N ILE A 503 14.44 41.56 -17.91
CA ILE A 503 13.53 42.70 -17.82
C ILE A 503 13.60 43.48 -19.13
N LYS A 504 12.44 43.91 -19.63
CA LYS A 504 12.35 44.64 -20.89
C LYS A 504 12.97 46.05 -20.87
N ASP A 505 13.19 46.60 -22.07
CA ASP A 505 13.73 47.93 -22.22
C ASP A 505 12.70 48.92 -21.69
N GLY A 506 13.17 49.93 -20.96
CA GLY A 506 12.25 50.91 -20.42
C GLY A 506 11.38 50.32 -19.32
N GLY A 507 11.76 49.13 -18.88
CA GLY A 507 11.01 48.47 -17.84
C GLY A 507 11.18 49.20 -16.52
N THR A 508 10.32 48.89 -15.57
CA THR A 508 10.34 49.51 -14.26
C THR A 508 10.95 48.59 -13.21
N PHE A 509 11.97 49.09 -12.51
CA PHE A 509 12.62 48.32 -11.46
C PHE A 509 12.50 49.02 -10.12
N VAL A 510 11.79 48.39 -9.19
CA VAL A 510 11.61 48.97 -7.85
C VAL A 510 12.50 48.22 -6.87
N LEU A 511 13.16 48.97 -5.99
CA LEU A 511 14.03 48.35 -5.01
C LEU A 511 13.76 48.89 -3.64
N ASN A 512 13.70 48.00 -2.68
CA ASN A 512 13.49 48.38 -1.30
C ASN A 512 14.89 48.43 -0.68
N SER A 513 15.36 49.62 -0.31
CA SER A 513 16.67 49.77 0.31
C SER A 513 16.81 51.13 0.95
N PRO A 514 17.74 51.26 1.89
CA PRO A 514 17.96 52.53 2.56
C PRO A 514 19.06 53.33 1.85
N TRP A 515 19.37 52.92 0.62
CA TRP A 515 20.39 53.58 -0.17
C TRP A 515 19.83 54.74 -0.98
N SER A 516 19.28 55.72 -0.25
CA SER A 516 18.68 56.91 -0.86
C SER A 516 19.67 57.81 -1.59
N SER A 517 20.84 58.04 -0.99
CA SER A 517 21.87 58.90 -1.59
C SER A 517 22.62 58.24 -2.72
N LEU A 518 22.85 58.99 -3.79
CA LEU A 518 23.56 58.47 -4.94
C LEU A 518 24.88 57.82 -4.55
N GLU A 519 25.48 58.27 -3.43
CA GLU A 519 26.74 57.67 -3.02
C GLU A 519 26.46 56.31 -2.39
N ASP A 520 25.36 56.21 -1.63
CA ASP A 520 25.00 54.95 -1.01
C ASP A 520 24.74 53.92 -2.09
N MET A 521 23.84 54.25 -3.01
CA MET A 521 23.52 53.34 -4.11
C MET A 521 24.81 52.89 -4.80
N ASP A 522 25.61 53.84 -5.26
CA ASP A 522 26.87 53.52 -5.92
C ASP A 522 27.69 52.56 -5.07
N LYS A 523 27.61 52.74 -3.75
CA LYS A 523 28.34 51.93 -2.79
C LYS A 523 27.84 50.48 -2.68
N HIS A 524 26.52 50.29 -2.62
CA HIS A 524 25.99 48.93 -2.47
C HIS A 524 25.58 48.23 -3.76
N LEU A 525 24.92 48.95 -4.65
CA LEU A 525 24.45 48.38 -5.90
C LEU A 525 25.63 47.93 -6.78
N PRO A 526 25.68 46.65 -7.17
CA PRO A 526 26.75 46.11 -8.01
C PRO A 526 26.79 46.72 -9.40
N SER A 527 27.86 46.47 -10.15
CA SER A 527 28.02 47.02 -11.49
C SER A 527 27.06 46.43 -12.53
N GLY A 528 26.98 45.10 -12.57
CA GLY A 528 26.10 44.45 -13.53
C GLY A 528 24.72 45.08 -13.53
N ILE A 529 24.22 45.39 -12.33
CA ILE A 529 22.92 46.02 -12.17
C ILE A 529 22.91 47.41 -12.78
N LYS A 530 23.92 48.20 -12.43
CA LYS A 530 24.05 49.56 -12.93
C LYS A 530 24.09 49.58 -14.45
N ARG A 531 24.93 48.73 -15.04
CA ARG A 531 25.04 48.67 -16.48
C ARG A 531 23.68 48.29 -17.09
N THR A 532 23.00 47.34 -16.45
CA THR A 532 21.70 46.91 -16.93
C THR A 532 20.69 48.04 -16.81
N ILE A 533 20.63 48.69 -15.66
CA ILE A 533 19.70 49.80 -15.48
C ILE A 533 19.97 50.89 -16.52
N ALA A 534 21.24 51.26 -16.65
CA ALA A 534 21.64 52.28 -17.61
C ALA A 534 21.33 51.89 -19.05
N ASN A 535 21.96 50.83 -19.51
CA ASN A 535 21.76 50.37 -20.89
C ASN A 535 20.33 50.09 -21.35
N LYS A 536 19.41 49.87 -20.42
CA LYS A 536 18.03 49.60 -20.82
C LYS A 536 17.11 50.76 -20.48
N LYS A 537 17.70 51.90 -20.14
CA LYS A 537 16.93 53.09 -19.76
C LYS A 537 15.75 52.68 -18.88
N LEU A 538 16.02 51.89 -17.86
CA LEU A 538 14.97 51.43 -16.96
C LEU A 538 14.50 52.51 -16.00
N LYS A 539 13.21 52.53 -15.75
CA LYS A 539 12.64 53.47 -14.80
C LYS A 539 12.98 52.89 -13.44
N PHE A 540 14.12 53.27 -12.89
CA PHE A 540 14.58 52.76 -11.59
C PHE A 540 14.09 53.59 -10.40
N TYR A 541 13.41 52.93 -9.48
CA TYR A 541 12.89 53.59 -8.27
C TYR A 541 13.47 52.93 -7.04
N ASN A 542 13.83 53.72 -6.05
CA ASN A 542 14.33 53.16 -4.80
C ASN A 542 13.39 53.71 -3.75
N ILE A 543 13.17 52.95 -2.68
CA ILE A 543 12.30 53.38 -1.60
C ILE A 543 12.63 52.70 -0.28
N ASP A 544 12.94 53.49 0.73
CA ASP A 544 13.29 52.97 2.03
C ASP A 544 12.01 52.48 2.68
N ALA A 545 11.48 51.37 2.17
CA ALA A 545 10.25 50.80 2.71
C ALA A 545 10.31 50.63 4.23
N VAL A 546 11.49 50.29 4.74
CA VAL A 546 11.64 50.09 6.19
C VAL A 546 11.51 51.38 7.00
N LYS A 547 11.95 52.51 6.44
CA LYS A 547 11.87 53.79 7.15
C LYS A 547 10.45 54.34 7.20
N ILE A 548 9.72 54.17 6.09
CA ILE A 548 8.36 54.65 6.05
C ILE A 548 7.47 53.82 6.97
N ALA A 549 7.60 52.50 6.91
CA ALA A 549 6.80 51.61 7.74
C ALA A 549 7.00 52.00 9.19
N THR A 550 8.25 52.22 9.57
CA THR A 550 8.56 52.61 10.93
C THR A 550 7.93 53.98 11.22
N ASP A 551 8.14 54.94 10.32
CA ASP A 551 7.60 56.30 10.48
C ASP A 551 6.08 56.40 10.63
N VAL A 552 5.33 55.59 9.89
CA VAL A 552 3.87 55.64 10.00
C VAL A 552 3.42 54.76 11.17
N GLY A 553 4.37 54.02 11.74
CA GLY A 553 4.08 53.16 12.88
C GLY A 553 3.93 51.68 12.58
N LEU A 554 3.99 51.30 11.31
CA LEU A 554 3.84 49.91 10.93
C LEU A 554 5.05 49.06 11.34
N GLY A 555 5.91 49.64 12.18
CA GLY A 555 7.09 48.95 12.66
C GLY A 555 7.94 48.19 11.65
N GLY A 556 8.42 48.89 10.62
CA GLY A 556 9.27 48.23 9.63
C GLY A 556 8.63 47.18 8.72
N ARG A 557 7.34 46.92 8.91
CA ARG A 557 6.64 45.94 8.10
C ARG A 557 6.37 46.61 6.74
N ILE A 558 7.07 46.14 5.71
CA ILE A 558 7.00 46.69 4.35
C ILE A 558 5.90 46.30 3.36
N ASN A 559 5.09 45.30 3.67
CA ASN A 559 4.09 44.89 2.69
C ASN A 559 3.26 46.01 2.04
N MET A 560 2.70 46.90 2.84
CA MET A 560 1.87 47.99 2.31
C MET A 560 2.61 48.95 1.36
N ILE A 561 3.86 49.29 1.67
CA ILE A 561 4.62 50.20 0.84
C ILE A 561 4.89 49.59 -0.52
N MET A 562 5.45 48.37 -0.55
CA MET A 562 5.74 47.69 -1.81
C MET A 562 4.45 47.42 -2.59
N GLN A 563 3.35 47.26 -1.87
CA GLN A 563 2.05 47.03 -2.49
C GLN A 563 1.67 48.32 -3.22
N THR A 564 1.85 49.46 -2.54
CA THR A 564 1.54 50.75 -3.13
C THR A 564 2.42 50.96 -4.37
N ALA A 565 3.69 50.59 -4.26
CA ALA A 565 4.62 50.71 -5.37
C ALA A 565 4.05 50.01 -6.60
N PHE A 566 3.55 48.78 -6.39
CA PHE A 566 2.97 48.00 -7.47
C PHE A 566 1.80 48.74 -8.12
N PHE A 567 0.77 49.02 -7.32
CA PHE A 567 -0.42 49.72 -7.80
C PHE A 567 -0.11 51.04 -8.48
N LYS A 568 0.98 51.69 -8.08
CA LYS A 568 1.33 52.98 -8.69
C LYS A 568 2.19 52.87 -9.95
N LEU A 569 3.22 52.03 -9.93
CA LEU A 569 4.12 51.91 -11.08
C LEU A 569 3.95 50.75 -12.05
N ALA A 570 3.26 49.68 -11.67
CA ALA A 570 3.11 48.54 -12.57
C ALA A 570 2.42 48.89 -13.88
N GLY A 571 1.53 49.88 -13.81
CA GLY A 571 0.83 50.32 -15.00
C GLY A 571 -0.28 49.41 -15.50
N VAL A 572 -0.94 48.66 -14.62
CA VAL A 572 -2.03 47.80 -15.06
C VAL A 572 -3.32 48.59 -14.87
N LEU A 573 -3.24 49.59 -14.00
CA LEU A 573 -4.36 50.46 -13.70
C LEU A 573 -3.92 51.90 -13.65
N PRO A 574 -4.87 52.84 -13.78
CA PRO A 574 -4.58 54.27 -13.74
C PRO A 574 -4.41 54.74 -12.29
N PHE A 575 -3.39 55.57 -12.07
CA PHE A 575 -3.08 56.10 -10.75
C PHE A 575 -4.30 56.26 -9.83
N GLU A 576 -5.25 57.09 -10.26
CA GLU A 576 -6.45 57.34 -9.47
C GLU A 576 -7.11 56.06 -8.97
N LYS A 577 -7.74 55.34 -9.89
CA LYS A 577 -8.43 54.09 -9.59
C LYS A 577 -7.61 53.18 -8.65
N ALA A 578 -6.35 52.96 -9.00
CA ALA A 578 -5.45 52.11 -8.23
C ALA A 578 -5.38 52.54 -6.76
N VAL A 579 -4.96 53.78 -6.52
CA VAL A 579 -4.84 54.30 -5.16
C VAL A 579 -6.18 54.23 -4.45
N ASP A 580 -7.25 54.54 -5.18
CA ASP A 580 -8.60 54.47 -4.65
C ASP A 580 -8.88 53.03 -4.20
N LEU A 581 -8.89 52.13 -5.18
CA LEU A 581 -9.15 50.72 -4.94
C LEU A 581 -8.30 50.17 -3.80
N LEU A 582 -7.01 50.48 -3.82
CA LEU A 582 -6.11 50.00 -2.78
C LEU A 582 -6.63 50.44 -1.42
N LYS A 583 -6.93 51.73 -1.29
CA LYS A 583 -7.43 52.24 -0.01
C LYS A 583 -8.76 51.60 0.38
N LYS A 584 -9.76 51.66 -0.50
CA LYS A 584 -11.06 51.05 -0.20
C LYS A 584 -10.84 49.68 0.40
N SER A 585 -9.94 48.91 -0.21
CA SER A 585 -9.63 47.56 0.25
C SER A 585 -8.93 47.54 1.60
N ILE A 586 -8.16 48.57 1.89
CA ILE A 586 -7.46 48.63 3.17
C ILE A 586 -8.48 48.79 4.30
N HIS A 587 -9.54 49.55 4.03
CA HIS A 587 -10.59 49.73 5.02
C HIS A 587 -11.33 48.39 5.06
N LYS A 588 -11.51 47.80 3.88
CA LYS A 588 -12.18 46.51 3.71
C LYS A 588 -11.48 45.52 4.65
N ALA A 589 -10.23 45.18 4.34
CA ALA A 589 -9.46 44.29 5.19
C ALA A 589 -9.17 45.17 6.40
N TYR A 590 -8.38 44.69 7.36
CA TYR A 590 -8.11 45.51 8.54
C TYR A 590 -9.46 46.04 9.03
N GLY A 591 -9.51 47.33 9.35
CA GLY A 591 -10.74 47.92 9.84
C GLY A 591 -11.21 47.27 11.12
N LYS A 592 -10.62 46.12 11.44
CA LYS A 592 -10.95 45.36 12.64
C LYS A 592 -10.69 46.18 13.90
N LYS A 593 -9.41 46.41 14.23
CA LYS A 593 -9.07 47.17 15.43
C LYS A 593 -8.93 48.66 15.18
N GLY A 594 -10.00 49.40 15.47
CA GLY A 594 -10.01 50.84 15.30
C GLY A 594 -9.47 51.35 13.99
N GLU A 595 -9.72 52.63 13.73
CA GLU A 595 -9.26 53.27 12.51
C GLU A 595 -7.80 53.67 12.69
N LYS A 596 -7.21 53.28 13.82
CA LYS A 596 -5.83 53.62 14.06
C LYS A 596 -4.88 52.77 13.20
N ILE A 597 -5.19 51.48 13.09
CA ILE A 597 -4.37 50.59 12.28
C ILE A 597 -4.77 50.73 10.82
N VAL A 598 -5.88 51.42 10.58
CA VAL A 598 -6.37 51.66 9.23
C VAL A 598 -5.65 52.89 8.68
N LYS A 599 -5.55 53.91 9.52
CA LYS A 599 -4.88 55.16 9.18
C LYS A 599 -3.42 54.91 8.80
N MET A 600 -2.72 54.17 9.65
CA MET A 600 -1.31 53.85 9.42
C MET A 600 -1.10 53.28 8.02
N ASN A 601 -2.01 52.43 7.55
CA ASN A 601 -1.88 51.86 6.21
C ASN A 601 -2.26 52.87 5.15
N THR A 602 -3.34 53.61 5.39
CA THR A 602 -3.78 54.64 4.45
C THR A 602 -2.60 55.59 4.31
N ASP A 603 -2.09 56.03 5.47
CA ASP A 603 -0.95 56.94 5.52
C ASP A 603 0.25 56.36 4.79
N ALA A 604 0.58 55.10 5.11
CA ALA A 604 1.70 54.43 4.48
C ALA A 604 1.59 54.49 2.95
N VAL A 605 0.35 54.44 2.46
CA VAL A 605 0.11 54.50 1.02
C VAL A 605 0.45 55.90 0.51
N ASP A 606 -0.22 56.87 1.11
CA ASP A 606 -0.02 58.29 0.78
C ASP A 606 1.46 58.63 0.76
N GLN A 607 2.16 58.26 1.83
CA GLN A 607 3.58 58.53 1.94
C GLN A 607 4.36 57.82 0.85
N ALA A 608 3.98 56.58 0.57
CA ALA A 608 4.63 55.77 -0.46
C ALA A 608 4.50 56.42 -1.82
N VAL A 609 3.29 56.87 -2.14
CA VAL A 609 3.05 57.52 -3.41
C VAL A 609 3.96 58.74 -3.53
N THR A 610 4.12 59.47 -2.43
CA THR A 610 4.97 60.66 -2.43
C THR A 610 6.44 60.30 -2.60
N SER A 611 6.93 59.38 -1.78
CA SER A 611 8.35 58.97 -1.83
C SER A 611 8.72 58.18 -3.07
N LEU A 612 7.70 57.78 -3.83
CA LEU A 612 7.92 56.98 -5.04
C LEU A 612 8.32 57.82 -6.23
N GLN A 613 9.54 58.34 -6.19
CA GLN A 613 10.04 59.15 -7.29
C GLN A 613 11.11 58.40 -8.06
N GLU A 614 11.15 58.64 -9.37
CA GLU A 614 12.10 57.99 -10.26
C GLU A 614 13.56 58.32 -9.96
N PHE A 615 14.22 57.44 -9.22
CA PHE A 615 15.64 57.62 -8.88
C PHE A 615 16.39 58.00 -10.15
N LYS A 616 17.24 59.02 -10.07
CA LYS A 616 18.00 59.40 -11.26
C LYS A 616 19.44 58.96 -11.14
N TYR A 617 19.89 58.27 -12.17
CA TYR A 617 21.25 57.75 -12.20
C TYR A 617 22.09 58.37 -13.30
N PRO A 618 23.39 58.57 -13.02
CA PRO A 618 24.33 59.16 -13.99
C PRO A 618 24.56 58.25 -15.20
N ASP A 619 24.63 58.83 -16.39
CA ASP A 619 24.84 58.06 -17.61
C ASP A 619 26.15 57.25 -17.56
N SER A 620 26.98 57.49 -16.55
CA SER A 620 28.25 56.78 -16.42
C SER A 620 28.05 55.34 -15.96
N TRP A 621 26.83 55.00 -15.55
CA TRP A 621 26.54 53.65 -15.11
C TRP A 621 26.70 52.71 -16.30
N LYS A 622 26.47 53.23 -17.50
CA LYS A 622 26.58 52.46 -18.74
C LYS A 622 27.76 51.51 -18.73
N ASP A 623 28.84 51.90 -18.07
CA ASP A 623 30.03 51.08 -18.02
C ASP A 623 30.74 51.12 -16.68
N ALA A 624 30.00 50.80 -15.62
CA ALA A 624 30.57 50.79 -14.28
C ALA A 624 31.66 49.74 -14.25
N PRO A 625 32.65 49.92 -13.36
CA PRO A 625 33.77 48.98 -13.22
C PRO A 625 33.37 47.61 -12.68
N ALA A 626 33.44 46.58 -13.53
CA ALA A 626 33.10 45.23 -13.11
C ALA A 626 33.92 44.88 -11.87
N GLU A 627 33.26 44.39 -10.83
CA GLU A 627 33.97 44.05 -9.60
C GLU A 627 34.74 42.74 -9.67
N THR A 628 35.39 42.41 -8.56
CA THR A 628 36.18 41.20 -8.46
C THR A 628 35.38 40.02 -7.95
N LYS A 629 36.09 38.96 -7.54
CA LYS A 629 35.47 37.75 -7.02
C LYS A 629 36.00 37.42 -5.61
N ALA A 630 35.53 38.15 -4.61
CA ALA A 630 35.96 37.94 -3.23
C ALA A 630 35.28 36.70 -2.62
N GLU A 631 35.29 35.60 -3.36
CA GLU A 631 34.69 34.34 -2.92
C GLU A 631 35.65 33.42 -2.17
N PRO A 632 35.24 32.98 -0.97
CA PRO A 632 36.08 32.09 -0.15
C PRO A 632 36.29 30.70 -0.78
N MET A 633 37.09 29.89 -0.10
CA MET A 633 37.41 28.52 -0.53
C MET A 633 36.29 27.55 -0.12
N THR A 634 35.98 26.62 -1.01
CA THR A 634 34.95 25.62 -0.76
C THR A 634 35.31 24.36 -1.55
N ASN A 635 34.37 23.43 -1.68
CA ASN A 635 34.60 22.19 -2.42
C ASN A 635 34.35 22.39 -3.88
N GLU A 636 34.84 21.44 -4.66
CA GLU A 636 34.65 21.47 -6.09
C GLU A 636 33.15 21.20 -6.30
N PHE A 637 32.59 20.35 -5.46
CA PHE A 637 31.18 20.01 -5.58
C PHE A 637 30.28 21.21 -5.22
N PHE A 638 30.68 21.98 -4.21
CA PHE A 638 29.91 23.13 -3.80
C PHE A 638 30.04 24.22 -4.86
N LYS A 639 31.20 24.27 -5.51
CA LYS A 639 31.43 25.26 -6.55
C LYS A 639 30.73 24.88 -7.84
N ASN A 640 30.90 23.63 -8.24
CA ASN A 640 30.31 23.19 -9.49
C ASN A 640 28.85 22.78 -9.44
N VAL A 641 28.37 22.37 -8.27
CA VAL A 641 26.98 21.93 -8.16
C VAL A 641 26.01 22.69 -7.26
N VAL A 642 26.29 22.74 -5.95
CA VAL A 642 25.35 23.40 -5.07
C VAL A 642 25.28 24.91 -5.15
N LYS A 643 26.41 25.59 -5.33
CA LYS A 643 26.41 27.04 -5.44
C LYS A 643 25.52 27.42 -6.62
N PRO A 644 25.73 26.78 -7.78
CA PRO A 644 24.91 27.09 -8.95
C PRO A 644 23.43 26.90 -8.66
N ILE A 645 23.11 25.85 -7.93
CA ILE A 645 21.71 25.55 -7.58
C ILE A 645 21.14 26.60 -6.63
N LEU A 646 21.90 26.94 -5.60
CA LEU A 646 21.44 27.92 -4.62
C LEU A 646 21.20 29.32 -5.20
N THR A 647 21.79 29.59 -6.36
CA THR A 647 21.63 30.89 -6.98
C THR A 647 20.70 30.84 -8.18
N GLN A 648 19.79 29.86 -8.19
CA GLN A 648 18.78 29.72 -9.24
C GLN A 648 19.27 29.36 -10.64
N GLN A 649 20.39 28.67 -10.72
CA GLN A 649 20.97 28.24 -12.00
C GLN A 649 20.93 26.73 -12.19
N GLY A 650 20.34 26.01 -11.25
CA GLY A 650 20.26 24.56 -11.37
C GLY A 650 19.74 24.15 -12.74
N ASP A 651 18.86 24.97 -13.31
CA ASP A 651 18.31 24.65 -14.61
C ASP A 651 19.35 24.55 -15.71
N LYS A 652 20.53 25.09 -15.46
CA LYS A 652 21.59 25.04 -16.46
C LYS A 652 22.56 23.87 -16.28
N LEU A 653 22.44 23.15 -15.17
CA LEU A 653 23.30 21.99 -14.95
C LEU A 653 22.80 20.89 -15.88
N PRO A 654 23.72 20.30 -16.66
CA PRO A 654 23.37 19.22 -17.60
C PRO A 654 23.22 17.89 -16.84
N VAL A 655 22.85 16.85 -17.56
CA VAL A 655 22.69 15.56 -16.91
C VAL A 655 24.01 15.04 -16.35
N SER A 656 25.11 15.38 -17.01
CA SER A 656 26.43 14.91 -16.61
C SER A 656 26.81 15.29 -15.19
N ALA A 657 26.15 16.31 -14.67
CA ALA A 657 26.43 16.81 -13.33
C ALA A 657 25.85 15.95 -12.20
N PHE A 658 24.95 15.04 -12.52
CA PHE A 658 24.32 14.23 -11.47
C PHE A 658 24.65 12.75 -11.45
N GLU A 659 24.57 12.16 -10.27
CA GLU A 659 24.81 10.73 -10.08
C GLU A 659 23.60 9.95 -10.59
N ALA A 660 23.85 8.94 -11.41
CA ALA A 660 22.80 8.09 -11.95
C ALA A 660 21.79 7.64 -10.89
N ASP A 661 22.26 7.29 -9.69
CA ASP A 661 21.36 6.84 -8.62
C ASP A 661 20.80 7.94 -7.72
N GLY A 662 21.05 9.20 -8.05
CA GLY A 662 20.51 10.30 -7.28
C GLY A 662 21.20 10.68 -5.98
N ARG A 663 22.26 9.98 -5.61
CA ARG A 663 22.93 10.29 -4.37
C ARG A 663 23.60 11.67 -4.35
N PHE A 664 23.80 12.19 -3.13
CA PHE A 664 24.48 13.45 -2.90
C PHE A 664 25.53 13.21 -1.82
N PRO A 665 26.56 14.07 -1.77
CA PRO A 665 27.54 13.83 -0.72
C PRO A 665 27.09 14.58 0.53
N LEU A 666 27.64 14.18 1.67
CA LEU A 666 27.34 14.82 2.94
C LEU A 666 28.05 16.17 3.09
N GLY A 667 27.56 16.95 4.06
CA GLY A 667 28.16 18.23 4.41
C GLY A 667 28.19 19.41 3.45
N THR A 668 27.28 19.46 2.49
CA THR A 668 27.29 20.58 1.56
C THR A 668 26.77 21.87 2.22
N SER A 669 26.07 21.74 3.35
CA SER A 669 25.54 22.92 4.00
C SER A 669 26.60 23.67 4.79
N GLN A 670 27.75 23.03 5.01
CA GLN A 670 28.83 23.68 5.75
C GLN A 670 29.21 25.03 5.12
N PHE A 671 29.00 25.14 3.81
CA PHE A 671 29.38 26.35 3.07
C PHE A 671 28.25 27.32 2.69
N GLU A 672 27.01 27.00 3.04
CA GLU A 672 25.92 27.92 2.70
C GLU A 672 26.05 29.27 3.40
N LYS A 673 26.22 29.26 4.72
CA LYS A 673 26.39 30.49 5.49
C LYS A 673 25.44 31.59 5.00
N ARG A 674 24.13 31.34 5.13
CA ARG A 674 23.12 32.28 4.67
C ARG A 674 23.04 33.60 5.45
N GLY A 675 23.27 33.54 6.76
CA GLY A 675 23.19 34.74 7.56
C GLY A 675 21.86 35.47 7.45
N VAL A 676 20.77 34.80 7.81
CA VAL A 676 19.45 35.43 7.73
C VAL A 676 18.81 35.71 9.09
N ALA A 677 19.55 35.44 10.18
CA ALA A 677 19.00 35.73 11.49
C ALA A 677 18.95 37.26 11.61
N ILE A 678 17.92 37.79 12.26
CA ILE A 678 17.84 39.22 12.41
C ILE A 678 18.68 39.57 13.62
N ASN A 679 18.53 38.74 14.66
CA ASN A 679 19.29 38.90 15.89
C ASN A 679 20.00 37.58 16.18
N VAL A 680 21.23 37.68 16.69
CA VAL A 680 22.01 36.49 17.03
C VAL A 680 22.51 36.64 18.48
N PRO A 681 22.90 35.54 19.12
CA PRO A 681 23.36 35.70 20.49
C PRO A 681 24.76 36.32 20.60
N GLN A 682 25.03 36.91 21.76
CA GLN A 682 26.34 37.50 22.04
C GLN A 682 26.82 36.90 23.34
N TRP A 683 27.95 36.22 23.29
CA TRP A 683 28.49 35.60 24.49
C TRP A 683 29.10 36.65 25.42
N VAL A 684 28.69 36.58 26.69
CA VAL A 684 29.17 37.46 27.75
C VAL A 684 29.94 36.50 28.67
N PRO A 685 31.23 36.31 28.39
CA PRO A 685 32.10 35.41 29.15
C PRO A 685 32.22 35.65 30.66
N GLU A 686 31.87 36.85 31.11
CA GLU A 686 31.95 37.18 32.54
C GLU A 686 30.87 36.44 33.31
N ASN A 687 29.77 36.14 32.61
CA ASN A 687 28.63 35.47 33.22
C ASN A 687 28.50 33.99 32.92
N CYS A 688 29.40 33.48 32.10
CA CYS A 688 29.34 32.08 31.70
C CYS A 688 29.84 31.05 32.73
N ILE A 689 28.98 30.08 33.05
CA ILE A 689 29.34 29.04 34.00
C ILE A 689 29.82 27.77 33.30
N GLN A 690 30.15 27.91 32.02
CA GLN A 690 30.67 26.82 31.20
C GLN A 690 29.87 25.51 31.30
N CYS A 691 28.56 25.58 31.08
CA CYS A 691 27.72 24.40 31.18
C CYS A 691 27.46 23.64 29.85
N ASN A 692 27.59 24.34 28.74
CA ASN A 692 27.37 23.78 27.40
C ASN A 692 25.90 23.56 27.00
N GLN A 693 24.98 24.03 27.83
CA GLN A 693 23.54 23.88 27.53
C GLN A 693 23.12 24.64 26.27
N CYS A 694 23.77 25.77 26.00
CA CYS A 694 23.44 26.55 24.81
C CYS A 694 23.69 25.76 23.53
N ALA A 695 24.84 25.08 23.43
CA ALA A 695 25.17 24.30 22.25
C ALA A 695 24.28 23.05 22.13
N PHE A 696 23.98 22.43 23.28
CA PHE A 696 23.14 21.24 23.33
C PHE A 696 21.76 21.51 22.73
N VAL A 697 21.22 22.67 23.09
CA VAL A 697 19.90 23.13 22.69
C VAL A 697 19.69 23.77 21.28
N CYS A 698 20.77 24.21 20.63
CA CYS A 698 20.64 24.89 19.32
C CYS A 698 20.05 24.02 18.20
N PRO A 699 18.94 24.47 17.58
CA PRO A 699 18.31 23.73 16.49
C PRO A 699 19.11 23.71 15.21
N HIS A 700 20.19 24.49 15.17
CA HIS A 700 21.01 24.53 13.97
C HIS A 700 22.51 24.32 14.14
N SER A 701 22.94 23.92 15.33
CA SER A 701 24.36 23.69 15.60
C SER A 701 25.17 24.99 15.41
N ALA A 702 24.53 26.13 15.68
CA ALA A 702 25.18 27.43 15.52
C ALA A 702 26.16 27.81 16.65
N ILE A 703 26.10 27.07 17.76
CA ILE A 703 27.01 27.33 18.87
C ILE A 703 28.10 26.26 18.93
N LEU A 704 29.35 26.73 18.93
CA LEU A 704 30.52 25.85 18.97
C LEU A 704 31.36 26.02 20.24
N PRO A 705 31.21 25.11 21.20
CA PRO A 705 32.01 25.22 22.43
C PRO A 705 33.47 25.03 22.03
N VAL A 706 34.38 25.73 22.70
CA VAL A 706 35.79 25.57 22.37
C VAL A 706 36.58 25.22 23.61
N LEU A 707 37.41 24.20 23.48
CA LEU A 707 38.26 23.76 24.57
C LEU A 707 39.66 23.66 23.96
N ALA A 708 40.48 24.68 24.20
CA ALA A 708 41.83 24.70 23.66
C ALA A 708 42.90 24.74 24.73
N LYS A 709 44.12 24.40 24.33
CA LYS A 709 45.27 24.41 25.21
C LYS A 709 45.98 25.71 24.83
N GLU A 710 46.68 26.32 25.78
CA GLU A 710 47.37 27.60 25.51
C GLU A 710 47.98 27.68 24.12
N GLU A 711 48.74 26.66 23.75
CA GLU A 711 49.39 26.61 22.46
C GLU A 711 48.49 26.74 21.24
N GLU A 712 47.23 26.29 21.35
CA GLU A 712 46.30 26.37 20.23
C GLU A 712 45.74 27.77 20.01
N LEU A 713 45.76 28.61 21.05
CA LEU A 713 45.25 29.98 20.95
C LEU A 713 46.27 31.01 20.45
N VAL A 714 47.48 30.57 20.12
CA VAL A 714 48.53 31.47 19.65
C VAL A 714 48.06 32.52 18.63
N GLY A 715 47.74 32.10 17.42
CA GLY A 715 47.30 33.05 16.40
C GLY A 715 45.85 33.49 16.55
N ALA A 716 45.25 33.24 17.71
CA ALA A 716 43.87 33.60 17.94
C ALA A 716 43.65 35.10 17.82
N PRO A 717 42.58 35.53 17.11
CA PRO A 717 42.32 36.97 16.98
C PRO A 717 42.28 37.59 18.38
N ALA A 718 42.59 38.88 18.45
CA ALA A 718 42.61 39.57 19.74
C ALA A 718 41.29 39.40 20.50
N ASN A 719 40.17 39.46 19.79
CA ASN A 719 38.86 39.34 20.41
C ASN A 719 38.37 37.92 20.68
N PHE A 720 39.29 36.94 20.61
CA PHE A 720 38.95 35.55 20.86
C PHE A 720 39.07 35.26 22.37
N THR A 721 38.24 35.94 23.13
CA THR A 721 38.23 35.82 24.60
C THR A 721 37.95 34.40 25.09
N ALA A 722 38.82 33.88 25.96
CA ALA A 722 38.64 32.53 26.50
C ALA A 722 38.82 32.48 28.00
N LEU A 723 37.95 31.74 28.67
CA LEU A 723 37.98 31.59 30.13
C LEU A 723 38.85 30.40 30.51
N GLU A 724 39.41 30.42 31.71
CA GLU A 724 40.19 29.26 32.11
C GLU A 724 39.11 28.22 32.35
N ALA A 725 39.35 26.99 31.91
CA ALA A 725 38.37 25.92 32.05
C ALA A 725 37.99 25.46 33.46
N LYS A 726 36.71 25.54 33.77
CA LYS A 726 36.20 25.08 35.06
C LYS A 726 36.03 23.57 34.94
N GLY A 727 36.35 22.86 36.01
CA GLY A 727 36.21 21.42 35.99
C GLY A 727 37.54 20.75 36.25
N LYS A 728 37.54 19.76 37.12
CA LYS A 728 38.74 19.03 37.49
C LYS A 728 39.50 18.45 36.28
N GLU A 729 38.75 17.89 35.33
CA GLU A 729 39.30 17.28 34.14
C GLU A 729 39.78 18.28 33.10
N LEU A 730 39.25 19.49 33.18
CA LEU A 730 39.60 20.53 32.23
C LEU A 730 40.71 21.47 32.73
N LYS A 731 41.28 21.14 33.89
CA LYS A 731 42.36 21.91 34.48
C LYS A 731 43.44 22.14 33.43
N GLY A 732 43.67 23.40 33.07
CA GLY A 732 44.69 23.69 32.06
C GLY A 732 44.18 24.11 30.70
N TYR A 733 42.92 23.80 30.39
CA TYR A 733 42.34 24.18 29.10
C TYR A 733 41.67 25.54 29.17
N LYS A 734 41.54 26.15 27.99
CA LYS A 734 40.89 27.44 27.85
C LYS A 734 39.52 27.12 27.24
N PHE A 735 38.47 27.75 27.79
CA PHE A 735 37.10 27.52 27.34
C PHE A 735 36.50 28.70 26.61
N ARG A 736 35.64 28.43 25.64
CA ARG A 736 34.97 29.48 24.89
C ARG A 736 33.67 29.03 24.24
N ILE A 737 32.69 29.93 24.22
CA ILE A 737 31.42 29.66 23.58
C ILE A 737 31.44 30.53 22.33
N GLN A 738 31.82 29.93 21.21
CA GLN A 738 31.88 30.65 19.95
C GLN A 738 30.57 30.61 19.15
N ILE A 739 30.00 31.78 18.90
CA ILE A 739 28.76 31.87 18.13
C ILE A 739 29.05 31.91 16.63
N ASN A 740 28.33 31.07 15.89
CA ASN A 740 28.44 31.02 14.43
C ASN A 740 27.29 31.92 13.99
N THR A 741 27.58 33.21 13.83
CA THR A 741 26.56 34.19 13.51
C THR A 741 25.90 34.10 12.14
N LEU A 742 26.56 33.45 11.17
CA LEU A 742 25.93 33.35 9.85
C LEU A 742 24.97 32.17 9.74
N ASP A 743 25.24 31.11 10.50
CA ASP A 743 24.36 29.94 10.46
C ASP A 743 23.25 30.03 11.50
N CYS A 744 23.36 30.97 12.43
CA CYS A 744 22.34 31.14 13.44
C CYS A 744 21.03 31.56 12.75
N MET A 745 19.90 31.13 13.30
CA MET A 745 18.63 31.52 12.70
C MET A 745 17.97 32.54 13.61
N GLY A 746 18.63 32.81 14.73
CA GLY A 746 18.15 33.81 15.68
C GLY A 746 16.84 33.50 16.38
N CYS A 747 16.69 32.27 16.85
CA CYS A 747 15.47 31.84 17.53
C CYS A 747 15.45 32.24 19.01
N GLY A 748 16.65 32.29 19.61
CA GLY A 748 16.79 32.67 21.00
C GLY A 748 16.64 31.60 22.05
N ASN A 749 16.61 30.32 21.66
CA ASN A 749 16.47 29.25 22.64
C ASN A 749 17.67 29.18 23.58
N CYS A 750 18.86 29.30 23.01
CA CYS A 750 20.08 29.24 23.81
C CYS A 750 20.07 30.29 24.91
N ALA A 751 19.96 31.54 24.50
CA ALA A 751 19.93 32.66 25.44
C ALA A 751 18.82 32.46 26.44
N ASP A 752 17.66 32.06 25.97
CA ASP A 752 16.51 31.84 26.84
C ASP A 752 16.78 30.86 27.97
N ILE A 753 17.58 29.83 27.71
CA ILE A 753 17.85 28.85 28.77
C ILE A 753 19.17 28.99 29.51
N CYS A 754 20.09 29.81 28.99
CA CYS A 754 21.38 30.06 29.66
C CYS A 754 21.08 30.26 31.16
N PRO A 755 21.52 29.32 32.02
CA PRO A 755 21.34 29.30 33.46
C PRO A 755 21.35 30.57 34.34
N PRO A 756 22.48 31.32 34.36
CA PRO A 756 22.61 32.56 35.18
C PRO A 756 21.67 33.74 34.92
N LYS A 757 21.22 34.37 36.01
CA LYS A 757 20.32 35.53 35.95
C LYS A 757 20.96 36.60 35.06
N GLU A 758 22.25 36.85 35.32
CA GLU A 758 23.01 37.80 34.53
C GLU A 758 23.40 36.95 33.35
N LYS A 759 22.53 36.89 32.37
CA LYS A 759 22.73 36.08 31.17
C LYS A 759 24.14 36.17 30.58
N ALA A 760 24.62 35.03 30.08
CA ALA A 760 25.93 34.95 29.44
C ALA A 760 25.73 35.02 27.92
N LEU A 761 24.47 35.04 27.51
CA LEU A 761 24.11 35.14 26.10
C LEU A 761 23.01 36.19 25.96
N VAL A 762 23.23 37.16 25.09
CA VAL A 762 22.23 38.21 24.89
C VAL A 762 22.07 38.43 23.40
N MET A 763 20.83 38.49 22.93
CA MET A 763 20.54 38.70 21.52
C MET A 763 20.88 40.12 21.07
N GLN A 764 21.56 40.24 19.93
CA GLN A 764 21.95 41.54 19.40
C GLN A 764 21.79 41.43 17.89
N PRO A 765 21.67 42.56 17.19
CA PRO A 765 21.50 42.53 15.72
C PRO A 765 22.69 41.86 15.03
N LEU A 766 22.39 41.12 13.97
CA LEU A 766 23.43 40.42 13.22
C LEU A 766 24.62 41.31 12.85
N ASP A 767 24.35 42.56 12.46
CA ASP A 767 25.42 43.48 12.08
C ASP A 767 26.41 43.76 13.20
N THR A 768 25.90 44.00 14.40
CA THR A 768 26.76 44.30 15.53
C THR A 768 27.62 43.11 15.90
N GLN A 769 27.42 41.99 15.22
CA GLN A 769 28.16 40.78 15.57
C GLN A 769 29.04 40.11 14.54
N ARG A 770 28.63 40.13 13.28
CA ARG A 770 29.37 39.45 12.22
C ARG A 770 30.85 39.80 11.99
N ASP A 771 31.18 41.07 11.85
CA ASP A 771 32.57 41.46 11.63
C ASP A 771 33.52 40.82 12.63
N ALA A 772 33.10 40.73 13.89
CA ALA A 772 33.92 40.14 14.93
C ALA A 772 33.83 38.61 15.00
N GLN A 773 32.61 38.06 14.91
CA GLN A 773 32.46 36.61 15.02
C GLN A 773 32.70 35.76 13.77
N VAL A 774 32.59 36.34 12.58
CA VAL A 774 32.83 35.55 11.39
C VAL A 774 34.27 35.03 11.39
N PRO A 775 35.23 35.93 11.63
CA PRO A 775 36.63 35.50 11.66
C PRO A 775 36.93 34.60 12.86
N ASN A 776 36.21 34.81 13.96
CA ASN A 776 36.39 34.03 15.19
C ASN A 776 35.93 32.57 15.07
N LEU A 777 34.75 32.38 14.50
CA LEU A 777 34.21 31.04 14.32
C LEU A 777 35.13 30.32 13.33
N GLU A 778 35.62 31.06 12.34
CA GLU A 778 36.50 30.49 11.34
C GLU A 778 37.82 30.04 11.95
N TYR A 779 38.23 30.70 13.03
CA TYR A 779 39.47 30.33 13.71
C TYR A 779 39.19 29.12 14.59
N ALA A 780 38.08 29.17 15.33
CA ALA A 780 37.66 28.11 16.23
C ALA A 780 37.42 26.80 15.48
N ALA A 781 36.77 26.88 14.32
CA ALA A 781 36.47 25.70 13.50
C ALA A 781 37.73 24.87 13.24
N ARG A 782 38.89 25.53 13.30
CA ARG A 782 40.16 24.85 13.08
C ARG A 782 40.76 24.30 14.36
N ILE A 783 40.11 24.53 15.49
CA ILE A 783 40.63 24.02 16.76
C ILE A 783 40.08 22.62 17.00
N PRO A 784 40.98 21.62 17.10
CA PRO A 784 40.53 20.25 17.34
C PRO A 784 39.44 20.16 18.42
N VAL A 785 38.41 19.37 18.16
CA VAL A 785 37.32 19.20 19.12
C VAL A 785 37.81 18.16 20.14
N LYS A 786 37.71 18.50 21.42
CA LYS A 786 38.19 17.61 22.47
C LYS A 786 37.18 16.57 22.93
N SER A 787 37.05 15.51 22.14
CA SER A 787 36.10 14.46 22.45
C SER A 787 36.54 13.45 23.52
N GLU A 788 37.85 13.36 23.75
CA GLU A 788 38.39 12.41 24.73
C GLU A 788 38.46 12.93 26.16
N VAL A 789 38.20 14.21 26.33
CA VAL A 789 38.27 14.82 27.64
C VAL A 789 37.18 14.40 28.60
N LEU A 790 35.94 14.44 28.14
CA LEU A 790 34.82 14.10 29.00
C LEU A 790 33.98 12.97 28.46
N PRO A 791 33.12 12.38 29.31
CA PRO A 791 32.26 11.28 28.89
C PRO A 791 31.41 11.77 27.72
N ARG A 792 31.35 10.95 26.68
CA ARG A 792 30.62 11.26 25.47
C ARG A 792 29.13 11.49 25.70
N ASP A 793 28.54 10.74 26.62
CA ASP A 793 27.11 10.86 26.93
C ASP A 793 26.77 11.67 28.20
N SER A 794 27.63 12.61 28.56
CA SER A 794 27.34 13.47 29.70
C SER A 794 26.92 14.79 29.08
N LEU A 795 26.05 15.55 29.74
CA LEU A 795 25.60 16.83 29.17
C LEU A 795 26.78 17.62 28.60
N LYS A 796 27.68 18.05 29.47
CA LYS A 796 28.84 18.83 29.03
C LYS A 796 29.67 18.11 27.98
N GLY A 797 29.96 16.83 28.23
CA GLY A 797 30.76 16.03 27.31
C GLY A 797 30.23 15.88 25.90
N SER A 798 28.92 15.69 25.76
CA SER A 798 28.33 15.53 24.44
C SER A 798 28.64 16.71 23.53
N GLN A 799 28.67 17.91 24.10
CA GLN A 799 28.95 19.10 23.30
C GLN A 799 30.42 19.26 22.93
N PHE A 800 31.25 18.35 23.44
CA PHE A 800 32.67 18.35 23.14
C PHE A 800 32.89 17.30 22.04
N GLN A 801 31.78 16.84 21.46
CA GLN A 801 31.80 15.87 20.38
C GLN A 801 31.45 16.62 19.10
N GLU A 802 31.79 16.04 17.96
CA GLU A 802 31.49 16.65 16.67
C GLU A 802 30.03 16.42 16.27
N PRO A 803 29.23 17.49 16.16
CA PRO A 803 27.82 17.29 15.77
C PRO A 803 27.84 16.92 14.30
N LEU A 804 27.10 15.88 13.91
CA LEU A 804 27.14 15.45 12.51
C LEU A 804 25.90 15.74 11.67
N MET A 805 25.16 16.77 12.08
CA MET A 805 23.96 17.21 11.36
C MET A 805 23.90 18.72 11.69
N GLU A 806 24.34 19.55 10.75
CA GLU A 806 24.39 21.00 10.99
C GLU A 806 23.81 21.90 9.92
N PHE A 807 23.33 23.07 10.36
CA PHE A 807 22.81 24.11 9.47
C PHE A 807 21.73 23.63 8.49
N SER A 808 20.75 22.89 8.99
CA SER A 808 19.68 22.39 8.14
C SER A 808 18.68 23.48 7.77
N GLY A 809 17.80 23.17 6.81
CA GLY A 809 16.80 24.13 6.40
C GLY A 809 15.55 24.09 7.29
N ALA A 810 15.70 23.59 8.51
CA ALA A 810 14.56 23.54 9.42
C ALA A 810 14.20 24.97 9.85
N CYS A 811 12.99 25.16 10.35
CA CYS A 811 12.58 26.49 10.79
C CYS A 811 13.44 26.92 11.95
N SER A 812 13.50 28.23 12.13
CA SER A 812 14.24 28.82 13.23
C SER A 812 13.60 28.29 14.52
N GLY A 813 14.40 27.75 15.43
CA GLY A 813 13.86 27.24 16.67
C GLY A 813 13.14 25.91 16.59
N CYS A 814 13.24 25.22 15.44
CA CYS A 814 12.61 23.91 15.24
C CYS A 814 12.85 22.96 16.41
N GLY A 815 11.78 22.29 16.86
CA GLY A 815 11.92 21.37 17.97
C GLY A 815 12.49 19.98 17.66
N GLU A 816 12.64 19.63 16.38
CA GLU A 816 13.16 18.30 16.04
C GLU A 816 14.69 18.19 15.99
N THR A 817 15.31 19.14 15.30
CA THR A 817 16.74 19.14 15.11
C THR A 817 17.65 19.07 16.33
N PRO A 818 17.25 19.64 17.47
CA PRO A 818 18.16 19.53 18.62
C PRO A 818 18.36 18.07 19.00
N TYR A 819 17.26 17.32 19.03
CA TYR A 819 17.31 15.90 19.37
C TYR A 819 18.21 15.15 18.41
N VAL A 820 17.99 15.37 17.12
CA VAL A 820 18.77 14.67 16.13
C VAL A 820 20.25 15.02 16.20
N ARG A 821 20.54 16.29 16.46
CA ARG A 821 21.93 16.74 16.55
C ARG A 821 22.64 15.99 17.67
N VAL A 822 21.99 15.87 18.82
CA VAL A 822 22.59 15.18 19.94
C VAL A 822 22.80 13.71 19.62
N ILE A 823 21.79 13.05 19.08
CA ILE A 823 21.96 11.64 18.74
C ILE A 823 23.23 11.42 17.89
N THR A 824 23.49 12.29 16.91
CA THR A 824 24.69 12.11 16.09
C THR A 824 25.94 12.28 16.94
N GLN A 825 25.90 13.17 17.92
CA GLN A 825 27.06 13.37 18.79
C GLN A 825 27.36 12.09 19.57
N LEU A 826 26.37 11.21 19.73
CA LEU A 826 26.58 9.95 20.45
C LEU A 826 26.82 8.68 19.59
N PHE A 827 26.27 8.63 18.37
CA PHE A 827 26.45 7.44 17.54
C PHE A 827 26.75 7.76 16.10
N GLY A 828 26.64 9.04 15.78
CA GLY A 828 26.86 9.50 14.42
C GLY A 828 27.82 8.72 13.54
N GLU A 829 29.01 8.44 14.05
CA GLU A 829 30.03 7.75 13.26
C GLU A 829 29.74 6.29 12.88
N ARG A 830 28.72 5.67 13.50
CA ARG A 830 28.41 4.29 13.14
C ARG A 830 26.92 4.03 12.93
N MET A 831 26.17 5.08 12.57
CA MET A 831 24.75 4.86 12.38
C MET A 831 24.19 4.88 10.95
N PHE A 832 23.07 4.18 10.82
CA PHE A 832 22.34 4.13 9.57
C PHE A 832 21.08 4.86 9.92
N ILE A 833 20.58 5.66 8.99
CA ILE A 833 19.33 6.34 9.25
C ILE A 833 18.33 6.08 8.13
N ALA A 834 17.21 5.47 8.50
CA ALA A 834 16.10 5.21 7.59
C ALA A 834 15.14 6.31 8.00
N ASN A 835 15.03 7.34 7.18
CA ASN A 835 14.21 8.49 7.51
C ASN A 835 12.87 8.55 6.80
N ALA A 836 11.78 8.57 7.57
CA ALA A 836 10.46 8.65 6.98
C ALA A 836 10.32 10.00 6.33
N THR A 837 9.58 10.02 5.23
CA THR A 837 9.32 11.28 4.53
C THR A 837 8.63 12.17 5.54
N GLY A 838 8.98 13.46 5.54
CA GLY A 838 8.38 14.41 6.48
C GLY A 838 9.33 15.56 6.71
N CYS A 839 9.02 16.42 7.67
CA CYS A 839 9.92 17.52 7.93
C CYS A 839 11.36 17.08 8.06
N SER A 840 11.59 15.98 8.80
CA SER A 840 12.94 15.48 9.01
C SER A 840 13.65 15.09 7.72
N SER A 841 12.91 14.62 6.72
CA SER A 841 13.56 14.28 5.46
C SER A 841 13.69 15.56 4.63
N ILE A 842 12.81 16.52 4.87
CA ILE A 842 12.83 17.77 4.13
C ILE A 842 13.99 18.67 4.59
N TRP A 843 14.13 18.89 5.89
CA TRP A 843 15.26 19.69 6.32
C TRP A 843 16.44 18.74 6.26
N GLY A 844 16.12 17.45 6.40
CA GLY A 844 17.14 16.42 6.36
C GLY A 844 17.91 16.36 5.05
N ALA A 845 17.21 16.50 3.93
CA ALA A 845 17.90 16.36 2.67
C ALA A 845 17.28 16.97 1.40
N SER A 846 16.99 18.26 1.45
CA SER A 846 16.46 18.94 0.27
C SER A 846 17.66 19.36 -0.58
N ALA A 847 17.79 18.76 -1.76
CA ALA A 847 18.90 19.12 -2.64
C ALA A 847 18.83 20.62 -2.88
N PRO A 848 19.98 21.28 -2.91
CA PRO A 848 21.29 20.65 -2.74
C PRO A 848 21.87 20.81 -1.33
N SER A 849 21.04 21.17 -0.36
CA SER A 849 21.57 21.36 0.99
C SER A 849 21.54 20.08 1.82
N MET A 850 22.72 19.54 2.07
CA MET A 850 22.85 18.31 2.86
C MET A 850 23.47 18.67 4.21
N PRO A 851 22.64 18.67 5.27
CA PRO A 851 23.06 19.00 6.65
C PRO A 851 23.84 17.92 7.40
N TYR A 852 23.60 16.63 7.11
CA TYR A 852 24.35 15.58 7.78
C TYR A 852 25.77 15.64 7.22
N LYS A 853 26.76 15.46 8.10
CA LYS A 853 28.16 15.54 7.72
C LYS A 853 29.01 14.44 8.32
N THR A 854 30.26 14.36 7.86
CA THR A 854 31.18 13.35 8.36
C THR A 854 32.09 13.99 9.41
N ASN A 855 32.68 13.17 10.28
CA ASN A 855 33.59 13.67 11.30
C ASN A 855 34.98 13.79 10.68
N ARG A 856 35.96 14.18 11.51
CA ARG A 856 37.33 14.37 11.03
C ARG A 856 37.92 13.11 10.41
N LEU A 857 37.35 11.96 10.76
CA LEU A 857 37.82 10.67 10.25
C LEU A 857 37.06 10.20 9.01
N GLY A 858 36.11 11.01 8.53
CA GLY A 858 35.35 10.63 7.35
C GLY A 858 34.11 9.78 7.60
N GLN A 859 33.82 9.53 8.87
CA GLN A 859 32.66 8.73 9.24
C GLN A 859 31.46 9.64 9.45
N GLY A 860 30.27 9.14 9.15
CA GLY A 860 29.07 9.93 9.33
C GLY A 860 27.81 9.08 9.11
N PRO A 861 26.64 9.59 9.51
CA PRO A 861 25.43 8.78 9.32
C PRO A 861 25.17 8.41 7.86
N ALA A 862 24.88 7.13 7.60
CA ALA A 862 24.53 6.69 6.25
C ALA A 862 23.04 6.99 6.30
N TRP A 863 22.61 8.04 5.59
CA TRP A 863 21.23 8.51 5.59
C TRP A 863 20.44 8.23 4.32
N GLY A 864 19.20 7.80 4.50
CA GLY A 864 18.37 7.54 3.34
C GLY A 864 16.88 7.74 3.55
N ASN A 865 16.22 8.24 2.52
CA ASN A 865 14.77 8.41 2.57
C ASN A 865 14.18 7.44 1.55
N SER A 866 13.42 6.47 2.03
CA SER A 866 12.79 5.56 1.09
C SER A 866 11.47 6.22 0.73
N LEU A 867 10.45 5.95 1.53
CA LEU A 867 9.11 6.51 1.33
C LEU A 867 8.54 7.03 2.65
N PHE A 868 7.29 7.46 2.63
CA PHE A 868 6.67 7.98 3.83
C PHE A 868 6.13 6.85 4.67
N GLU A 869 5.64 5.83 4.00
CA GLU A 869 5.01 4.71 4.66
C GLU A 869 5.87 3.53 5.14
N ASP A 870 7.11 3.45 4.66
CA ASP A 870 7.94 2.30 4.97
C ASP A 870 9.24 2.50 5.75
N ALA A 871 9.43 3.65 6.40
CA ALA A 871 10.68 3.87 7.11
C ALA A 871 11.11 2.72 8.03
N ALA A 872 10.20 2.23 8.86
CA ALA A 872 10.54 1.14 9.76
C ALA A 872 11.06 -0.09 9.01
N GLU A 873 10.33 -0.52 7.98
CA GLU A 873 10.72 -1.69 7.21
C GLU A 873 12.02 -1.44 6.44
N TYR A 874 12.22 -0.18 6.06
CA TYR A 874 13.41 0.21 5.32
C TYR A 874 14.64 0.03 6.25
N GLY A 875 14.52 0.51 7.49
CA GLY A 875 15.61 0.38 8.43
C GLY A 875 15.79 -1.08 8.79
N PHE A 876 14.68 -1.81 8.86
CA PHE A 876 14.71 -3.23 9.18
C PHE A 876 15.53 -3.97 8.11
N GLY A 877 15.39 -3.51 6.87
CA GLY A 877 16.15 -4.11 5.78
C GLY A 877 17.64 -3.86 5.95
N MET A 878 18.01 -2.64 6.28
CA MET A 878 19.40 -2.30 6.52
C MET A 878 19.92 -3.22 7.65
N ASN A 879 19.08 -3.44 8.65
CA ASN A 879 19.46 -4.32 9.75
C ASN A 879 19.62 -5.76 9.24
N MET A 880 18.81 -6.17 8.27
CA MET A 880 18.94 -7.54 7.74
C MET A 880 20.28 -7.67 6.99
N SER A 881 20.63 -6.64 6.24
CA SER A 881 21.88 -6.64 5.50
C SER A 881 23.06 -6.83 6.43
N MET A 882 23.11 -6.01 7.47
CA MET A 882 24.21 -6.08 8.43
C MET A 882 24.25 -7.45 9.08
N PHE A 883 23.09 -8.00 9.40
CA PHE A 883 23.07 -9.31 10.01
C PHE A 883 23.67 -10.32 9.04
N ALA A 884 23.19 -10.34 7.81
CA ALA A 884 23.72 -11.27 6.83
C ALA A 884 25.21 -11.08 6.58
N ARG A 885 25.62 -9.88 6.26
CA ARG A 885 27.01 -9.61 5.97
C ARG A 885 27.95 -9.77 7.17
N ARG A 886 27.51 -9.38 8.36
CA ARG A 886 28.37 -9.54 9.53
C ARG A 886 28.42 -10.98 10.00
N THR A 887 27.46 -11.79 9.56
CA THR A 887 27.43 -13.20 9.91
C THR A 887 28.39 -13.88 8.94
N HIS A 888 28.47 -13.37 7.72
CA HIS A 888 29.36 -13.92 6.72
C HIS A 888 30.77 -13.63 7.24
N LEU A 889 30.98 -12.40 7.69
CA LEU A 889 32.26 -12.00 8.22
C LEU A 889 32.64 -12.90 9.39
N ALA A 890 31.71 -13.11 10.32
CA ALA A 890 31.99 -13.97 11.49
C ALA A 890 32.39 -15.38 11.05
N ASP A 891 31.71 -15.90 10.05
CA ASP A 891 32.02 -17.23 9.54
C ASP A 891 33.44 -17.29 8.94
N LEU A 892 33.84 -16.24 8.21
CA LEU A 892 35.19 -16.21 7.65
C LEU A 892 36.20 -16.14 8.81
N ALA A 893 35.88 -15.32 9.82
CA ALA A 893 36.74 -15.18 10.98
C ALA A 893 36.94 -16.55 11.62
N ALA A 894 35.84 -17.22 11.94
CA ALA A 894 35.91 -18.53 12.56
C ALA A 894 36.73 -19.48 11.68
N LYS A 895 36.54 -19.41 10.37
CA LYS A 895 37.32 -20.30 9.52
C LYS A 895 38.80 -19.94 9.68
N ALA A 896 39.12 -18.66 9.54
CA ALA A 896 40.50 -18.19 9.64
C ALA A 896 41.18 -18.60 10.96
N LEU A 897 40.40 -18.73 12.03
CA LEU A 897 40.93 -19.15 13.33
C LEU A 897 41.46 -20.57 13.23
N GLU A 898 40.92 -21.34 12.29
CA GLU A 898 41.34 -22.72 12.06
C GLU A 898 42.19 -22.84 10.80
N SER A 899 43.18 -21.95 10.68
CA SER A 899 44.09 -21.99 9.54
C SER A 899 45.41 -21.62 10.18
N ASP A 900 46.42 -21.40 9.36
CA ASP A 900 47.73 -21.03 9.88
C ASP A 900 47.93 -19.52 10.01
N ALA A 901 46.85 -18.77 10.19
CA ALA A 901 47.00 -17.33 10.37
C ALA A 901 47.88 -17.09 11.60
N SER A 902 48.61 -15.97 11.60
CA SER A 902 49.48 -15.63 12.71
C SER A 902 48.75 -15.51 14.02
N GLY A 903 49.50 -15.66 15.11
CA GLY A 903 48.91 -15.55 16.44
C GLY A 903 48.27 -14.19 16.66
N ASP A 904 48.88 -13.14 16.13
CA ASP A 904 48.32 -11.80 16.31
C ASP A 904 46.95 -11.75 15.66
N VAL A 905 46.92 -12.04 14.36
CA VAL A 905 45.68 -12.04 13.60
C VAL A 905 44.63 -12.89 14.32
N LYS A 906 45.00 -14.11 14.68
CA LYS A 906 44.07 -14.99 15.38
C LYS A 906 43.58 -14.38 16.69
N GLU A 907 44.47 -13.70 17.41
CA GLU A 907 44.06 -13.09 18.67
C GLU A 907 43.03 -12.00 18.39
N ALA A 908 43.25 -11.22 17.32
CA ALA A 908 42.35 -10.14 16.94
C ALA A 908 41.00 -10.70 16.51
N LEU A 909 41.01 -11.74 15.69
CA LEU A 909 39.78 -12.35 15.24
C LEU A 909 38.97 -12.85 16.43
N GLN A 910 39.65 -13.55 17.34
CA GLN A 910 38.98 -14.10 18.51
C GLN A 910 38.37 -12.95 19.31
N GLY A 911 39.09 -11.84 19.38
CA GLY A 911 38.59 -10.70 20.10
C GLY A 911 37.37 -10.12 19.42
N TRP A 912 37.43 -10.00 18.09
CA TRP A 912 36.28 -9.46 17.35
C TRP A 912 35.07 -10.37 17.47
N LEU A 913 35.26 -11.66 17.28
CA LEU A 913 34.14 -12.57 17.38
C LEU A 913 33.48 -12.46 18.74
N ALA A 914 34.29 -12.32 19.79
CA ALA A 914 33.73 -12.23 21.13
C ALA A 914 33.02 -10.90 21.36
N GLY A 915 33.52 -9.83 20.76
CA GLY A 915 32.89 -8.52 20.94
C GLY A 915 32.11 -8.04 19.72
N LYS A 916 31.84 -8.97 18.81
CA LYS A 916 31.12 -8.74 17.56
C LYS A 916 30.01 -7.68 17.63
N ASN A 917 29.13 -7.81 18.62
CA ASN A 917 28.05 -6.87 18.72
C ASN A 917 28.23 -5.77 19.76
N ASP A 918 29.46 -5.59 20.21
CA ASP A 918 29.76 -4.55 21.16
C ASP A 918 30.47 -3.42 20.42
N PRO A 919 29.92 -2.20 20.50
CA PRO A 919 30.51 -1.03 19.83
C PRO A 919 31.98 -0.80 20.24
N ILE A 920 32.29 -0.96 21.53
CA ILE A 920 33.66 -0.74 22.00
C ILE A 920 34.63 -1.83 21.55
N LYS A 921 34.32 -3.08 21.89
CA LYS A 921 35.18 -4.19 21.53
C LYS A 921 35.25 -4.50 20.04
N SER A 922 34.12 -4.42 19.32
CA SER A 922 34.19 -4.71 17.89
C SER A 922 35.12 -3.72 17.20
N LYS A 923 35.11 -2.46 17.62
CA LYS A 923 35.97 -1.45 17.02
C LYS A 923 37.42 -1.65 17.45
N GLU A 924 37.61 -1.96 18.71
CA GLU A 924 38.95 -2.18 19.23
C GLU A 924 39.67 -3.26 18.42
N TYR A 925 39.07 -4.44 18.30
CA TYR A 925 39.72 -5.50 17.54
C TYR A 925 39.64 -5.29 16.03
N GLY A 926 38.55 -4.70 15.57
CA GLY A 926 38.41 -4.45 14.16
C GLY A 926 39.52 -3.50 13.76
N ASP A 927 39.83 -2.56 14.63
CA ASP A 927 40.89 -1.62 14.31
C ASP A 927 42.26 -2.34 14.26
N LYS A 928 42.46 -3.35 15.10
CA LYS A 928 43.72 -4.09 15.06
C LYS A 928 43.80 -4.83 13.73
N LEU A 929 42.65 -5.36 13.30
CA LEU A 929 42.58 -6.09 12.04
C LEU A 929 42.88 -5.22 10.82
N LYS A 930 42.37 -3.99 10.79
CA LYS A 930 42.66 -3.14 9.64
C LYS A 930 44.16 -2.98 9.55
N LYS A 931 44.81 -2.90 10.70
CA LYS A 931 46.26 -2.76 10.73
C LYS A 931 46.95 -4.06 10.33
N LEU A 932 46.68 -5.14 11.07
CA LEU A 932 47.28 -6.44 10.80
C LEU A 932 47.07 -6.99 9.39
N LEU A 933 45.86 -6.87 8.86
CA LEU A 933 45.56 -7.40 7.54
C LEU A 933 45.76 -6.41 6.40
N ALA A 934 46.35 -5.26 6.71
CA ALA A 934 46.59 -4.24 5.70
C ALA A 934 47.39 -4.84 4.56
N GLY A 935 46.91 -4.64 3.33
CA GLY A 935 47.60 -5.15 2.16
C GLY A 935 47.23 -6.56 1.71
N GLN A 936 46.69 -7.37 2.62
CA GLN A 936 46.29 -8.73 2.31
C GLN A 936 45.19 -8.73 1.25
N LYS A 937 45.44 -9.40 0.12
CA LYS A 937 44.47 -9.47 -0.97
C LYS A 937 44.16 -10.89 -1.41
N ASP A 938 44.80 -11.89 -0.81
CA ASP A 938 44.57 -13.26 -1.22
C ASP A 938 43.90 -14.17 -0.19
N GLY A 939 43.10 -15.10 -0.72
CA GLY A 939 42.41 -16.06 0.13
C GLY A 939 41.52 -15.49 1.21
N LEU A 940 41.33 -16.28 2.26
CA LEU A 940 40.49 -15.96 3.41
C LEU A 940 40.79 -14.63 4.07
N LEU A 941 42.06 -14.41 4.44
CA LEU A 941 42.42 -13.15 5.08
C LEU A 941 42.13 -12.00 4.12
N GLY A 942 42.12 -12.31 2.83
CA GLY A 942 41.82 -11.29 1.83
C GLY A 942 40.37 -10.85 1.91
N GLN A 943 39.45 -11.80 1.95
CA GLN A 943 38.03 -11.50 2.02
C GLN A 943 37.77 -10.72 3.30
N ILE A 944 38.37 -11.17 4.40
CA ILE A 944 38.19 -10.52 5.68
C ILE A 944 38.75 -9.11 5.69
N ALA A 945 39.81 -8.88 4.93
CA ALA A 945 40.41 -7.55 4.92
C ALA A 945 39.55 -6.58 4.13
N ALA A 946 38.80 -7.13 3.18
CA ALA A 946 37.94 -6.35 2.30
C ALA A 946 36.58 -6.08 2.93
N MET A 947 36.38 -6.53 4.16
CA MET A 947 35.11 -6.32 4.85
C MET A 947 35.25 -5.43 6.08
N SER A 948 36.26 -4.58 6.08
CA SER A 948 36.54 -3.70 7.23
C SER A 948 35.43 -2.74 7.57
N ASP A 949 34.65 -2.32 6.59
CA ASP A 949 33.58 -1.39 6.93
C ASP A 949 32.44 -2.12 7.66
N LEU A 950 32.69 -3.37 8.02
CA LEU A 950 31.70 -4.16 8.75
C LEU A 950 32.19 -4.57 10.15
N TYR A 951 33.43 -4.24 10.45
CA TYR A 951 34.03 -4.60 11.74
C TYR A 951 33.31 -4.01 12.96
N THR A 952 33.19 -2.69 13.05
CA THR A 952 32.54 -2.17 14.25
C THR A 952 31.02 -2.21 14.16
N LYS A 953 30.41 -2.58 15.29
CA LYS A 953 28.97 -2.70 15.44
C LYS A 953 28.27 -1.43 14.98
N LYS A 954 27.38 -1.55 14.01
CA LYS A 954 26.65 -0.40 13.48
C LYS A 954 25.40 -0.14 14.31
N SER A 955 24.85 1.06 14.18
CA SER A 955 23.66 1.45 14.93
C SER A 955 22.56 1.83 13.94
N VAL A 956 21.55 0.97 13.80
CA VAL A 956 20.47 1.26 12.86
C VAL A 956 19.34 2.06 13.49
N TRP A 957 19.14 3.27 12.98
CA TRP A 957 18.08 4.13 13.48
C TRP A 957 17.02 4.42 12.43
N ILE A 958 15.79 4.57 12.91
CA ILE A 958 14.64 4.88 12.09
C ILE A 958 14.07 6.19 12.62
N PHE A 959 14.22 7.27 11.86
CA PHE A 959 13.71 8.60 12.22
C PHE A 959 12.36 8.87 11.57
N GLY A 960 11.41 9.41 12.34
CA GLY A 960 10.11 9.70 11.77
C GLY A 960 9.24 10.57 12.63
N GLY A 961 8.31 11.29 11.99
CA GLY A 961 7.40 12.16 12.70
C GLY A 961 6.24 11.36 13.25
N ASP A 962 5.30 12.03 13.91
CA ASP A 962 4.15 11.35 14.50
C ASP A 962 3.14 10.84 13.46
N GLY A 963 3.00 11.56 12.35
CA GLY A 963 2.08 11.15 11.31
C GLY A 963 2.55 9.81 10.74
N TRP A 964 3.87 9.68 10.60
CA TRP A 964 4.44 8.43 10.12
C TRP A 964 4.16 7.30 11.14
N ALA A 965 4.63 7.54 12.36
CA ALA A 965 4.53 6.59 13.46
C ALA A 965 3.17 6.21 14.00
N TYR A 966 2.25 7.16 14.14
CA TYR A 966 0.93 6.85 14.67
C TYR A 966 -0.07 6.53 13.58
N ASP A 967 0.26 6.89 12.34
CA ASP A 967 -0.67 6.67 11.25
C ASP A 967 -0.20 5.77 10.10
N ILE A 968 0.23 6.39 9.00
CA ILE A 968 0.62 5.65 7.82
C ILE A 968 1.67 4.53 7.96
N GLY A 969 2.68 4.74 8.79
CA GLY A 969 3.67 3.70 8.95
C GLY A 969 3.55 2.89 10.23
N TYR A 970 2.45 3.06 10.95
CA TYR A 970 2.24 2.37 12.20
C TYR A 970 2.23 0.85 12.08
N GLY A 971 1.59 0.33 11.05
CA GLY A 971 1.55 -1.11 10.85
C GLY A 971 2.95 -1.67 10.65
N GLY A 972 3.78 -0.92 9.94
CA GLY A 972 5.14 -1.34 9.69
C GLY A 972 6.00 -1.15 10.94
N LEU A 973 5.74 -0.09 11.69
CA LEU A 973 6.49 0.18 12.90
C LEU A 973 6.21 -0.94 13.90
N ASP A 974 4.93 -1.26 14.03
CA ASP A 974 4.47 -2.30 14.94
C ASP A 974 5.11 -3.65 14.61
N HIS A 975 5.15 -4.00 13.32
CA HIS A 975 5.73 -5.28 12.92
C HIS A 975 7.25 -5.30 13.15
N VAL A 976 7.92 -4.20 12.89
CA VAL A 976 9.35 -4.17 13.07
C VAL A 976 9.79 -4.27 14.53
N LEU A 977 9.09 -3.58 15.40
CA LEU A 977 9.41 -3.62 16.83
C LEU A 977 9.09 -5.04 17.35
N ALA A 978 8.02 -5.63 16.82
CA ALA A 978 7.63 -6.95 17.25
C ALA A 978 8.61 -8.01 16.76
N SER A 979 9.50 -7.65 15.84
CA SER A 979 10.46 -8.62 15.31
C SER A 979 11.51 -8.98 16.35
N GLY A 980 11.68 -8.12 17.35
CA GLY A 980 12.66 -8.39 18.37
C GLY A 980 14.08 -8.12 17.90
N GLU A 981 14.25 -7.56 16.70
CA GLU A 981 15.61 -7.29 16.22
C GLU A 981 16.16 -5.99 16.76
N ASP A 982 17.47 -5.81 16.65
CA ASP A 982 18.14 -4.62 17.17
C ASP A 982 18.07 -3.35 16.34
N VAL A 983 16.96 -2.63 16.42
CA VAL A 983 16.85 -1.37 15.68
C VAL A 983 16.40 -0.33 16.67
N ASN A 984 16.59 0.94 16.28
CA ASN A 984 16.24 2.06 17.13
C ASN A 984 15.30 3.00 16.43
N VAL A 985 14.11 3.17 16.98
CA VAL A 985 13.15 4.06 16.38
C VAL A 985 13.07 5.34 17.18
N PHE A 986 13.27 6.47 16.52
CA PHE A 986 13.17 7.75 17.19
C PHE A 986 12.03 8.54 16.58
N VAL A 987 10.98 8.74 17.36
CA VAL A 987 9.82 9.46 16.89
C VAL A 987 9.77 10.90 17.38
N MET A 988 9.80 11.83 16.43
CA MET A 988 9.74 13.25 16.74
C MET A 988 8.27 13.60 16.64
N ASP A 989 7.62 13.67 17.79
CA ASP A 989 6.20 13.95 17.87
C ASP A 989 5.93 15.47 17.88
N THR A 990 5.38 15.99 16.77
CA THR A 990 5.04 17.40 16.65
C THR A 990 3.53 17.52 16.83
N GLU A 991 2.90 16.39 17.07
CA GLU A 991 1.46 16.30 17.27
C GLU A 991 0.61 16.79 16.09
N VAL A 992 1.21 16.72 14.89
CA VAL A 992 0.54 17.05 13.64
C VAL A 992 1.41 16.67 12.45
N TYR A 993 0.78 16.61 11.28
CA TYR A 993 1.50 16.39 10.03
C TYR A 993 2.00 17.83 9.79
N SER A 994 3.25 18.08 10.17
CA SER A 994 3.83 19.42 10.03
C SER A 994 4.15 19.84 8.60
N ASN A 995 5.06 19.10 7.98
CA ASN A 995 5.52 19.46 6.65
C ASN A 995 4.46 19.73 5.62
N THR A 996 3.33 19.02 5.70
CA THR A 996 2.26 19.17 4.72
C THR A 996 1.27 20.29 5.04
N GLY A 997 1.49 20.98 6.16
CA GLY A 997 0.59 22.06 6.51
C GLY A 997 -0.30 21.91 7.72
N GLY A 998 0.20 21.25 8.77
CA GLY A 998 -0.55 21.07 10.00
C GLY A 998 -1.83 20.26 10.04
N GLN A 999 -1.83 19.09 9.41
CA GLN A 999 -3.02 18.25 9.45
C GLN A 999 -3.01 17.39 10.70
N SER A 1000 -4.18 17.15 11.26
CA SER A 1000 -4.29 16.33 12.44
C SER A 1000 -3.77 14.91 12.18
N SER A 1001 -3.21 14.29 13.23
CA SER A 1001 -2.70 12.92 13.14
C SER A 1001 -3.27 12.25 14.39
N LYS A 1002 -3.20 10.92 14.48
CA LYS A 1002 -3.73 10.28 15.68
C LYS A 1002 -2.91 10.64 16.91
N ALA A 1003 -1.82 11.38 16.67
CA ALA A 1003 -0.94 11.84 17.74
C ALA A 1003 -1.44 13.21 18.24
N THR A 1004 -2.33 13.84 17.48
CA THR A 1004 -2.90 15.14 17.84
C THR A 1004 -3.72 14.97 19.12
N PRO A 1005 -3.53 15.86 20.11
CA PRO A 1005 -4.27 15.78 21.36
C PRO A 1005 -5.71 16.30 21.32
N THR A 1006 -6.47 15.92 22.34
CA THR A 1006 -7.85 16.36 22.49
C THR A 1006 -7.90 17.89 22.56
N GLY A 1007 -8.84 18.48 21.84
CA GLY A 1007 -8.97 19.92 21.85
C GLY A 1007 -8.00 20.72 21.01
N ALA A 1008 -6.92 20.10 20.52
CA ALA A 1008 -5.97 20.85 19.69
C ALA A 1008 -6.62 21.18 18.35
N VAL A 1009 -6.36 22.39 17.85
CA VAL A 1009 -6.89 22.81 16.58
C VAL A 1009 -5.86 22.49 15.49
N ALA A 1010 -6.32 21.87 14.41
CA ALA A 1010 -5.45 21.50 13.29
C ALA A 1010 -6.35 21.19 12.12
N LYS A 1011 -5.78 21.07 10.92
CA LYS A 1011 -6.60 20.77 9.74
C LYS A 1011 -7.30 19.40 9.95
N PHE A 1012 -8.60 19.34 9.65
CA PHE A 1012 -9.45 18.15 9.81
C PHE A 1012 -9.75 17.89 11.27
N ALA A 1013 -9.62 18.96 12.07
CA ALA A 1013 -9.89 18.96 13.51
C ALA A 1013 -9.93 20.45 13.86
N ALA A 1014 -10.60 21.21 13.00
CA ALA A 1014 -10.70 22.66 13.12
C ALA A 1014 -11.65 23.19 14.22
N ALA A 1015 -12.26 22.30 14.97
CA ALA A 1015 -13.15 22.69 16.05
C ALA A 1015 -12.53 22.05 17.28
N GLY A 1016 -11.28 21.63 17.14
CA GLY A 1016 -10.59 20.94 18.21
C GLY A 1016 -10.80 19.44 17.98
N LYS A 1017 -9.71 18.68 18.02
CA LYS A 1017 -9.82 17.25 17.82
C LYS A 1017 -10.74 16.66 18.90
N ARG A 1018 -11.67 15.81 18.48
CA ARG A 1018 -12.63 15.21 19.40
C ARG A 1018 -12.37 13.77 19.85
N THR A 1019 -11.12 13.33 19.71
CA THR A 1019 -10.69 12.01 20.17
C THR A 1019 -9.34 12.26 20.88
N GLY A 1020 -9.08 11.54 21.97
CA GLY A 1020 -7.83 11.73 22.68
C GLY A 1020 -6.62 11.33 21.84
N LYS A 1021 -5.41 11.66 22.30
CA LYS A 1021 -4.19 11.31 21.60
C LYS A 1021 -3.92 9.80 21.72
N LYS A 1022 -3.66 9.13 20.59
CA LYS A 1022 -3.38 7.71 20.61
C LYS A 1022 -2.16 7.42 21.49
N ASP A 1023 -2.23 6.38 22.30
CA ASP A 1023 -1.13 6.05 23.19
C ASP A 1023 -0.19 5.02 22.60
N LEU A 1024 0.64 5.46 21.66
CA LEU A 1024 1.60 4.57 21.00
C LEU A 1024 2.55 3.87 21.99
N ALA A 1025 3.08 4.61 22.95
CA ALA A 1025 3.99 4.05 23.96
C ALA A 1025 3.38 2.88 24.75
N ARG A 1026 2.19 3.08 25.30
CA ARG A 1026 1.56 2.02 26.04
C ARG A 1026 1.22 0.84 25.13
N MET A 1027 0.89 1.09 23.87
CA MET A 1027 0.57 -0.01 22.97
C MET A 1027 1.82 -0.87 22.71
N VAL A 1028 2.97 -0.22 22.55
CA VAL A 1028 4.19 -0.93 22.31
C VAL A 1028 4.66 -1.67 23.58
N MET A 1029 4.38 -1.10 24.75
CA MET A 1029 4.79 -1.74 25.99
C MET A 1029 4.13 -3.09 26.27
N THR A 1030 3.01 -3.37 25.62
CA THR A 1030 2.32 -4.65 25.84
C THR A 1030 3.14 -5.82 25.34
N TYR A 1031 4.13 -5.53 24.50
CA TYR A 1031 4.99 -6.58 23.97
C TYR A 1031 5.85 -7.18 25.07
N GLY A 1032 6.33 -6.32 25.98
CA GLY A 1032 7.18 -6.78 27.05
C GLY A 1032 8.66 -6.86 26.67
N TYR A 1033 8.98 -7.05 25.39
CA TYR A 1033 10.39 -7.16 25.01
C TYR A 1033 10.94 -6.00 24.22
N VAL A 1034 10.19 -4.93 24.14
CA VAL A 1034 10.64 -3.75 23.40
C VAL A 1034 10.93 -2.64 24.37
N TYR A 1035 12.11 -2.03 24.25
CA TYR A 1035 12.48 -0.91 25.12
C TYR A 1035 11.68 0.29 24.65
N VAL A 1036 10.90 0.90 25.55
CA VAL A 1036 10.09 2.08 25.19
C VAL A 1036 10.38 3.23 26.16
N ALA A 1037 10.54 4.43 25.64
CA ALA A 1037 10.80 5.58 26.49
C ALA A 1037 10.31 6.88 25.88
N THR A 1038 10.09 7.86 26.75
CA THR A 1038 9.65 9.17 26.31
C THR A 1038 10.65 10.21 26.81
N VAL A 1039 10.85 11.26 26.03
CA VAL A 1039 11.79 12.31 26.39
C VAL A 1039 11.27 13.70 26.04
N SER A 1040 11.95 14.71 26.55
CA SER A 1040 11.61 16.12 26.35
C SER A 1040 12.83 16.91 26.77
N MET A 1041 13.63 17.31 25.79
CA MET A 1041 14.86 18.03 26.08
C MET A 1041 14.70 19.14 27.12
N GLY A 1042 13.71 20.01 26.92
CA GLY A 1042 13.49 21.10 27.84
C GLY A 1042 13.32 20.71 29.30
N TYR A 1043 12.76 19.54 29.54
CA TYR A 1043 12.58 19.11 30.91
C TYR A 1043 13.87 18.55 31.47
N SER A 1044 14.50 17.65 30.72
CA SER A 1044 15.74 17.04 31.19
C SER A 1044 16.66 16.55 30.08
N LYS A 1045 17.82 17.19 29.95
CA LYS A 1045 18.79 16.80 28.95
C LYS A 1045 19.46 15.52 29.41
N GLN A 1046 19.55 15.33 30.71
CA GLN A 1046 20.18 14.14 31.24
C GLN A 1046 19.34 12.91 31.03
N GLN A 1047 18.03 13.04 31.24
CA GLN A 1047 17.15 11.91 31.05
C GLN A 1047 17.13 11.54 29.55
N PHE A 1048 17.30 12.55 28.69
CA PHE A 1048 17.32 12.32 27.25
C PHE A 1048 18.54 11.48 26.91
N LEU A 1049 19.71 11.95 27.32
CA LEU A 1049 20.95 11.20 27.07
C LEU A 1049 20.90 9.78 27.68
N LYS A 1050 20.35 9.67 28.88
CA LYS A 1050 20.24 8.37 29.56
C LYS A 1050 19.40 7.46 28.66
N VAL A 1051 18.26 7.99 28.20
CA VAL A 1051 17.39 7.23 27.31
C VAL A 1051 18.16 6.82 26.05
N LEU A 1052 18.82 7.78 25.42
CA LEU A 1052 19.57 7.48 24.21
C LEU A 1052 20.51 6.31 24.40
N LYS A 1053 21.30 6.32 25.48
CA LYS A 1053 22.25 5.23 25.73
C LYS A 1053 21.55 3.90 26.05
N GLU A 1054 20.49 3.94 26.85
CA GLU A 1054 19.79 2.72 27.21
C GLU A 1054 19.04 2.11 26.02
N ALA A 1055 18.50 2.95 25.13
CA ALA A 1055 17.75 2.44 23.99
C ALA A 1055 18.68 1.80 22.97
N GLU A 1056 19.74 2.51 22.64
CA GLU A 1056 20.72 2.04 21.66
C GLU A 1056 21.44 0.76 22.13
N SER A 1057 21.75 0.69 23.42
CA SER A 1057 22.46 -0.47 23.98
C SER A 1057 21.51 -1.67 24.20
N PHE A 1058 20.21 -1.45 24.12
CA PHE A 1058 19.27 -2.56 24.30
C PHE A 1058 19.42 -3.50 23.12
N PRO A 1059 19.69 -4.79 23.39
CA PRO A 1059 19.85 -5.77 22.32
C PRO A 1059 18.53 -6.32 21.82
N GLY A 1060 17.65 -5.41 21.45
CA GLY A 1060 16.33 -5.76 20.96
C GLY A 1060 15.81 -4.48 20.32
N PRO A 1061 14.49 -4.34 20.12
CA PRO A 1061 13.89 -3.15 19.51
C PRO A 1061 13.72 -2.01 20.52
N SER A 1062 14.00 -0.79 20.08
CA SER A 1062 13.85 0.37 20.93
C SER A 1062 13.02 1.45 20.26
N LEU A 1063 12.14 2.06 21.03
CA LEU A 1063 11.28 3.13 20.55
C LEU A 1063 11.38 4.30 21.51
N VAL A 1064 11.76 5.46 20.98
CA VAL A 1064 11.89 6.65 21.79
C VAL A 1064 11.00 7.73 21.21
N ILE A 1065 10.07 8.23 22.00
CA ILE A 1065 9.15 9.26 21.55
C ILE A 1065 9.51 10.59 22.20
N ALA A 1066 9.86 11.58 21.38
CA ALA A 1066 10.26 12.91 21.89
C ALA A 1066 9.24 14.03 21.65
N TYR A 1067 9.06 14.91 22.63
CA TYR A 1067 8.13 16.03 22.45
C TYR A 1067 8.85 17.05 21.55
N ALA A 1068 8.29 17.33 20.38
CA ALA A 1068 8.90 18.28 19.46
C ALA A 1068 8.04 19.50 19.19
N THR A 1069 8.56 20.67 19.54
CA THR A 1069 7.82 21.90 19.33
C THR A 1069 7.86 22.21 17.85
N CYS A 1070 6.84 22.91 17.37
CA CYS A 1070 6.75 23.22 15.97
C CYS A 1070 5.97 24.51 15.75
N ILE A 1071 6.29 25.22 14.67
CA ILE A 1071 5.60 26.45 14.36
C ILE A 1071 4.07 26.28 14.24
N ASN A 1072 3.64 25.08 13.82
CA ASN A 1072 2.21 24.76 13.67
C ASN A 1072 1.49 24.82 15.02
N GLN A 1073 2.22 24.62 16.12
CA GLN A 1073 1.60 24.63 17.44
C GLN A 1073 1.29 26.07 17.89
N GLY A 1074 1.97 27.02 17.26
CA GLY A 1074 1.76 28.43 17.57
C GLY A 1074 2.18 28.88 18.96
N LEU A 1075 3.44 28.68 19.32
CA LEU A 1075 3.95 29.10 20.62
C LEU A 1075 3.86 30.65 20.70
N ARG A 1076 3.00 31.14 21.61
CA ARG A 1076 2.72 32.57 21.81
C ARG A 1076 3.90 33.54 22.00
N LYS A 1077 4.97 33.09 22.63
CA LYS A 1077 6.11 33.98 22.86
C LYS A 1077 7.29 33.68 21.95
N GLY A 1078 7.04 32.89 20.90
CA GLY A 1078 8.08 32.55 19.94
C GLY A 1078 8.67 31.16 20.11
N MET A 1079 9.34 30.68 19.06
CA MET A 1079 9.93 29.35 19.10
C MET A 1079 11.16 29.32 20.01
N GLY A 1080 11.63 30.49 20.42
CA GLY A 1080 12.77 30.56 21.32
C GLY A 1080 12.38 30.10 22.72
N LYS A 1081 11.10 29.82 22.93
CA LYS A 1081 10.62 29.36 24.22
C LYS A 1081 10.39 27.85 24.15
N SER A 1082 10.89 27.23 23.08
CA SER A 1082 10.72 25.79 22.89
C SER A 1082 11.19 24.96 24.07
N GLN A 1083 12.43 25.19 24.50
CA GLN A 1083 12.97 24.45 25.64
C GLN A 1083 12.08 24.62 26.87
N ASP A 1084 11.57 25.82 27.09
CA ASP A 1084 10.72 26.06 28.25
C ASP A 1084 9.36 25.41 28.09
N VAL A 1085 8.87 25.35 26.86
CA VAL A 1085 7.59 24.72 26.59
C VAL A 1085 7.73 23.19 26.79
N MET A 1086 8.88 22.64 26.40
CA MET A 1086 9.14 21.21 26.57
C MET A 1086 9.14 20.90 28.07
N ASN A 1087 9.76 21.82 28.82
CA ASN A 1087 9.87 21.70 30.27
C ASN A 1087 8.47 21.69 30.88
N THR A 1088 7.65 22.65 30.47
CA THR A 1088 6.28 22.75 30.97
C THR A 1088 5.43 21.57 30.49
N ALA A 1089 5.70 21.08 29.29
CA ALA A 1089 4.92 19.96 28.76
C ALA A 1089 5.03 18.83 29.76
N VAL A 1090 6.23 18.61 30.29
CA VAL A 1090 6.42 17.55 31.26
C VAL A 1090 5.87 17.90 32.64
N LYS A 1091 6.29 19.04 33.19
CA LYS A 1091 5.82 19.40 34.54
C LYS A 1091 4.30 19.42 34.71
N SER A 1092 3.59 19.88 33.69
CA SER A 1092 2.14 19.95 33.70
C SER A 1092 1.50 18.57 33.68
N GLY A 1093 2.30 17.55 33.40
CA GLY A 1093 1.76 16.20 33.36
C GLY A 1093 1.21 15.89 31.97
N TYR A 1094 1.31 16.88 31.08
CA TYR A 1094 0.82 16.74 29.72
C TYR A 1094 1.66 15.71 28.96
N TRP A 1095 2.96 15.71 29.24
CA TRP A 1095 3.91 14.81 28.59
C TRP A 1095 4.83 14.07 29.58
N PRO A 1096 4.29 13.10 30.32
CA PRO A 1096 5.11 12.36 31.28
C PRO A 1096 6.27 11.61 30.66
N LEU A 1097 7.40 11.60 31.37
CA LEU A 1097 8.60 10.91 30.88
C LEU A 1097 8.78 9.60 31.64
N PHE A 1098 9.09 8.55 30.90
CA PHE A 1098 9.28 7.23 31.49
C PHE A 1098 10.16 6.34 30.62
N ARG A 1099 10.42 5.14 31.13
CA ARG A 1099 11.24 4.18 30.41
C ARG A 1099 10.75 2.79 30.73
N TYR A 1100 10.66 1.95 29.70
CA TYR A 1100 10.26 0.58 29.88
C TYR A 1100 11.49 -0.19 29.40
N ASP A 1101 12.18 -0.84 30.32
CA ASP A 1101 13.40 -1.59 29.98
C ASP A 1101 13.29 -3.07 30.27
N PRO A 1102 13.04 -3.90 29.24
CA PRO A 1102 12.92 -5.34 29.40
C PRO A 1102 14.02 -6.07 30.16
N ARG A 1103 15.26 -5.59 30.13
CA ARG A 1103 16.30 -6.31 30.84
C ARG A 1103 16.21 -6.20 32.37
N LEU A 1104 15.47 -5.20 32.86
CA LEU A 1104 15.29 -5.11 34.31
C LEU A 1104 14.42 -6.29 34.80
N ALA A 1105 13.39 -6.63 34.01
CA ALA A 1105 12.50 -7.74 34.35
C ALA A 1105 13.33 -9.03 34.36
N ALA A 1106 14.29 -9.10 33.46
CA ALA A 1106 15.16 -10.27 33.37
C ALA A 1106 15.97 -10.42 34.65
N GLN A 1107 15.73 -9.55 35.62
CA GLN A 1107 16.44 -9.63 36.90
C GLN A 1107 15.50 -9.27 38.05
N GLY A 1108 14.27 -9.74 37.91
CA GLY A 1108 13.26 -9.52 38.94
C GLY A 1108 12.80 -8.10 39.22
N LYS A 1109 13.38 -7.09 38.55
CA LYS A 1109 12.95 -5.71 38.78
C LYS A 1109 11.94 -5.25 37.73
N ASN A 1110 11.08 -4.32 38.11
CA ASN A 1110 10.03 -3.77 37.24
C ASN A 1110 10.64 -3.02 36.07
N PRO A 1111 10.33 -3.42 34.82
CA PRO A 1111 10.88 -2.75 33.64
C PRO A 1111 10.40 -1.30 33.44
N PHE A 1112 9.29 -0.94 34.07
CA PHE A 1112 8.73 0.39 33.94
C PHE A 1112 9.15 1.39 35.03
N GLN A 1113 9.71 2.52 34.61
CA GLN A 1113 10.15 3.52 35.57
C GLN A 1113 9.63 4.87 35.13
N LEU A 1114 8.98 5.58 36.06
CA LEU A 1114 8.46 6.91 35.80
C LEU A 1114 9.64 7.87 36.01
N ASP A 1115 9.81 8.85 35.13
CA ASP A 1115 10.90 9.79 35.28
C ASP A 1115 10.46 11.21 35.61
N SER A 1116 9.16 11.47 35.59
CA SER A 1116 8.67 12.79 35.91
C SER A 1116 7.66 12.72 37.05
N LYS A 1117 7.35 13.87 37.65
CA LYS A 1117 6.41 13.94 38.77
C LYS A 1117 4.99 14.21 38.37
N ALA A 1118 4.06 13.97 39.29
CA ALA A 1118 2.62 14.16 39.05
C ALA A 1118 2.27 15.53 38.50
N PRO A 1119 1.14 15.65 37.80
CA PRO A 1119 0.71 16.92 37.22
C PRO A 1119 0.76 18.04 38.26
N ASP A 1120 1.51 19.09 37.98
CA ASP A 1120 1.64 20.22 38.91
C ASP A 1120 0.57 21.31 38.80
N GLY A 1121 -0.46 21.08 37.99
CA GLY A 1121 -1.54 22.05 37.86
C GLY A 1121 -1.37 23.19 36.87
N SER A 1122 -0.26 23.21 36.15
CA SER A 1122 -0.04 24.28 35.18
C SER A 1122 -0.53 24.02 33.73
N VAL A 1123 -1.21 22.89 33.53
CA VAL A 1123 -1.65 22.56 32.18
C VAL A 1123 -2.46 23.67 31.49
N GLU A 1124 -3.37 24.32 32.21
CA GLU A 1124 -4.18 25.39 31.63
C GLU A 1124 -3.35 26.49 30.96
N GLU A 1125 -2.30 26.98 31.64
CA GLU A 1125 -1.47 28.02 31.04
C GLU A 1125 -0.57 27.46 29.92
N PHE A 1126 -0.24 26.17 30.03
CA PHE A 1126 0.58 25.48 29.04
C PHE A 1126 -0.20 25.41 27.71
N LEU A 1127 -1.49 25.11 27.80
CA LEU A 1127 -2.33 25.02 26.61
C LEU A 1127 -2.64 26.42 26.07
N MET A 1128 -3.06 27.33 26.95
CA MET A 1128 -3.39 28.69 26.52
C MET A 1128 -2.20 29.43 25.94
N ALA A 1129 -1.01 28.88 26.13
CA ALA A 1129 0.20 29.52 25.62
C ALA A 1129 0.52 29.06 24.21
N GLN A 1130 -0.39 28.30 23.62
CA GLN A 1130 -0.22 27.80 22.25
C GLN A 1130 -1.48 28.17 21.48
N ASN A 1131 -1.30 28.68 20.26
CA ASN A 1131 -2.44 29.09 19.45
C ASN A 1131 -3.29 27.91 19.01
N ARG A 1132 -2.68 26.75 18.85
CA ARG A 1132 -3.42 25.57 18.46
C ARG A 1132 -4.53 25.28 19.49
N PHE A 1133 -4.41 25.87 20.69
CA PHE A 1133 -5.42 25.71 21.73
C PHE A 1133 -6.14 27.05 21.96
N ALA A 1134 -5.35 28.11 22.07
CA ALA A 1134 -5.87 29.46 22.28
C ALA A 1134 -6.91 29.92 21.24
N VAL A 1135 -6.71 29.60 19.96
CA VAL A 1135 -7.69 30.00 18.94
C VAL A 1135 -9.07 29.45 19.22
N LEU A 1136 -9.11 28.19 19.64
CA LEU A 1136 -10.39 27.56 19.92
C LEU A 1136 -11.07 28.30 21.07
N ASP A 1137 -10.28 28.78 22.03
CA ASP A 1137 -10.81 29.52 23.17
C ASP A 1137 -11.47 30.82 22.70
N ARG A 1138 -10.83 31.50 21.77
CA ARG A 1138 -11.35 32.74 21.24
C ARG A 1138 -12.52 32.52 20.29
N SER A 1139 -12.63 31.33 19.71
CA SER A 1139 -13.69 31.08 18.75
C SER A 1139 -14.85 30.27 19.31
N PHE A 1140 -14.55 29.28 20.14
CA PHE A 1140 -15.58 28.46 20.73
C PHE A 1140 -15.20 28.27 22.20
N PRO A 1141 -15.24 29.38 22.96
CA PRO A 1141 -14.92 29.45 24.38
C PRO A 1141 -15.62 28.41 25.23
N GLU A 1142 -16.90 28.16 24.94
CA GLU A 1142 -17.67 27.17 25.67
C GLU A 1142 -17.04 25.78 25.52
N ASP A 1143 -17.03 25.24 24.29
CA ASP A 1143 -16.46 23.92 24.01
C ASP A 1143 -14.95 23.82 24.27
N ALA A 1144 -14.23 24.93 24.11
CA ALA A 1144 -12.79 24.97 24.36
C ALA A 1144 -12.49 24.78 25.85
N LYS A 1145 -13.32 25.37 26.71
CA LYS A 1145 -13.11 25.22 28.15
C LYS A 1145 -13.29 23.74 28.50
N ARG A 1146 -14.34 23.15 27.94
CA ARG A 1146 -14.67 21.75 28.13
C ARG A 1146 -13.52 20.86 27.61
N LEU A 1147 -13.03 21.12 26.40
CA LEU A 1147 -11.95 20.33 25.83
C LEU A 1147 -10.63 20.46 26.60
N ARG A 1148 -10.37 21.63 27.19
CA ARG A 1148 -9.13 21.79 27.94
C ARG A 1148 -9.27 21.11 29.30
N ALA A 1149 -10.49 21.02 29.79
CA ALA A 1149 -10.72 20.37 31.07
C ALA A 1149 -10.59 18.87 30.85
N GLN A 1150 -10.97 18.40 29.65
CA GLN A 1150 -10.90 16.98 29.33
C GLN A 1150 -9.44 16.53 29.25
N VAL A 1151 -8.60 17.40 28.69
CA VAL A 1151 -7.19 17.12 28.57
C VAL A 1151 -6.64 16.95 29.98
N ALA A 1152 -6.94 17.91 30.86
CA ALA A 1152 -6.43 17.83 32.22
C ALA A 1152 -6.91 16.56 32.91
N HIS A 1153 -8.10 16.10 32.53
CA HIS A 1153 -8.65 14.89 33.11
C HIS A 1153 -7.93 13.66 32.54
N GLU A 1154 -7.76 13.63 31.22
CA GLU A 1154 -7.09 12.50 30.59
C GLU A 1154 -5.68 12.34 31.16
N LEU A 1155 -4.89 13.41 31.18
CA LEU A 1155 -3.53 13.31 31.67
C LEU A 1155 -3.48 12.92 33.15
N ASP A 1156 -4.49 13.32 33.92
CA ASP A 1156 -4.50 12.96 35.32
C ASP A 1156 -4.71 11.46 35.47
N VAL A 1157 -5.57 10.91 34.61
CA VAL A 1157 -5.86 9.49 34.62
C VAL A 1157 -4.61 8.75 34.17
N ARG A 1158 -4.09 9.16 33.01
CA ARG A 1158 -2.90 8.53 32.46
C ARG A 1158 -1.74 8.54 33.45
N PHE A 1159 -1.51 9.65 34.15
CA PHE A 1159 -0.42 9.65 35.10
C PHE A 1159 -0.68 8.62 36.17
N LYS A 1160 -1.93 8.53 36.62
CA LYS A 1160 -2.26 7.55 37.65
C LYS A 1160 -2.04 6.13 37.14
N GLU A 1161 -2.27 5.91 35.85
CA GLU A 1161 -2.09 4.56 35.30
C GLU A 1161 -0.60 4.25 35.28
N LEU A 1162 0.20 5.22 34.86
CA LEU A 1162 1.63 5.06 34.81
C LEU A 1162 2.15 4.77 36.23
N GLU A 1163 1.50 5.35 37.23
CA GLU A 1163 1.92 5.14 38.61
C GLU A 1163 1.74 3.71 39.07
N HIS A 1164 0.60 3.08 38.76
CA HIS A 1164 0.45 1.69 39.19
C HIS A 1164 1.42 0.84 38.40
N MET A 1165 1.70 1.23 37.16
CA MET A 1165 2.64 0.47 36.35
C MET A 1165 3.99 0.41 37.04
N ALA A 1166 4.41 1.53 37.61
CA ALA A 1166 5.68 1.60 38.30
C ALA A 1166 5.60 0.94 39.68
N ALA A 1167 4.40 0.84 40.23
CA ALA A 1167 4.23 0.22 41.54
C ALA A 1167 4.01 -1.29 41.45
N THR A 1168 3.54 -1.74 40.30
CA THR A 1168 3.26 -3.16 40.08
C THR A 1168 4.35 -4.13 40.49
N ASN A 1169 3.95 -5.39 40.59
CA ASN A 1169 4.85 -6.47 40.97
C ASN A 1169 4.74 -7.59 39.93
N ILE A 1170 3.92 -7.37 38.91
CA ILE A 1170 3.69 -8.34 37.85
C ILE A 1170 4.38 -7.87 36.57
N PHE A 1171 5.16 -8.75 35.93
CA PHE A 1171 5.84 -8.40 34.69
C PHE A 1171 6.55 -9.57 33.99
N GLU A 1172 6.62 -9.48 32.67
CA GLU A 1172 7.24 -10.50 31.82
C GLU A 1172 8.74 -10.71 32.02
N SER A 1173 9.09 -11.88 32.54
CA SER A 1173 10.48 -12.24 32.83
C SER A 1173 10.74 -13.74 32.75
N PHE A 1174 11.37 -14.18 31.65
CA PHE A 1174 11.68 -15.61 31.45
C PHE A 1174 13.16 -15.78 31.06
N ALA A 1175 13.41 -16.19 29.82
CA ALA A 1175 14.76 -16.37 29.32
C ALA A 1175 15.10 -15.29 28.30
N PRO A 1176 16.36 -14.84 28.28
CA PRO A 1176 16.82 -13.80 27.33
C PRO A 1176 16.53 -14.18 25.86
N ALA A 1177 16.91 -15.40 25.49
CA ALA A 1177 16.71 -15.92 24.14
C ALA A 1177 17.00 -17.43 24.13
N GLY A 1178 18.08 -17.82 23.44
CA GLY A 1178 18.45 -19.23 23.39
C GLY A 1178 17.63 -20.04 22.40
N GLY A 1179 18.19 -21.15 21.93
CA GLY A 1179 17.49 -22.00 20.99
C GLY A 1179 18.18 -22.12 19.63
N LYS A 1180 17.36 -22.16 18.57
CA LYS A 1180 17.86 -22.29 17.20
C LYS A 1180 18.13 -23.75 16.85
N ALA A 1181 19.35 -24.05 16.45
CA ALA A 1181 19.73 -25.42 16.07
C ALA A 1181 19.15 -25.75 14.70
N ASP A 1182 20.02 -26.02 13.75
CA ASP A 1182 19.60 -26.35 12.38
C ASP A 1182 18.43 -27.32 12.34
N GLY A 1183 17.61 -27.17 11.30
CA GLY A 1183 16.47 -28.04 11.14
C GLY A 1183 15.17 -27.30 10.99
N SER A 1184 14.23 -27.92 10.28
CA SER A 1184 12.92 -27.33 10.07
C SER A 1184 11.95 -28.48 10.11
N VAL A 1185 10.72 -28.18 10.48
CA VAL A 1185 9.72 -29.23 10.48
C VAL A 1185 8.42 -28.58 10.03
N ASP A 1186 7.61 -29.34 9.30
CA ASP A 1186 6.36 -28.82 8.80
C ASP A 1186 5.26 -29.06 9.81
N PHE A 1187 4.45 -28.03 10.06
CA PHE A 1187 3.38 -28.12 11.03
C PHE A 1187 2.46 -29.31 10.79
N GLY A 1188 2.52 -29.90 9.60
CA GLY A 1188 1.66 -31.03 9.32
C GLY A 1188 2.32 -32.38 9.52
N GLU A 1189 3.62 -32.38 9.80
CA GLU A 1189 4.34 -33.63 9.98
C GLU A 1189 3.73 -34.48 11.08
N GLY A 1190 3.34 -35.70 10.73
CA GLY A 1190 2.77 -36.64 11.68
C GLY A 1190 1.39 -36.41 12.24
N ALA A 1191 0.67 -35.41 11.77
CA ALA A 1191 -0.69 -35.14 12.26
C ALA A 1191 -1.59 -36.35 12.07
N GLU A 1192 -2.57 -36.53 12.95
CA GLU A 1192 -3.49 -37.68 12.82
C GLU A 1192 -4.56 -37.45 11.76
N PHE A 1193 -4.89 -36.20 11.49
CA PHE A 1193 -5.90 -35.85 10.49
C PHE A 1193 -5.28 -34.90 9.46
N CYS A 1194 -5.95 -34.73 8.32
CA CYS A 1194 -5.44 -33.83 7.32
C CYS A 1194 -5.22 -32.48 7.98
N THR A 1195 -4.16 -31.82 7.55
CA THR A 1195 -3.80 -30.57 8.13
C THR A 1195 -3.85 -29.44 7.07
N ARG A 1196 -4.21 -29.82 5.86
CA ARG A 1196 -4.32 -28.88 4.76
C ARG A 1196 -5.58 -29.26 3.97
N ASP A 1197 -6.10 -28.32 3.18
CA ASP A 1197 -7.34 -28.59 2.43
C ASP A 1197 -7.15 -29.06 0.99
N ASP A 1198 -8.26 -29.24 0.27
CA ASP A 1198 -8.28 -29.69 -1.15
C ASP A 1198 -8.09 -28.56 -2.15
N THR A 1199 -7.91 -27.35 -1.62
CA THR A 1199 -7.76 -26.13 -2.38
C THR A 1199 -6.44 -25.96 -3.13
N PRO A 1200 -6.43 -25.16 -4.21
CA PRO A 1200 -5.22 -24.90 -5.01
C PRO A 1200 -4.31 -24.00 -4.19
N MET A 1201 -4.90 -23.32 -3.21
CA MET A 1201 -4.16 -22.41 -2.34
C MET A 1201 -3.20 -23.10 -1.39
N MET A 1202 -3.56 -24.31 -0.95
CA MET A 1202 -2.69 -25.04 -0.03
C MET A 1202 -1.82 -26.09 -0.71
N ALA A 1203 -2.05 -26.31 -2.00
CA ALA A 1203 -1.26 -27.31 -2.73
C ALA A 1203 0.22 -26.95 -2.69
N ARG A 1204 1.06 -27.94 -2.39
CA ARG A 1204 2.50 -27.74 -2.33
C ARG A 1204 3.15 -28.92 -3.02
N PRO A 1205 4.44 -28.82 -3.35
CA PRO A 1205 5.10 -29.94 -4.01
C PRO A 1205 4.90 -31.26 -3.26
N ASP A 1206 5.13 -31.27 -1.96
CA ASP A 1206 5.00 -32.49 -1.20
C ASP A 1206 3.57 -32.85 -0.77
N SER A 1207 2.59 -31.99 -1.00
CA SER A 1207 1.23 -32.32 -0.58
C SER A 1207 0.54 -33.33 -1.50
N GLY A 1208 -0.52 -33.96 -0.99
CA GLY A 1208 -1.24 -34.92 -1.80
C GLY A 1208 -1.38 -36.32 -1.21
N GLU A 1209 -0.82 -36.52 -0.02
CA GLU A 1209 -0.89 -37.82 0.64
C GLU A 1209 -2.30 -38.00 1.22
N ALA A 1210 -2.73 -39.25 1.34
CA ALA A 1210 -4.05 -39.53 1.88
C ALA A 1210 -4.00 -39.23 3.38
N CYS A 1211 -5.11 -38.76 3.93
CA CYS A 1211 -5.18 -38.46 5.36
C CYS A 1211 -6.66 -38.41 5.74
N ASP A 1212 -6.94 -38.47 7.04
CA ASP A 1212 -8.32 -38.43 7.54
C ASP A 1212 -8.73 -36.96 7.48
N GLN A 1213 -9.70 -36.67 6.63
CA GLN A 1213 -10.16 -35.30 6.40
C GLN A 1213 -11.30 -34.80 7.29
N ASN A 1214 -11.51 -35.47 8.42
CA ASN A 1214 -12.56 -35.05 9.35
C ASN A 1214 -14.00 -35.15 8.88
N ARG A 1215 -14.26 -36.04 7.92
CA ARG A 1215 -15.62 -36.24 7.46
C ARG A 1215 -16.29 -37.45 8.11
N ALA A 1216 -15.57 -38.16 8.99
CA ALA A 1216 -16.10 -39.34 9.68
C ALA A 1216 -16.18 -39.15 11.20
N GLY A 1217 -15.93 -37.92 11.65
CA GLY A 1217 -16.01 -37.63 13.07
C GLY A 1217 -14.72 -37.85 13.83
N THR A 1218 -14.81 -37.68 15.14
CA THR A 1218 -13.73 -37.83 16.09
C THR A 1218 -13.05 -39.21 16.03
N SER A 1219 -11.86 -39.31 16.63
CA SER A 1219 -11.13 -40.57 16.69
C SER A 1219 -11.97 -41.53 17.53
N GLU A 1220 -12.53 -40.99 18.61
CA GLU A 1220 -13.35 -41.78 19.52
C GLU A 1220 -14.65 -42.19 18.83
N GLN A 1221 -15.33 -41.24 18.18
CA GLN A 1221 -16.58 -41.54 17.50
C GLN A 1221 -16.38 -42.65 16.47
N GLN A 1222 -15.25 -42.60 15.76
CA GLN A 1222 -14.97 -43.63 14.77
C GLN A 1222 -14.66 -44.94 15.50
N GLY A 1223 -13.95 -44.85 16.61
CA GLY A 1223 -13.62 -46.04 17.36
C GLY A 1223 -14.89 -46.71 17.81
N ASP A 1224 -15.75 -45.93 18.47
CA ASP A 1224 -17.02 -46.44 18.96
C ASP A 1224 -17.88 -47.02 17.84
N LEU A 1225 -17.89 -46.38 16.68
CA LEU A 1225 -18.70 -46.90 15.58
C LEU A 1225 -18.10 -48.22 15.09
N SER A 1226 -16.79 -48.35 15.25
CA SER A 1226 -16.08 -49.55 14.85
C SER A 1226 -16.55 -50.67 15.77
N LYS A 1227 -16.58 -50.40 17.07
CA LYS A 1227 -17.02 -51.39 18.02
C LYS A 1227 -18.47 -51.74 17.75
N ARG A 1228 -19.32 -50.74 17.64
CA ARG A 1228 -20.74 -50.98 17.40
C ARG A 1228 -21.03 -51.77 16.14
N THR A 1229 -20.24 -51.56 15.10
CA THR A 1229 -20.45 -52.26 13.83
C THR A 1229 -19.73 -53.60 13.76
N LYS A 1230 -18.83 -53.86 14.71
CA LYS A 1230 -18.04 -55.10 14.78
C LYS A 1230 -18.02 -55.92 13.49
N LYS A 1231 -19.07 -56.71 13.27
CA LYS A 1231 -19.21 -57.56 12.08
C LYS A 1231 -17.94 -58.37 11.77
N GLY B 1 28.12 -28.88 -11.88
CA GLY B 1 27.52 -29.69 -12.96
C GLY B 1 26.01 -29.57 -13.06
N LYS B 2 25.44 -30.30 -14.02
CA LYS B 2 24.01 -30.32 -14.26
C LYS B 2 23.35 -31.40 -13.41
N LYS B 3 22.04 -31.29 -13.21
CA LYS B 3 21.30 -32.28 -12.42
C LYS B 3 19.84 -32.41 -12.84
N MET B 4 19.47 -33.64 -13.18
CA MET B 4 18.11 -33.94 -13.59
C MET B 4 17.17 -34.05 -12.41
N MET B 5 16.11 -33.26 -12.43
CA MET B 5 15.12 -33.35 -11.38
C MET B 5 13.74 -33.01 -11.89
N THR B 6 12.76 -33.59 -11.23
CA THR B 6 11.37 -33.38 -11.58
C THR B 6 10.77 -32.47 -10.50
N THR B 7 10.34 -31.28 -10.90
CA THR B 7 9.73 -30.31 -9.99
C THR B 7 8.89 -29.31 -10.76
N ASP B 8 8.39 -28.33 -10.04
CA ASP B 8 7.54 -27.31 -10.60
C ASP B 8 8.24 -25.96 -10.80
N GLY B 9 7.55 -25.04 -11.48
CA GLY B 9 8.11 -23.73 -11.75
C GLY B 9 8.61 -23.02 -10.51
N ASN B 10 7.82 -23.09 -9.44
CA ASN B 10 8.20 -22.45 -8.20
C ASN B 10 9.53 -22.96 -7.67
N THR B 11 9.65 -24.26 -7.47
CA THR B 11 10.90 -24.78 -6.94
C THR B 11 12.08 -24.54 -7.88
N ALA B 12 11.87 -24.76 -9.19
CA ALA B 12 12.94 -24.52 -10.15
C ALA B 12 13.49 -23.10 -9.96
N THR B 13 12.61 -22.14 -9.71
CA THR B 13 13.01 -20.74 -9.51
C THR B 13 13.67 -20.52 -8.16
N ALA B 14 13.00 -20.99 -7.12
CA ALA B 14 13.53 -20.81 -5.77
C ALA B 14 14.93 -21.42 -5.63
N HIS B 15 15.17 -22.49 -6.39
CA HIS B 15 16.46 -23.17 -6.36
C HIS B 15 17.59 -22.18 -6.68
N VAL B 16 17.35 -21.34 -7.69
CA VAL B 16 18.29 -20.32 -8.12
C VAL B 16 18.28 -19.13 -7.14
N ALA B 17 17.09 -18.60 -6.88
CA ALA B 17 16.97 -17.45 -5.99
C ALA B 17 17.71 -17.63 -4.67
N TYR B 18 17.59 -18.80 -4.06
CA TYR B 18 18.26 -19.07 -2.80
C TYR B 18 19.78 -18.94 -2.97
N ALA B 19 20.29 -19.58 -4.01
CA ALA B 19 21.70 -19.58 -4.29
C ALA B 19 22.27 -18.18 -4.55
N MET B 20 21.52 -17.34 -5.27
CA MET B 20 22.00 -16.03 -5.63
C MET B 20 21.70 -14.88 -4.69
N SER B 21 21.02 -15.15 -3.58
CA SER B 21 20.66 -14.09 -2.65
C SER B 21 21.23 -14.26 -1.25
N GLU B 22 21.34 -13.16 -0.52
CA GLU B 22 21.84 -13.23 0.84
C GLU B 22 20.67 -12.91 1.76
N VAL B 23 19.78 -12.06 1.27
CA VAL B 23 18.63 -11.62 2.03
C VAL B 23 17.31 -11.73 1.27
N ALA B 24 16.25 -12.01 2.02
CA ALA B 24 14.93 -12.10 1.42
C ALA B 24 13.90 -11.63 2.44
N ALA B 25 12.96 -10.80 1.99
CA ALA B 25 11.88 -10.30 2.84
C ALA B 25 10.68 -10.89 2.13
N ILE B 26 9.84 -11.63 2.86
CA ILE B 26 8.71 -12.27 2.23
C ILE B 26 7.35 -12.06 2.89
N TYR B 27 6.32 -12.44 2.14
CA TYR B 27 4.95 -12.34 2.60
C TYR B 27 4.21 -13.35 1.76
N PRO B 28 3.30 -14.11 2.37
CA PRO B 28 2.58 -15.12 1.59
C PRO B 28 1.44 -14.69 0.67
N ILE B 29 1.43 -15.23 -0.54
CA ILE B 29 0.35 -15.00 -1.49
C ILE B 29 0.44 -16.05 -2.61
N THR B 30 -0.68 -16.74 -2.83
CA THR B 30 -0.81 -17.76 -3.84
C THR B 30 -0.68 -17.05 -5.17
N PRO B 31 -0.04 -17.67 -6.16
CA PRO B 31 0.60 -19.00 -6.14
C PRO B 31 2.11 -18.96 -5.93
N SER B 32 2.63 -17.88 -5.36
CA SER B 32 4.06 -17.75 -5.14
C SER B 32 4.55 -18.23 -3.77
N SER B 33 3.63 -18.49 -2.85
CA SER B 33 3.98 -18.94 -1.50
C SER B 33 5.02 -20.04 -1.41
N THR B 34 4.91 -21.05 -2.28
CA THR B 34 5.84 -22.15 -2.27
C THR B 34 7.31 -21.69 -2.27
N MET B 35 7.62 -20.70 -3.09
CA MET B 35 9.00 -20.24 -3.16
C MET B 35 9.54 -19.72 -1.83
N GLY B 36 8.79 -18.85 -1.17
CA GLY B 36 9.25 -18.31 0.09
C GLY B 36 9.36 -19.38 1.14
N GLU B 37 8.32 -20.21 1.24
CA GLU B 37 8.33 -21.30 2.21
C GLU B 37 9.55 -22.17 1.97
N GLU B 38 9.83 -22.48 0.71
CA GLU B 38 11.01 -23.28 0.37
C GLU B 38 12.29 -22.59 0.80
N ALA B 39 12.43 -21.33 0.45
CA ALA B 39 13.64 -20.61 0.81
C ALA B 39 13.81 -20.61 2.32
N ASP B 40 12.71 -20.54 3.06
CA ASP B 40 12.76 -20.52 4.52
C ASP B 40 13.18 -21.87 5.09
N ASP B 41 12.56 -22.93 4.61
CA ASP B 41 12.89 -24.28 5.06
C ASP B 41 14.35 -24.60 4.76
N TRP B 42 14.82 -24.20 3.58
CA TRP B 42 16.20 -24.49 3.21
C TRP B 42 17.18 -23.77 4.14
N ALA B 43 16.87 -22.52 4.46
CA ALA B 43 17.70 -21.72 5.34
C ALA B 43 17.73 -22.36 6.72
N ALA B 44 16.56 -22.75 7.22
CA ALA B 44 16.48 -23.38 8.53
C ALA B 44 17.21 -24.72 8.51
N GLN B 45 17.32 -25.33 7.33
CA GLN B 45 18.03 -26.60 7.21
C GLN B 45 19.54 -26.40 7.03
N GLY B 46 19.96 -25.15 6.86
CA GLY B 46 21.38 -24.87 6.70
C GLY B 46 21.94 -24.87 5.28
N ARG B 47 21.08 -24.82 4.25
CA ARG B 47 21.56 -24.78 2.88
C ARG B 47 22.38 -23.51 2.67
N LYS B 48 23.49 -23.63 1.95
CA LYS B 48 24.35 -22.48 1.70
C LYS B 48 24.13 -21.87 0.31
N ASN B 49 24.24 -20.55 0.24
CA ASN B 49 24.09 -19.87 -1.03
C ASN B 49 25.48 -19.88 -1.66
N ILE B 50 25.68 -19.13 -2.75
CA ILE B 50 26.98 -19.14 -3.41
C ILE B 50 28.12 -18.58 -2.56
N PHE B 51 27.77 -17.96 -1.45
CA PHE B 51 28.78 -17.41 -0.56
C PHE B 51 29.00 -18.32 0.63
N GLY B 52 28.45 -19.54 0.54
CA GLY B 52 28.60 -20.49 1.64
C GLY B 52 27.82 -20.08 2.88
N GLN B 53 26.89 -19.14 2.70
CA GLN B 53 26.08 -18.63 3.81
C GLN B 53 24.62 -19.05 3.72
N THR B 54 23.99 -19.30 4.86
CA THR B 54 22.58 -19.65 4.85
C THR B 54 21.83 -18.30 4.68
N LEU B 55 20.73 -18.32 3.93
CA LEU B 55 19.95 -17.12 3.64
C LEU B 55 19.29 -16.47 4.85
N THR B 56 19.33 -15.13 4.89
CA THR B 56 18.68 -14.39 5.95
C THR B 56 17.30 -14.00 5.42
N ILE B 57 16.28 -14.69 5.92
CA ILE B 57 14.89 -14.49 5.51
C ILE B 57 13.96 -14.07 6.66
N ARG B 58 13.16 -13.04 6.44
CA ARG B 58 12.20 -12.60 7.46
C ARG B 58 10.84 -12.34 6.79
N GLU B 59 9.78 -12.65 7.53
CA GLU B 59 8.42 -12.43 7.06
C GLU B 59 7.93 -11.07 7.55
N MET B 60 7.48 -10.22 6.64
CA MET B 60 6.99 -8.90 6.99
C MET B 60 5.49 -8.93 7.27
N GLN B 61 4.89 -7.74 7.49
CA GLN B 61 3.46 -7.62 7.77
C GLN B 61 2.63 -7.55 6.48
N SER B 62 3.28 -7.24 5.37
CA SER B 62 2.61 -7.18 4.08
C SER B 62 3.72 -7.07 3.04
N GLU B 63 3.34 -7.09 1.76
CA GLU B 63 4.28 -6.97 0.67
C GLU B 63 4.93 -5.59 0.64
N ALA B 64 4.21 -4.57 1.10
CA ALA B 64 4.74 -3.21 1.12
C ALA B 64 5.87 -3.22 2.14
N GLY B 65 5.63 -3.89 3.26
CA GLY B 65 6.65 -3.99 4.27
C GLY B 65 7.79 -4.80 3.69
N ALA B 66 7.46 -5.85 2.96
CA ALA B 66 8.48 -6.70 2.38
C ALA B 66 9.33 -5.91 1.39
N ALA B 67 8.68 -5.11 0.55
CA ALA B 67 9.37 -4.32 -0.45
C ALA B 67 10.23 -3.22 0.19
N GLY B 68 9.78 -2.66 1.30
CA GLY B 68 10.58 -1.65 1.97
C GLY B 68 11.82 -2.30 2.56
N ALA B 69 11.65 -3.51 3.09
CA ALA B 69 12.78 -4.25 3.68
C ALA B 69 13.78 -4.56 2.58
N VAL B 70 13.28 -5.04 1.44
CA VAL B 70 14.14 -5.38 0.30
C VAL B 70 14.94 -4.16 -0.13
N HIS B 71 14.27 -3.01 -0.22
CA HIS B 71 14.92 -1.77 -0.60
C HIS B 71 16.06 -1.47 0.39
N GLY B 72 15.75 -1.53 1.68
CA GLY B 72 16.75 -1.28 2.72
C GLY B 72 17.92 -2.25 2.69
N ALA B 73 17.64 -3.54 2.53
CA ALA B 73 18.72 -4.52 2.46
C ALA B 73 19.63 -4.21 1.25
N LEU B 74 19.02 -3.98 0.09
CA LEU B 74 19.79 -3.65 -1.11
C LEU B 74 20.60 -2.38 -0.91
N ALA B 75 19.96 -1.34 -0.39
CA ALA B 75 20.63 -0.07 -0.14
C ALA B 75 21.86 -0.30 0.74
N ALA B 76 21.75 -1.23 1.70
CA ALA B 76 22.84 -1.53 2.61
C ALA B 76 23.79 -2.65 2.14
N GLY B 77 23.86 -2.87 0.84
CA GLY B 77 24.80 -3.83 0.30
C GLY B 77 24.59 -5.33 0.25
N ALA B 78 23.38 -5.81 0.54
CA ALA B 78 23.13 -7.25 0.49
C ALA B 78 22.37 -7.63 -0.77
N LEU B 79 22.72 -8.77 -1.39
CA LEU B 79 21.97 -9.23 -2.57
C LEU B 79 20.62 -9.71 -2.01
N THR B 80 19.54 -9.15 -2.53
CA THR B 80 18.22 -9.45 -2.00
C THR B 80 17.18 -9.89 -3.02
N THR B 81 16.24 -10.71 -2.55
CA THR B 81 15.20 -11.21 -3.43
C THR B 81 13.88 -11.31 -2.67
N THR B 82 12.78 -11.45 -3.40
CA THR B 82 11.49 -11.60 -2.78
C THR B 82 10.60 -12.31 -3.78
N PHE B 83 9.53 -12.92 -3.27
CA PHE B 83 8.60 -13.69 -4.10
C PHE B 83 7.19 -13.15 -3.94
N THR B 84 6.54 -12.80 -5.04
CA THR B 84 5.22 -12.26 -4.89
C THR B 84 4.33 -12.43 -6.11
N ALA B 85 3.18 -11.77 -6.07
CA ALA B 85 2.24 -11.85 -7.17
C ALA B 85 1.04 -10.98 -6.92
N SER B 86 0.30 -10.70 -7.99
CA SER B 86 -0.96 -9.99 -7.89
C SER B 86 -1.00 -8.81 -6.92
N GLN B 87 -1.97 -8.86 -5.99
CA GLN B 87 -2.20 -7.84 -4.97
C GLN B 87 -0.92 -7.51 -4.19
N GLY B 88 -0.07 -8.51 -4.00
CA GLY B 88 1.17 -8.27 -3.29
C GLY B 88 2.10 -7.43 -4.14
N LEU B 89 2.17 -7.75 -5.43
CA LEU B 89 3.03 -7.02 -6.33
C LEU B 89 2.59 -5.57 -6.36
N LEU B 90 1.29 -5.32 -6.39
CA LEU B 90 0.83 -3.94 -6.40
C LEU B 90 1.34 -3.13 -5.20
N LEU B 91 1.37 -3.75 -4.04
CA LEU B 91 1.83 -3.05 -2.83
C LEU B 91 3.33 -2.80 -2.86
N MET B 92 4.02 -3.47 -3.77
CA MET B 92 5.46 -3.29 -3.86
C MET B 92 5.81 -2.19 -4.86
N ILE B 93 4.84 -1.80 -5.67
CA ILE B 93 5.08 -0.79 -6.68
C ILE B 93 5.75 0.51 -6.20
N PRO B 94 5.28 1.12 -5.10
CA PRO B 94 5.96 2.36 -4.67
C PRO B 94 7.46 2.13 -4.50
N ASN B 95 7.83 1.03 -3.85
CA ASN B 95 9.23 0.75 -3.66
C ASN B 95 9.97 0.35 -4.95
N MET B 96 9.24 -0.20 -5.91
CA MET B 96 9.89 -0.58 -7.15
C MET B 96 10.51 0.64 -7.84
N TYR B 97 9.81 1.77 -7.83
CA TYR B 97 10.34 3.00 -8.42
C TYR B 97 11.62 3.46 -7.70
N LYS B 98 11.63 3.28 -6.37
CA LYS B 98 12.77 3.66 -5.55
C LYS B 98 13.95 2.70 -5.80
N ILE B 99 13.64 1.41 -5.92
CA ILE B 99 14.66 0.42 -6.13
C ILE B 99 15.32 0.56 -7.49
N SER B 100 14.53 0.80 -8.55
CA SER B 100 15.13 0.96 -9.87
C SER B 100 15.77 2.36 -9.92
N GLY B 101 15.12 3.34 -9.30
CA GLY B 101 15.62 4.70 -9.26
C GLY B 101 17.01 4.83 -8.62
N GLU B 102 17.31 4.01 -7.62
CA GLU B 102 18.62 4.06 -6.96
C GLU B 102 19.52 2.99 -7.55
N LEU B 103 19.10 2.45 -8.68
CA LEU B 103 19.84 1.42 -9.40
C LEU B 103 20.37 0.30 -8.50
N LEU B 104 19.46 -0.45 -7.91
CA LEU B 104 19.82 -1.55 -7.02
C LEU B 104 19.62 -2.90 -7.70
N PRO B 105 20.54 -3.86 -7.47
CA PRO B 105 20.46 -5.20 -8.07
C PRO B 105 19.44 -6.12 -7.41
N GLY B 106 18.20 -5.67 -7.28
CA GLY B 106 17.19 -6.50 -6.68
C GLY B 106 16.58 -7.44 -7.70
N VAL B 107 16.08 -8.59 -7.23
CA VAL B 107 15.42 -9.53 -8.11
C VAL B 107 14.11 -10.01 -7.51
N PHE B 108 13.01 -9.73 -8.19
CA PHE B 108 11.68 -10.12 -7.78
C PHE B 108 11.25 -11.30 -8.64
N HIS B 109 10.85 -12.40 -8.00
CA HIS B 109 10.34 -13.55 -8.73
C HIS B 109 8.82 -13.50 -8.55
N VAL B 110 8.12 -13.34 -9.67
CA VAL B 110 6.68 -13.22 -9.64
C VAL B 110 5.92 -14.33 -10.36
N THR B 111 4.90 -14.88 -9.71
CA THR B 111 4.07 -15.88 -10.37
C THR B 111 2.91 -15.02 -10.85
N ALA B 112 2.97 -14.59 -12.10
CA ALA B 112 1.93 -13.74 -12.68
C ALA B 112 0.53 -14.24 -12.36
N ARG B 113 -0.21 -13.43 -11.61
CA ARG B 113 -1.56 -13.75 -11.21
C ARG B 113 -2.52 -12.59 -11.48
N ALA B 114 -3.77 -12.92 -11.80
CA ALA B 114 -4.81 -11.93 -12.04
C ALA B 114 -5.01 -10.99 -10.85
N ILE B 115 -5.48 -9.78 -11.15
CA ILE B 115 -5.73 -8.76 -10.14
C ILE B 115 -7.22 -8.78 -9.76
N ALA B 116 -7.53 -8.48 -8.51
CA ALA B 116 -8.93 -8.48 -8.10
C ALA B 116 -9.68 -7.25 -8.62
N ALA B 117 -10.66 -7.48 -9.49
CA ALA B 117 -11.47 -6.41 -10.06
C ALA B 117 -12.95 -6.71 -9.80
N HIS B 118 -13.70 -7.22 -10.78
CA HIS B 118 -15.10 -7.56 -10.52
C HIS B 118 -15.07 -8.77 -9.57
N ALA B 119 -13.91 -9.40 -9.46
CA ALA B 119 -13.75 -10.56 -8.58
C ALA B 119 -12.27 -10.84 -8.35
N LEU B 120 -11.99 -11.68 -7.35
CA LEU B 120 -10.62 -12.05 -7.05
C LEU B 120 -10.35 -13.37 -7.73
N SER B 121 -9.11 -13.55 -8.15
CA SER B 121 -8.69 -14.80 -8.75
C SER B 121 -7.25 -15.04 -8.36
N ILE B 122 -6.96 -16.26 -7.96
CA ILE B 122 -5.62 -16.61 -7.55
C ILE B 122 -4.92 -17.21 -8.76
N PHE B 123 -5.59 -17.20 -9.91
CA PHE B 123 -5.04 -17.82 -11.09
C PHE B 123 -4.21 -16.94 -12.01
N GLY B 124 -3.59 -17.57 -13.00
CA GLY B 124 -2.66 -16.84 -13.85
C GLY B 124 -2.97 -16.04 -15.09
N ASP B 125 -2.35 -14.87 -15.12
CA ASP B 125 -2.39 -13.96 -16.26
C ASP B 125 -1.40 -12.84 -15.97
N HIS B 126 -1.16 -11.96 -16.93
CA HIS B 126 -0.16 -10.92 -16.75
C HIS B 126 -0.66 -9.58 -16.23
N GLN B 127 -1.86 -9.57 -15.67
CA GLN B 127 -2.41 -8.32 -15.16
C GLN B 127 -1.50 -7.68 -14.14
N ASP B 128 -0.94 -8.47 -13.23
CA ASP B 128 -0.07 -7.89 -12.23
C ASP B 128 1.26 -7.40 -12.77
N ILE B 129 1.95 -8.21 -13.56
CA ILE B 129 3.26 -7.75 -14.04
C ILE B 129 3.16 -6.55 -14.99
N TYR B 130 2.04 -6.42 -15.70
CA TYR B 130 1.87 -5.28 -16.59
C TYR B 130 1.64 -4.00 -15.78
N ALA B 131 1.05 -4.15 -14.60
CA ALA B 131 0.78 -3.02 -13.70
C ALA B 131 2.06 -2.36 -13.19
N ALA B 132 3.16 -3.09 -13.24
CA ALA B 132 4.46 -2.62 -12.78
C ALA B 132 5.46 -2.33 -13.91
N ARG B 133 4.98 -2.30 -15.16
CA ARG B 133 5.88 -2.09 -16.28
C ARG B 133 6.56 -0.74 -16.36
N GLN B 134 6.06 0.25 -15.62
CA GLN B 134 6.67 1.57 -15.67
C GLN B 134 7.56 1.89 -14.47
N THR B 135 7.73 0.90 -13.59
CA THR B 135 8.53 1.10 -12.40
C THR B 135 10.03 1.14 -12.64
N GLY B 136 10.44 0.78 -13.87
CA GLY B 136 11.85 0.79 -14.18
C GLY B 136 12.56 -0.54 -13.97
N PHE B 137 11.81 -1.57 -13.58
CA PHE B 137 12.42 -2.88 -13.41
C PHE B 137 12.54 -3.54 -14.78
N ALA B 138 13.62 -4.27 -15.00
CA ALA B 138 13.75 -5.02 -16.24
C ALA B 138 12.75 -6.17 -16.01
N MET B 139 12.18 -6.71 -17.08
CA MET B 139 11.19 -7.76 -16.95
C MET B 139 11.53 -8.89 -17.91
N LEU B 140 11.77 -10.05 -17.31
CA LEU B 140 12.15 -11.23 -18.06
C LEU B 140 11.15 -12.34 -17.79
N ALA B 141 10.59 -12.86 -18.88
CA ALA B 141 9.60 -13.93 -18.84
C ALA B 141 10.17 -15.32 -19.14
N SER B 142 9.61 -16.33 -18.49
CA SER B 142 9.99 -17.70 -18.76
C SER B 142 8.64 -18.34 -19.05
N SER B 143 8.60 -19.16 -20.10
CA SER B 143 7.38 -19.80 -20.53
C SER B 143 7.27 -21.29 -20.23
N SER B 144 8.23 -21.83 -19.51
CA SER B 144 8.17 -23.26 -19.16
C SER B 144 8.91 -23.51 -17.85
N VAL B 145 8.62 -24.65 -17.23
CA VAL B 145 9.30 -24.98 -15.98
C VAL B 145 10.81 -24.93 -16.17
N GLN B 146 11.31 -25.40 -17.31
CA GLN B 146 12.75 -25.36 -17.56
C GLN B 146 13.25 -23.93 -17.71
N GLU B 147 12.49 -23.11 -18.41
CA GLU B 147 12.90 -21.72 -18.57
C GLU B 147 12.86 -20.95 -17.26
N ALA B 148 11.96 -21.32 -16.36
CA ALA B 148 11.89 -20.63 -15.08
C ALA B 148 13.26 -20.69 -14.39
N HIS B 149 13.86 -21.87 -14.39
CA HIS B 149 15.18 -22.04 -13.78
C HIS B 149 16.26 -21.20 -14.49
N ASP B 150 16.28 -21.27 -15.81
CA ASP B 150 17.30 -20.54 -16.56
C ASP B 150 17.18 -19.03 -16.50
N MET B 151 15.96 -18.51 -16.66
CA MET B 151 15.75 -17.06 -16.63
C MET B 151 15.97 -16.51 -15.23
N ALA B 152 15.58 -17.28 -14.21
CA ALA B 152 15.81 -16.84 -12.85
C ALA B 152 17.29 -16.55 -12.68
N LEU B 153 18.12 -17.43 -13.22
CA LEU B 153 19.55 -17.29 -13.10
C LEU B 153 20.07 -16.13 -13.92
N VAL B 154 19.56 -15.99 -15.14
CA VAL B 154 19.98 -14.90 -15.99
C VAL B 154 19.62 -13.59 -15.28
N ALA B 155 18.38 -13.51 -14.79
CA ALA B 155 17.90 -12.34 -14.07
C ALA B 155 18.83 -11.94 -12.94
N HIS B 156 19.25 -12.89 -12.12
CA HIS B 156 20.13 -12.57 -11.01
C HIS B 156 21.50 -12.08 -11.48
N LEU B 157 22.10 -12.83 -12.40
CA LEU B 157 23.41 -12.45 -12.92
C LEU B 157 23.36 -11.08 -13.58
N ALA B 158 22.35 -10.85 -14.41
CA ALA B 158 22.18 -9.56 -15.09
C ALA B 158 21.89 -8.39 -14.15
N ALA B 159 21.16 -8.63 -13.06
CA ALA B 159 20.89 -7.54 -12.10
C ALA B 159 22.17 -7.11 -11.42
N ILE B 160 22.97 -8.08 -11.02
CA ILE B 160 24.21 -7.76 -10.35
C ILE B 160 25.12 -6.89 -11.23
N GLU B 161 25.32 -7.31 -12.46
CA GLU B 161 26.20 -6.57 -13.34
C GLU B 161 25.61 -5.28 -13.88
N SER B 162 24.30 -5.20 -14.08
CA SER B 162 23.76 -3.98 -14.66
C SER B 162 23.30 -2.93 -13.67
N ASN B 163 23.01 -3.33 -12.43
CA ASN B 163 22.51 -2.42 -11.41
C ASN B 163 21.07 -2.02 -11.67
N VAL B 164 20.38 -2.78 -12.50
CA VAL B 164 18.99 -2.53 -12.81
C VAL B 164 18.20 -3.67 -12.18
N PRO B 165 17.28 -3.36 -11.25
CA PRO B 165 16.52 -4.44 -10.62
C PRO B 165 15.76 -5.23 -11.68
N PHE B 166 15.57 -6.52 -11.40
CA PHE B 166 14.88 -7.40 -12.32
C PHE B 166 13.63 -8.04 -11.75
N MET B 167 12.65 -8.18 -12.62
CA MET B 167 11.44 -8.88 -12.25
C MET B 167 11.41 -10.10 -13.16
N HIS B 168 11.64 -11.27 -12.57
CA HIS B 168 11.57 -12.53 -13.31
C HIS B 168 10.17 -13.04 -13.06
N PHE B 169 9.43 -13.32 -14.12
CA PHE B 169 8.07 -13.82 -13.91
C PHE B 169 7.70 -14.99 -14.80
N PHE B 170 6.71 -15.75 -14.34
CA PHE B 170 6.18 -16.91 -15.05
C PHE B 170 4.72 -17.04 -14.67
N ASP B 171 3.94 -17.73 -15.50
CA ASP B 171 2.51 -17.88 -15.28
C ASP B 171 2.07 -18.58 -14.01
N GLY B 172 1.19 -17.91 -13.27
CA GLY B 172 0.67 -18.50 -12.05
C GLY B 172 0.02 -19.84 -12.38
N PHE B 173 0.34 -20.85 -11.58
CA PHE B 173 -0.18 -22.20 -11.77
C PHE B 173 0.26 -22.88 -13.07
N ARG B 174 -0.11 -22.32 -14.23
CA ARG B 174 0.24 -22.92 -15.52
C ARG B 174 1.73 -23.26 -15.62
N THR B 175 2.59 -22.47 -14.98
CA THR B 175 4.01 -22.77 -14.96
C THR B 175 4.47 -22.95 -13.51
N SER B 176 4.04 -22.05 -12.61
CA SER B 176 4.49 -22.15 -11.22
C SER B 176 4.22 -23.51 -10.60
N HIS B 177 3.08 -24.11 -10.96
CA HIS B 177 2.69 -25.39 -10.43
C HIS B 177 2.74 -26.57 -11.38
N GLU B 178 3.18 -26.37 -12.61
CA GLU B 178 3.26 -27.49 -13.54
C GLU B 178 4.51 -28.27 -13.16
N ILE B 179 4.45 -29.60 -13.22
CA ILE B 179 5.63 -30.37 -12.87
C ILE B 179 6.29 -30.90 -14.14
N GLN B 180 7.61 -30.80 -14.22
CA GLN B 180 8.33 -31.27 -15.38
C GLN B 180 9.69 -31.79 -14.96
N LYS B 181 10.21 -32.72 -15.75
CA LYS B 181 11.53 -33.28 -15.52
C LYS B 181 12.42 -32.29 -16.24
N ILE B 182 13.33 -31.65 -15.51
CA ILE B 182 14.23 -30.64 -16.08
C ILE B 182 15.64 -30.78 -15.54
N GLU B 183 16.49 -29.85 -15.94
CA GLU B 183 17.87 -29.81 -15.49
C GLU B 183 18.12 -28.52 -14.74
N VAL B 184 18.71 -28.63 -13.56
CA VAL B 184 19.07 -27.46 -12.77
C VAL B 184 20.59 -27.51 -12.62
N LEU B 185 21.20 -26.35 -12.43
CA LEU B 185 22.64 -26.25 -12.27
C LEU B 185 23.01 -26.30 -10.80
N ASP B 186 24.22 -26.76 -10.51
CA ASP B 186 24.72 -26.79 -9.14
C ASP B 186 25.01 -25.37 -8.77
N TYR B 187 24.98 -25.09 -7.47
CA TYR B 187 25.25 -23.75 -7.01
C TYR B 187 26.65 -23.28 -7.42
N ALA B 188 27.59 -24.21 -7.49
CA ALA B 188 28.96 -23.85 -7.87
C ALA B 188 29.00 -23.28 -9.28
N ASP B 189 28.21 -23.86 -10.19
CA ASP B 189 28.19 -23.36 -11.56
C ASP B 189 27.64 -21.93 -11.62
N MET B 190 26.57 -21.66 -10.86
CA MET B 190 25.98 -20.33 -10.83
C MET B 190 26.99 -19.32 -10.28
N ALA B 191 27.62 -19.67 -9.16
CA ALA B 191 28.62 -18.81 -8.54
C ALA B 191 29.74 -18.45 -9.52
N SER B 192 30.14 -19.37 -10.39
CA SER B 192 31.22 -19.08 -11.33
C SER B 192 30.81 -18.09 -12.43
N LEU B 193 29.53 -17.90 -12.61
CA LEU B 193 29.06 -16.98 -13.63
C LEU B 193 28.96 -15.53 -13.13
N VAL B 194 29.01 -15.36 -11.81
CA VAL B 194 28.86 -14.03 -11.17
C VAL B 194 30.01 -13.05 -11.43
N ASN B 195 29.65 -11.82 -11.76
CA ASN B 195 30.65 -10.78 -11.99
C ASN B 195 31.17 -10.32 -10.63
N GLN B 196 32.32 -10.86 -10.22
CA GLN B 196 32.89 -10.50 -8.94
C GLN B 196 33.19 -9.01 -8.80
N LYS B 197 33.57 -8.35 -9.88
CA LYS B 197 33.87 -6.93 -9.76
C LYS B 197 32.61 -6.08 -9.60
N ALA B 198 31.56 -6.42 -10.33
CA ALA B 198 30.34 -5.64 -10.21
C ALA B 198 29.87 -5.78 -8.76
N LEU B 199 29.94 -7.01 -8.27
CA LEU B 199 29.52 -7.31 -6.91
C LEU B 199 30.30 -6.51 -5.87
N ALA B 200 31.62 -6.44 -6.01
CA ALA B 200 32.42 -5.68 -5.05
C ALA B 200 32.04 -4.21 -5.14
N GLU B 201 31.75 -3.77 -6.36
CA GLU B 201 31.39 -2.38 -6.58
C GLU B 201 30.02 -2.07 -5.93
N PHE B 202 29.09 -3.01 -6.00
CA PHE B 202 27.76 -2.83 -5.40
C PHE B 202 27.92 -2.68 -3.90
N ARG B 203 28.84 -3.44 -3.32
CA ARG B 203 29.05 -3.36 -1.89
C ARG B 203 29.77 -2.07 -1.50
N ALA B 204 30.72 -1.62 -2.33
CA ALA B 204 31.46 -0.39 -2.04
C ALA B 204 30.58 0.88 -2.14
N LYS B 205 29.54 0.86 -2.96
CA LYS B 205 28.67 2.03 -3.09
C LYS B 205 27.48 2.01 -2.12
N SER B 206 27.29 0.90 -1.42
CA SER B 206 26.16 0.80 -0.49
C SER B 206 26.33 1.67 0.74
N MET B 207 25.21 1.84 1.45
CA MET B 207 25.17 2.63 2.67
C MET B 207 26.09 2.07 3.75
N ASN B 208 26.88 2.95 4.34
CA ASN B 208 27.77 2.56 5.41
C ASN B 208 28.32 3.81 6.07
N PRO B 209 28.18 3.92 7.40
CA PRO B 209 28.69 5.11 8.09
C PRO B 209 30.19 5.35 7.95
N GLU B 210 30.92 4.29 7.56
CA GLU B 210 32.38 4.39 7.36
C GLU B 210 32.70 5.20 6.10
N HIS B 211 31.73 5.33 5.21
CA HIS B 211 31.92 6.10 3.97
C HIS B 211 30.54 6.45 3.46
N PRO B 212 29.83 7.29 4.24
CA PRO B 212 28.46 7.76 3.96
C PRO B 212 28.20 8.62 2.71
N HIS B 213 26.92 8.74 2.40
CA HIS B 213 26.40 9.54 1.32
C HIS B 213 24.93 9.70 1.68
N VAL B 214 24.21 10.54 0.96
CA VAL B 214 22.79 10.73 1.25
C VAL B 214 22.03 10.21 0.06
N ARG B 215 20.99 9.42 0.31
CA ARG B 215 20.17 8.92 -0.80
C ARG B 215 18.71 9.27 -0.54
N GLY B 216 17.94 9.43 -1.62
CA GLY B 216 16.55 9.79 -1.49
C GLY B 216 16.44 11.25 -1.08
N THR B 217 17.00 12.15 -1.89
CA THR B 217 16.91 13.57 -1.59
C THR B 217 15.55 14.06 -2.09
N ALA B 218 15.20 15.30 -1.78
CA ALA B 218 13.96 15.89 -2.25
C ALA B 218 14.51 16.94 -3.22
N GLN B 219 14.04 16.91 -4.47
CA GLN B 219 14.55 17.83 -5.49
C GLN B 219 13.51 18.74 -6.17
N ASN B 220 13.94 19.96 -6.47
CA ASN B 220 13.09 20.96 -7.10
C ASN B 220 13.06 20.85 -8.60
N PRO B 221 12.29 21.72 -9.26
CA PRO B 221 12.19 21.71 -10.73
C PRO B 221 13.54 22.01 -11.41
N ASP B 222 14.43 22.70 -10.69
CA ASP B 222 15.70 23.04 -11.28
C ASP B 222 16.52 21.82 -11.70
N ILE B 223 16.46 20.75 -10.91
CA ILE B 223 17.27 19.56 -11.23
C ILE B 223 16.64 18.18 -11.31
N TYR B 224 15.40 18.02 -10.89
CA TYR B 224 14.76 16.72 -10.92
C TYR B 224 14.82 16.01 -12.28
N PHE B 225 14.39 16.69 -13.35
CA PHE B 225 14.38 16.12 -14.69
C PHE B 225 15.77 15.58 -15.10
N GLN B 226 16.82 16.37 -14.92
CA GLN B 226 18.16 15.91 -15.27
C GLN B 226 18.52 14.65 -14.45
N GLY B 227 18.17 14.69 -13.16
CA GLY B 227 18.45 13.57 -12.29
C GLY B 227 17.76 12.28 -12.69
N ARG B 228 16.59 12.40 -13.29
CA ARG B 228 15.80 11.26 -13.71
C ARG B 228 16.38 10.67 -15.00
N GLU B 229 17.00 11.51 -15.81
CA GLU B 229 17.57 11.03 -17.06
C GLU B 229 18.98 10.50 -16.89
N ALA B 230 19.60 10.73 -15.73
CA ALA B 230 20.98 10.29 -15.51
C ALA B 230 21.22 8.78 -15.58
N ALA B 231 20.18 7.99 -15.43
CA ALA B 231 20.34 6.56 -15.44
C ALA B 231 20.29 5.92 -16.82
N ASN B 232 19.97 6.73 -17.85
CA ASN B 232 19.85 6.17 -19.21
C ASN B 232 21.01 5.23 -19.60
N PRO B 233 22.26 5.59 -19.30
CA PRO B 233 23.37 4.72 -19.66
C PRO B 233 23.26 3.30 -19.08
N TYR B 234 22.57 3.17 -17.96
CA TYR B 234 22.39 1.86 -17.32
C TYR B 234 21.34 1.04 -18.04
N TYR B 235 20.24 1.69 -18.42
CA TYR B 235 19.21 0.98 -19.13
C TYR B 235 19.66 0.60 -20.54
N LEU B 236 20.55 1.40 -21.12
CA LEU B 236 21.06 1.11 -22.45
C LEU B 236 21.90 -0.17 -22.48
N LYS B 237 22.61 -0.44 -21.39
CA LYS B 237 23.45 -1.63 -21.30
C LYS B 237 22.72 -2.91 -20.87
N VAL B 238 21.52 -2.77 -20.30
CA VAL B 238 20.77 -3.93 -19.82
C VAL B 238 20.55 -5.02 -20.87
N PRO B 239 20.04 -4.65 -22.05
CA PRO B 239 19.80 -5.64 -23.10
C PRO B 239 21.06 -6.47 -23.40
N GLY B 240 22.16 -5.80 -23.69
CA GLY B 240 23.39 -6.50 -23.97
C GLY B 240 23.77 -7.44 -22.84
N ILE B 241 23.62 -6.96 -21.61
CA ILE B 241 23.95 -7.77 -20.45
C ILE B 241 23.07 -9.03 -20.35
N VAL B 242 21.78 -8.92 -20.62
CA VAL B 242 20.90 -10.08 -20.57
C VAL B 242 21.30 -11.09 -21.63
N ALA B 243 21.62 -10.57 -22.82
CA ALA B 243 22.00 -11.43 -23.94
C ALA B 243 23.29 -12.15 -23.60
N GLU B 244 24.22 -11.44 -22.95
CA GLU B 244 25.51 -12.02 -22.57
C GLU B 244 25.30 -13.14 -21.58
N TYR B 245 24.45 -12.93 -20.60
CA TYR B 245 24.23 -13.96 -19.62
C TYR B 245 23.42 -15.13 -20.15
N MET B 246 22.58 -14.88 -21.15
CA MET B 246 21.82 -15.96 -21.73
C MET B 246 22.81 -16.89 -22.43
N GLN B 247 23.85 -16.30 -23.02
CA GLN B 247 24.87 -17.07 -23.72
C GLN B 247 25.74 -17.85 -22.77
N LYS B 248 26.13 -17.22 -21.66
CA LYS B 248 26.99 -17.87 -20.69
C LYS B 248 26.28 -19.07 -20.06
N VAL B 249 25.04 -18.85 -19.63
CA VAL B 249 24.28 -19.93 -19.03
C VAL B 249 24.12 -21.02 -20.09
N ALA B 250 23.96 -20.60 -21.34
CA ALA B 250 23.78 -21.53 -22.44
C ALA B 250 25.01 -22.43 -22.68
N SER B 251 26.19 -21.86 -22.54
CA SER B 251 27.38 -22.68 -22.75
C SER B 251 27.52 -23.71 -21.64
N LEU B 252 26.72 -23.58 -20.58
CA LEU B 252 26.75 -24.54 -19.49
C LEU B 252 25.64 -25.56 -19.57
N THR B 253 24.48 -25.14 -20.04
CA THR B 253 23.30 -25.99 -20.10
C THR B 253 22.97 -26.53 -21.49
N GLY B 254 23.34 -25.77 -22.51
CA GLY B 254 23.06 -26.18 -23.88
C GLY B 254 21.73 -25.63 -24.35
N ARG B 255 21.06 -24.85 -23.51
CA ARG B 255 19.78 -24.24 -23.88
C ARG B 255 20.04 -22.75 -24.14
N SER B 256 19.86 -22.32 -25.38
CA SER B 256 20.08 -20.93 -25.78
C SER B 256 18.82 -20.07 -25.88
N TYR B 257 18.96 -18.78 -25.58
CA TYR B 257 17.85 -17.86 -25.66
C TYR B 257 18.31 -16.54 -26.25
N LYS B 258 17.35 -15.75 -26.73
CA LYS B 258 17.62 -14.43 -27.26
C LYS B 258 16.54 -13.59 -26.60
N LEU B 259 16.67 -12.26 -26.68
CA LEU B 259 15.70 -11.35 -26.10
C LEU B 259 14.32 -11.65 -26.70
N PHE B 260 14.33 -12.09 -27.96
CA PHE B 260 13.13 -12.48 -28.70
C PHE B 260 13.61 -13.66 -29.52
N ASP B 261 12.89 -14.78 -29.46
CA ASP B 261 13.27 -15.96 -30.22
C ASP B 261 12.18 -16.33 -31.20
N TYR B 262 12.58 -16.78 -32.37
CA TYR B 262 11.60 -17.15 -33.36
C TYR B 262 11.57 -18.65 -33.66
N VAL B 263 10.37 -19.20 -33.80
CA VAL B 263 10.23 -20.60 -34.17
C VAL B 263 9.14 -20.64 -35.23
N GLY B 264 9.19 -21.66 -36.09
CA GLY B 264 8.22 -21.77 -37.17
C GLY B 264 8.86 -21.67 -38.55
N ALA B 265 8.04 -21.51 -39.57
CA ALA B 265 8.52 -21.43 -40.94
C ALA B 265 9.38 -20.23 -41.23
N PRO B 266 10.57 -20.46 -41.81
CA PRO B 266 11.43 -19.32 -42.12
C PRO B 266 10.77 -18.36 -43.11
N ASP B 267 9.73 -18.85 -43.80
CA ASP B 267 8.99 -18.03 -44.77
C ASP B 267 7.52 -17.85 -44.36
N ALA B 268 7.26 -17.98 -43.07
CA ALA B 268 5.92 -17.83 -42.53
C ALA B 268 5.27 -16.52 -42.96
N GLU B 269 3.98 -16.58 -43.31
CA GLU B 269 3.27 -15.37 -43.70
C GLU B 269 2.42 -14.85 -42.54
N ARG B 270 2.09 -15.73 -41.60
CA ARG B 270 1.28 -15.39 -40.43
C ARG B 270 2.06 -15.71 -39.17
N VAL B 271 2.33 -14.69 -38.35
CA VAL B 271 3.13 -14.86 -37.12
C VAL B 271 2.47 -14.37 -35.84
N ILE B 272 2.65 -15.14 -34.78
CA ILE B 272 2.10 -14.75 -33.48
C ILE B 272 3.23 -14.25 -32.60
N VAL B 273 2.93 -13.24 -31.80
CA VAL B 273 3.90 -12.68 -30.85
C VAL B 273 3.26 -12.98 -29.51
N SER B 274 3.92 -13.75 -28.66
CA SER B 274 3.34 -14.07 -27.37
C SER B 274 4.37 -14.13 -26.25
N MET B 275 3.90 -14.16 -25.02
CA MET B 275 4.77 -14.19 -23.86
C MET B 275 4.26 -15.14 -22.80
N GLY B 276 5.16 -15.85 -22.15
CA GLY B 276 4.74 -16.77 -21.10
C GLY B 276 4.44 -18.16 -21.63
N SER B 277 3.85 -19.01 -20.77
CA SER B 277 3.54 -20.40 -21.09
C SER B 277 2.75 -20.65 -22.37
N SER B 278 2.01 -19.65 -22.84
CA SER B 278 1.27 -19.81 -24.08
C SER B 278 2.24 -20.14 -25.21
N CYS B 279 3.46 -19.61 -25.12
CA CYS B 279 4.46 -19.87 -26.15
C CYS B 279 4.73 -21.34 -26.39
N GLU B 280 4.70 -22.15 -25.34
CA GLU B 280 4.94 -23.58 -25.49
C GLU B 280 3.86 -24.25 -26.34
N THR B 281 2.62 -24.02 -25.95
CA THR B 281 1.48 -24.59 -26.65
C THR B 281 1.42 -24.11 -28.11
N ILE B 282 1.70 -22.83 -28.37
CA ILE B 282 1.70 -22.31 -29.73
C ILE B 282 2.79 -23.03 -30.56
N GLU B 283 3.98 -23.24 -30.00
CA GLU B 283 5.03 -23.91 -30.75
C GLU B 283 4.61 -25.33 -31.08
N GLU B 284 3.92 -25.99 -30.15
CA GLU B 284 3.49 -27.37 -30.38
C GLU B 284 2.53 -27.41 -31.57
N VAL B 285 1.65 -26.43 -31.65
CA VAL B 285 0.71 -26.40 -32.74
C VAL B 285 1.45 -26.05 -34.04
N ILE B 286 2.45 -25.20 -33.95
CA ILE B 286 3.20 -24.85 -35.13
C ILE B 286 3.87 -26.12 -35.68
N ASN B 287 4.58 -26.84 -34.83
CA ASN B 287 5.22 -28.05 -35.30
C ASN B 287 4.21 -28.91 -36.06
N HIS B 288 3.02 -29.03 -35.50
CA HIS B 288 1.95 -29.82 -36.09
C HIS B 288 1.44 -29.28 -37.44
N LEU B 289 1.10 -28.00 -37.51
CA LEU B 289 0.58 -27.40 -38.73
C LEU B 289 1.64 -27.22 -39.82
N ALA B 290 2.88 -26.99 -39.41
CA ALA B 290 3.96 -26.81 -40.37
C ALA B 290 4.17 -28.12 -41.11
N ALA B 291 4.04 -29.22 -40.37
CA ALA B 291 4.19 -30.53 -40.97
C ALA B 291 3.22 -30.65 -42.14
N LYS B 292 2.12 -29.90 -42.07
CA LYS B 292 1.11 -29.93 -43.13
C LYS B 292 1.26 -28.79 -44.13
N GLY B 293 2.45 -28.21 -44.21
CA GLY B 293 2.69 -27.15 -45.16
C GLY B 293 2.19 -25.74 -44.88
N GLU B 294 1.70 -25.47 -43.68
CA GLU B 294 1.23 -24.12 -43.37
C GLU B 294 2.44 -23.23 -43.07
N LYS B 295 2.40 -21.99 -43.55
CA LYS B 295 3.51 -21.04 -43.34
C LYS B 295 3.26 -20.13 -42.13
N ILE B 296 3.51 -20.67 -40.94
CA ILE B 296 3.29 -19.93 -39.71
C ILE B 296 4.48 -19.92 -38.75
N GLY B 297 4.53 -18.90 -37.91
CA GLY B 297 5.61 -18.77 -36.96
C GLY B 297 5.19 -18.09 -35.67
N LEU B 298 6.14 -18.03 -34.74
CA LEU B 298 5.91 -17.45 -33.43
C LEU B 298 7.15 -16.72 -32.94
N ILE B 299 6.95 -15.53 -32.39
CA ILE B 299 8.05 -14.77 -31.81
C ILE B 299 7.83 -14.86 -30.30
N LYS B 300 8.75 -15.49 -29.60
CA LYS B 300 8.65 -15.62 -28.14
C LYS B 300 9.36 -14.43 -27.48
N VAL B 301 8.64 -13.72 -26.62
CA VAL B 301 9.20 -12.58 -25.93
C VAL B 301 9.87 -12.97 -24.63
N ARG B 302 11.17 -12.74 -24.52
CA ARG B 302 11.85 -13.09 -23.28
C ARG B 302 12.02 -11.82 -22.45
N LEU B 303 12.72 -10.86 -23.01
CA LEU B 303 12.94 -9.60 -22.30
C LEU B 303 11.87 -8.62 -22.74
N TYR B 304 10.91 -8.37 -21.85
CA TYR B 304 9.83 -7.44 -22.11
C TYR B 304 10.22 -5.98 -21.81
N ARG B 305 11.12 -5.80 -20.85
CA ARG B 305 11.60 -4.47 -20.49
C ARG B 305 13.06 -4.63 -20.09
N PRO B 306 13.96 -3.88 -20.73
CA PRO B 306 13.66 -2.91 -21.80
C PRO B 306 13.20 -3.67 -23.05
N PHE B 307 12.33 -3.04 -23.83
CA PHE B 307 11.83 -3.65 -25.07
C PHE B 307 12.75 -3.20 -26.19
N VAL B 308 13.57 -4.11 -26.70
CA VAL B 308 14.52 -3.80 -27.78
C VAL B 308 13.96 -4.15 -29.15
N SER B 309 13.53 -3.13 -29.88
CA SER B 309 12.94 -3.32 -31.20
C SER B 309 13.88 -4.03 -32.16
N GLU B 310 15.16 -3.68 -32.13
CA GLU B 310 16.17 -4.29 -33.01
C GLU B 310 16.17 -5.82 -32.85
N ALA B 311 16.06 -6.27 -31.61
CA ALA B 311 16.03 -7.71 -31.31
C ALA B 311 14.70 -8.31 -31.74
N PHE B 312 13.64 -7.51 -31.72
CA PHE B 312 12.33 -8.00 -32.12
C PHE B 312 12.37 -8.27 -33.62
N PHE B 313 12.87 -7.30 -34.37
CA PHE B 313 12.96 -7.46 -35.81
C PHE B 313 13.94 -8.55 -36.23
N ALA B 314 14.97 -8.80 -35.42
CA ALA B 314 15.91 -9.83 -35.79
C ALA B 314 15.18 -11.17 -35.72
N ALA B 315 13.97 -11.18 -35.18
CA ALA B 315 13.23 -12.44 -35.07
C ALA B 315 12.02 -12.54 -35.99
N LEU B 316 11.67 -11.44 -36.62
CA LEU B 316 10.52 -11.44 -37.50
C LEU B 316 10.89 -11.85 -38.92
N PRO B 317 10.17 -12.84 -39.49
CA PRO B 317 10.50 -13.25 -40.85
C PRO B 317 10.09 -12.15 -41.84
N ALA B 318 10.93 -11.87 -42.83
CA ALA B 318 10.59 -10.82 -43.79
C ALA B 318 9.30 -11.15 -44.55
N SER B 319 8.96 -12.44 -44.59
CA SER B 319 7.75 -12.92 -45.27
C SER B 319 6.42 -12.69 -44.54
N ALA B 320 6.53 -12.38 -43.24
CA ALA B 320 5.35 -12.16 -42.42
C ALA B 320 4.41 -11.09 -42.98
N LYS B 321 3.18 -11.47 -43.35
CA LYS B 321 2.21 -10.51 -43.90
C LYS B 321 1.22 -10.07 -42.83
N VAL B 322 0.94 -10.97 -41.89
CA VAL B 322 0.04 -10.68 -40.80
C VAL B 322 0.67 -11.11 -39.48
N ILE B 323 0.57 -10.26 -38.47
CA ILE B 323 1.12 -10.56 -37.16
C ILE B 323 0.04 -10.36 -36.11
N THR B 324 -0.13 -11.34 -35.23
CA THR B 324 -1.13 -11.20 -34.17
C THR B 324 -0.38 -11.11 -32.86
N VAL B 325 -0.64 -10.06 -32.08
CA VAL B 325 0.04 -9.92 -30.80
C VAL B 325 -0.93 -10.32 -29.71
N LEU B 326 -0.56 -11.35 -28.96
CA LEU B 326 -1.41 -11.86 -27.89
C LEU B 326 -1.02 -11.28 -26.52
N ASP B 327 -1.99 -10.64 -25.86
CA ASP B 327 -1.76 -10.09 -24.51
C ASP B 327 -2.59 -10.90 -23.51
N ARG B 328 -1.96 -11.29 -22.39
CA ARG B 328 -2.64 -12.05 -21.38
C ARG B 328 -3.10 -11.10 -20.26
N THR B 329 -3.86 -10.08 -20.62
CA THR B 329 -4.35 -9.10 -19.66
C THR B 329 -5.47 -8.31 -20.31
N LYS B 330 -6.01 -7.33 -19.57
CA LYS B 330 -7.08 -6.49 -20.09
C LYS B 330 -6.99 -5.12 -19.45
N GLU B 331 -6.69 -4.10 -20.24
CA GLU B 331 -6.64 -2.71 -19.72
C GLU B 331 -7.87 -2.01 -20.28
N PRO B 332 -8.96 -1.93 -19.48
CA PRO B 332 -10.20 -1.29 -19.92
C PRO B 332 -10.03 0.12 -20.49
N GLY B 333 -10.57 0.35 -21.68
CA GLY B 333 -10.47 1.68 -22.28
C GLY B 333 -9.17 1.99 -23.01
N ALA B 334 -8.18 1.09 -22.89
CA ALA B 334 -6.92 1.30 -23.58
C ALA B 334 -7.14 1.04 -25.08
N PRO B 335 -6.39 1.73 -25.94
CA PRO B 335 -6.59 1.50 -27.38
C PRO B 335 -6.03 0.13 -27.71
N GLY B 336 -5.33 -0.44 -26.75
CA GLY B 336 -4.73 -1.76 -26.91
C GLY B 336 -4.00 -2.22 -25.67
N ASP B 337 -3.74 -3.52 -25.56
CA ASP B 337 -3.02 -4.01 -24.41
C ASP B 337 -1.51 -3.77 -24.56
N PRO B 338 -0.74 -3.87 -23.47
CA PRO B 338 0.71 -3.61 -23.48
C PRO B 338 1.66 -4.16 -24.54
N LEU B 339 1.67 -5.48 -24.74
CA LEU B 339 2.57 -6.05 -25.73
C LEU B 339 2.18 -5.53 -27.13
N TYR B 340 0.90 -5.49 -27.42
CA TYR B 340 0.41 -4.99 -28.69
C TYR B 340 0.92 -3.55 -28.91
N LEU B 341 0.72 -2.68 -27.92
CA LEU B 341 1.18 -1.31 -28.07
C LEU B 341 2.69 -1.25 -28.33
N ASP B 342 3.46 -2.10 -27.66
CA ASP B 342 4.90 -2.09 -27.86
C ASP B 342 5.27 -2.51 -29.29
N VAL B 343 4.63 -3.56 -29.79
CA VAL B 343 4.90 -4.03 -31.13
C VAL B 343 4.47 -3.00 -32.17
N CYS B 344 3.30 -2.41 -31.99
CA CYS B 344 2.88 -1.40 -32.94
C CYS B 344 3.96 -0.33 -33.05
N SER B 345 4.46 0.14 -31.91
CA SER B 345 5.48 1.20 -31.94
C SER B 345 6.72 0.78 -32.68
N ALA B 346 7.04 -0.52 -32.63
CA ALA B 346 8.22 -1.02 -33.31
C ALA B 346 8.08 -0.80 -34.81
N PHE B 347 6.93 -1.13 -35.37
CA PHE B 347 6.70 -0.97 -36.79
C PHE B 347 6.64 0.50 -37.19
N VAL B 348 5.99 1.30 -36.37
CA VAL B 348 5.88 2.72 -36.67
C VAL B 348 7.25 3.40 -36.75
N GLU B 349 8.15 3.09 -35.83
CA GLU B 349 9.47 3.70 -35.88
C GLU B 349 10.34 3.18 -37.03
N ARG B 350 10.15 1.92 -37.43
CA ARG B 350 10.96 1.37 -38.52
C ARG B 350 10.68 2.18 -39.82
N GLY B 351 9.40 2.49 -40.04
CA GLY B 351 9.03 3.27 -41.21
C GLY B 351 8.93 2.51 -42.51
N GLU B 352 9.31 1.24 -42.50
CA GLU B 352 9.27 0.41 -43.70
C GLU B 352 7.93 -0.27 -43.87
N ALA B 353 8.01 -1.55 -44.21
CA ALA B 353 6.83 -2.38 -44.43
C ALA B 353 5.90 -2.33 -43.24
N MET B 354 4.60 -2.36 -43.50
CA MET B 354 3.63 -2.38 -42.43
C MET B 354 2.66 -3.56 -42.62
N PRO B 355 2.99 -4.72 -42.03
CA PRO B 355 2.08 -5.87 -42.17
C PRO B 355 0.84 -5.60 -41.33
N LYS B 356 -0.20 -6.42 -41.46
CA LYS B 356 -1.38 -6.19 -40.66
C LYS B 356 -1.09 -6.59 -39.22
N ILE B 357 -1.33 -5.70 -38.28
CA ILE B 357 -1.09 -6.04 -36.88
C ILE B 357 -2.45 -6.30 -36.23
N LEU B 358 -2.60 -7.45 -35.60
CA LEU B 358 -3.85 -7.81 -34.95
C LEU B 358 -3.62 -8.03 -33.45
N ALA B 359 -4.57 -7.57 -32.64
CA ALA B 359 -4.48 -7.70 -31.18
C ALA B 359 -5.45 -8.76 -30.65
N GLY B 360 -4.95 -9.67 -29.82
CA GLY B 360 -5.81 -10.72 -29.27
C GLY B 360 -5.59 -10.91 -27.78
N ARG B 361 -6.69 -11.14 -27.06
CA ARG B 361 -6.66 -11.35 -25.61
C ARG B 361 -6.97 -12.82 -25.27
N TYR B 362 -6.19 -13.40 -24.37
CA TYR B 362 -6.40 -14.79 -23.97
C TYR B 362 -5.96 -15.03 -22.53
N GLY B 363 -6.17 -16.25 -22.08
CA GLY B 363 -5.74 -16.70 -20.77
C GLY B 363 -5.98 -16.00 -19.45
N LEU B 364 -6.94 -15.10 -19.37
CA LEU B 364 -7.16 -14.42 -18.09
C LEU B 364 -7.55 -15.39 -16.98
N GLY B 365 -6.99 -15.21 -15.80
CA GLY B 365 -7.31 -16.10 -14.69
C GLY B 365 -7.14 -17.59 -15.02
N SER B 366 -6.04 -17.93 -15.68
CA SER B 366 -5.75 -19.30 -16.05
C SER B 366 -6.75 -19.92 -17.02
N LYS B 367 -7.49 -19.10 -17.76
CA LYS B 367 -8.41 -19.68 -18.75
C LYS B 367 -7.57 -20.55 -19.69
N GLU B 368 -8.09 -21.71 -20.08
CA GLU B 368 -7.35 -22.56 -20.99
C GLU B 368 -6.92 -21.80 -22.24
N PHE B 369 -5.75 -22.14 -22.75
CA PHE B 369 -5.30 -21.60 -24.01
C PHE B 369 -4.79 -22.86 -24.72
N SER B 370 -5.73 -23.53 -25.38
CA SER B 370 -5.49 -24.80 -26.05
C SER B 370 -5.08 -24.73 -27.51
N PRO B 371 -4.68 -25.88 -28.08
CA PRO B 371 -4.27 -25.95 -29.49
C PRO B 371 -5.40 -25.44 -30.40
N ALA B 372 -6.62 -25.87 -30.11
CA ALA B 372 -7.74 -25.44 -30.93
C ALA B 372 -7.81 -23.91 -30.94
N MET B 373 -7.57 -23.27 -29.80
CA MET B 373 -7.62 -21.83 -29.74
C MET B 373 -6.45 -21.22 -30.53
N VAL B 374 -5.29 -21.87 -30.53
CA VAL B 374 -4.17 -21.35 -31.27
C VAL B 374 -4.53 -21.44 -32.73
N LYS B 375 -5.22 -22.51 -33.09
CA LYS B 375 -5.64 -22.73 -34.47
C LYS B 375 -6.56 -21.59 -34.91
N SER B 376 -7.49 -21.20 -34.04
CA SER B 376 -8.43 -20.11 -34.34
C SER B 376 -7.67 -18.82 -34.58
N VAL B 377 -6.58 -18.63 -33.84
CA VAL B 377 -5.77 -17.43 -33.97
C VAL B 377 -5.08 -17.39 -35.34
N TYR B 378 -4.64 -18.55 -35.83
CA TYR B 378 -3.96 -18.58 -37.12
C TYR B 378 -4.98 -18.47 -38.25
N ASP B 379 -6.11 -19.15 -38.10
CA ASP B 379 -7.17 -19.09 -39.10
C ASP B 379 -7.72 -17.67 -39.19
N ASN B 380 -7.72 -16.94 -38.09
CA ASN B 380 -8.24 -15.59 -38.12
C ASN B 380 -7.34 -14.74 -39.00
N MET B 381 -6.05 -15.03 -38.98
CA MET B 381 -5.13 -14.26 -39.79
C MET B 381 -5.24 -14.52 -41.29
N SER B 382 -5.88 -15.61 -41.67
CA SER B 382 -6.02 -15.85 -43.09
C SER B 382 -7.51 -15.81 -43.46
N GLY B 383 -8.33 -15.42 -42.49
CA GLY B 383 -9.77 -15.30 -42.70
C GLY B 383 -10.26 -13.88 -42.43
N ALA B 384 -11.18 -13.76 -41.47
CA ALA B 384 -11.76 -12.48 -41.13
C ALA B 384 -10.79 -11.41 -40.64
N LYS B 385 -9.71 -11.82 -40.00
CA LYS B 385 -8.75 -10.88 -39.46
C LYS B 385 -9.47 -9.99 -38.45
N LYS B 386 -10.24 -10.61 -37.58
CA LYS B 386 -10.94 -9.85 -36.56
C LYS B 386 -9.84 -9.24 -35.69
N ASN B 387 -10.04 -8.00 -35.26
CA ASN B 387 -9.04 -7.33 -34.42
C ASN B 387 -9.59 -7.13 -33.01
N HIS B 388 -8.70 -6.98 -32.04
CA HIS B 388 -9.09 -6.78 -30.65
C HIS B 388 -10.05 -7.85 -30.18
N PHE B 389 -9.73 -9.10 -30.52
CA PHE B 389 -10.56 -10.24 -30.14
C PHE B 389 -10.15 -10.87 -28.82
N THR B 390 -10.99 -11.81 -28.38
CA THR B 390 -10.76 -12.59 -27.18
C THR B 390 -10.84 -14.03 -27.69
N VAL B 391 -10.15 -14.96 -27.02
CA VAL B 391 -10.21 -16.37 -27.42
C VAL B 391 -10.31 -17.17 -26.15
N GLY B 392 -11.19 -18.15 -26.12
CA GLY B 392 -11.35 -18.96 -24.92
C GLY B 392 -12.68 -18.69 -24.25
N ILE B 393 -13.41 -17.68 -24.72
CA ILE B 393 -14.72 -17.37 -24.16
C ILE B 393 -15.70 -17.10 -25.29
N GLU B 394 -16.98 -17.14 -24.96
CA GLU B 394 -18.01 -16.81 -25.92
C GLU B 394 -18.50 -15.42 -25.52
N ASP B 395 -18.08 -14.40 -26.26
CA ASP B 395 -18.49 -13.04 -25.97
C ASP B 395 -19.73 -12.72 -26.78
N ASP B 396 -20.89 -13.07 -26.24
CA ASP B 396 -22.15 -12.85 -26.91
C ASP B 396 -22.72 -11.47 -26.57
N VAL B 397 -21.99 -10.71 -25.77
CA VAL B 397 -22.45 -9.36 -25.41
C VAL B 397 -21.81 -8.31 -26.32
N THR B 398 -20.53 -8.46 -26.65
CA THR B 398 -19.90 -7.50 -27.53
C THR B 398 -19.23 -8.14 -28.75
N GLY B 399 -19.47 -9.44 -28.94
CA GLY B 399 -18.93 -10.13 -30.08
C GLY B 399 -17.45 -9.99 -30.38
N THR B 400 -16.60 -10.02 -29.35
CA THR B 400 -15.18 -9.90 -29.61
C THR B 400 -14.48 -11.25 -29.72
N SER B 401 -15.16 -12.34 -29.35
CA SER B 401 -14.52 -13.66 -29.38
C SER B 401 -14.41 -14.38 -30.72
N LEU B 402 -13.43 -15.28 -30.80
CA LEU B 402 -13.19 -16.06 -32.00
C LEU B 402 -13.91 -17.40 -31.91
N PRO B 403 -14.43 -17.89 -33.03
CA PRO B 403 -15.09 -19.19 -32.89
C PRO B 403 -13.95 -20.20 -32.75
N VAL B 404 -14.14 -21.21 -31.91
CA VAL B 404 -13.14 -22.23 -31.70
C VAL B 404 -13.73 -23.62 -32.00
N ASP B 405 -13.07 -24.34 -32.89
CA ASP B 405 -13.51 -25.66 -33.30
C ASP B 405 -12.74 -26.72 -32.53
N ASN B 406 -13.37 -27.26 -31.50
CA ASN B 406 -12.74 -28.27 -30.67
C ASN B 406 -12.56 -29.65 -31.29
N ALA B 407 -12.78 -29.76 -32.59
CA ALA B 407 -12.61 -31.05 -33.26
C ALA B 407 -11.15 -31.12 -33.71
N PHE B 408 -10.46 -29.98 -33.63
CA PHE B 408 -9.04 -29.90 -34.01
C PHE B 408 -8.28 -31.06 -33.39
N ALA B 409 -7.54 -31.77 -34.22
CA ALA B 409 -6.79 -32.93 -33.80
C ALA B 409 -5.82 -32.71 -32.63
N ASP B 410 -5.36 -33.82 -32.06
CA ASP B 410 -4.39 -33.82 -30.97
C ASP B 410 -3.07 -33.43 -31.60
N THR B 411 -2.36 -32.49 -30.97
CA THR B 411 -1.10 -32.02 -31.50
C THR B 411 0.13 -32.37 -30.65
N THR B 412 -0.03 -33.23 -29.64
CA THR B 412 1.12 -33.60 -28.83
C THR B 412 2.08 -34.40 -29.72
N PRO B 413 3.39 -34.36 -29.42
CA PRO B 413 4.40 -35.08 -30.21
C PRO B 413 4.02 -36.54 -30.30
N LYS B 414 4.55 -37.24 -31.28
CA LYS B 414 4.24 -38.65 -31.46
C LYS B 414 4.76 -39.46 -30.28
N GLY B 415 3.98 -40.44 -29.86
CA GLY B 415 4.38 -41.28 -28.76
C GLY B 415 3.87 -40.89 -27.38
N THR B 416 3.58 -39.60 -27.19
CA THR B 416 3.09 -39.09 -25.91
C THR B 416 1.84 -39.77 -25.33
N ILE B 417 1.93 -40.19 -24.08
CA ILE B 417 0.83 -40.82 -23.40
C ILE B 417 0.21 -39.81 -22.42
N GLN B 418 -1.10 -39.66 -22.48
CA GLN B 418 -1.79 -38.69 -21.65
C GLN B 418 -2.78 -39.35 -20.70
N CYS B 419 -2.75 -38.92 -19.45
CA CYS B 419 -3.62 -39.48 -18.42
C CYS B 419 -4.42 -38.45 -17.63
N GLN B 420 -5.62 -38.84 -17.20
CA GLN B 420 -6.48 -37.99 -16.39
C GLN B 420 -6.90 -38.82 -15.21
N PHE B 421 -6.86 -38.22 -14.03
CA PHE B 421 -7.27 -38.90 -12.80
C PHE B 421 -8.28 -38.05 -12.06
N TRP B 422 -9.44 -38.65 -11.77
CA TRP B 422 -10.48 -37.95 -11.03
C TRP B 422 -10.37 -38.41 -9.58
N GLY B 423 -9.98 -37.51 -8.68
CA GLY B 423 -9.83 -37.89 -7.29
C GLY B 423 -10.70 -37.18 -6.28
N LEU B 424 -10.70 -37.70 -5.06
CA LEU B 424 -11.47 -37.13 -3.97
C LEU B 424 -10.49 -36.52 -2.99
N GLY B 425 -10.77 -35.30 -2.55
CA GLY B 425 -9.88 -34.66 -1.62
C GLY B 425 -9.34 -35.56 -0.55
N ALA B 426 -8.02 -35.61 -0.45
CA ALA B 426 -7.35 -36.40 0.56
C ALA B 426 -7.43 -37.92 0.37
N ASP B 427 -7.67 -38.39 -0.85
CA ASP B 427 -7.68 -39.84 -1.05
C ASP B 427 -6.29 -40.27 -1.52
N GLY B 428 -5.39 -39.30 -1.60
CA GLY B 428 -4.03 -39.59 -2.01
C GLY B 428 -3.73 -39.68 -3.49
N THR B 429 -4.68 -39.35 -4.34
CA THR B 429 -4.45 -39.44 -5.79
C THR B 429 -3.33 -38.53 -6.31
N VAL B 430 -3.29 -37.29 -5.84
CA VAL B 430 -2.28 -36.33 -6.26
C VAL B 430 -0.91 -36.79 -5.79
N GLY B 431 -0.83 -37.20 -4.53
CA GLY B 431 0.43 -37.69 -4.00
C GLY B 431 0.94 -38.88 -4.81
N ALA B 432 0.05 -39.79 -5.19
CA ALA B 432 0.48 -40.96 -5.94
C ALA B 432 0.90 -40.53 -7.34
N ASN B 433 0.19 -39.57 -7.91
CA ASN B 433 0.51 -39.08 -9.26
C ASN B 433 1.89 -38.44 -9.25
N LYS B 434 2.14 -37.61 -8.23
CA LYS B 434 3.42 -36.93 -8.10
C LYS B 434 4.53 -37.96 -7.96
N GLN B 435 4.25 -39.01 -7.19
CA GLN B 435 5.19 -40.09 -6.98
C GLN B 435 5.45 -40.87 -8.25
N ALA B 436 4.41 -41.03 -9.07
CA ALA B 436 4.55 -41.76 -10.33
C ALA B 436 5.42 -40.96 -11.27
N ILE B 437 5.29 -39.63 -11.18
CA ILE B 437 6.09 -38.77 -12.04
C ILE B 437 7.58 -38.88 -11.66
N LYS B 438 7.88 -38.86 -10.38
CA LYS B 438 9.27 -38.96 -9.95
C LYS B 438 9.87 -40.31 -10.34
N ILE B 439 9.15 -41.39 -10.04
CA ILE B 439 9.61 -42.74 -10.34
C ILE B 439 9.93 -42.95 -11.81
N ILE B 440 9.04 -42.54 -12.70
CA ILE B 440 9.22 -42.70 -14.14
C ILE B 440 10.33 -41.79 -14.69
N GLY B 441 10.36 -40.54 -14.25
CA GLY B 441 11.38 -39.62 -14.73
C GLY B 441 12.79 -39.98 -14.26
N ASP B 442 12.90 -40.53 -13.05
CA ASP B 442 14.18 -40.90 -12.47
C ASP B 442 14.68 -42.22 -13.01
N ASN B 443 13.81 -43.00 -13.63
CA ASN B 443 14.22 -44.30 -14.12
C ASN B 443 14.10 -44.59 -15.59
N THR B 444 13.76 -43.57 -16.38
CA THR B 444 13.64 -43.77 -17.83
C THR B 444 14.17 -42.53 -18.50
N ASP B 445 14.14 -42.50 -19.83
CA ASP B 445 14.58 -41.35 -20.57
C ASP B 445 13.39 -40.57 -21.08
N LEU B 446 12.22 -40.84 -20.51
CA LEU B 446 10.99 -40.16 -20.91
C LEU B 446 10.88 -38.79 -20.23
N PHE B 447 10.10 -37.91 -20.85
CA PHE B 447 9.84 -36.60 -20.27
C PHE B 447 8.53 -36.80 -19.54
N ALA B 448 8.32 -36.04 -18.47
CA ALA B 448 7.11 -36.21 -17.68
C ALA B 448 6.52 -34.89 -17.29
N GLN B 449 5.20 -34.81 -17.32
CA GLN B 449 4.54 -33.59 -16.94
C GLN B 449 3.33 -33.87 -16.06
N GLY B 450 3.13 -32.99 -15.09
CA GLY B 450 2.01 -33.13 -14.17
C GLY B 450 1.38 -31.78 -13.91
N TYR B 451 0.05 -31.76 -13.88
CA TYR B 451 -0.71 -30.55 -13.61
C TYR B 451 -1.98 -30.99 -12.88
N PHE B 452 -2.34 -30.29 -11.81
CA PHE B 452 -3.52 -30.66 -11.03
C PHE B 452 -4.52 -29.55 -10.82
N SER B 453 -5.79 -29.83 -11.11
CA SER B 453 -6.86 -28.84 -10.89
C SER B 453 -7.52 -29.29 -9.60
N TYR B 454 -7.79 -28.36 -8.71
CA TYR B 454 -8.41 -28.69 -7.45
C TYR B 454 -9.81 -28.12 -7.40
N ASP B 455 -10.40 -28.16 -6.22
CA ASP B 455 -11.76 -27.70 -5.99
C ASP B 455 -11.73 -26.51 -5.05
N SER B 456 -12.76 -25.65 -5.14
CA SER B 456 -12.87 -24.51 -4.24
C SER B 456 -13.37 -25.04 -2.91
N LYS B 457 -14.01 -26.22 -2.96
CA LYS B 457 -14.54 -26.87 -1.77
C LYS B 457 -13.34 -27.37 -0.97
N LYS B 458 -13.24 -26.89 0.26
CA LYS B 458 -12.13 -27.23 1.13
C LYS B 458 -12.13 -28.66 1.62
N SER B 459 -13.31 -29.24 1.71
CA SER B 459 -13.49 -30.62 2.17
C SER B 459 -14.27 -31.48 1.16
N GLY B 460 -13.79 -32.72 0.96
CA GLY B 460 -14.47 -33.62 0.03
C GLY B 460 -14.49 -33.07 -1.39
N GLY B 461 -13.45 -32.33 -1.74
CA GLY B 461 -13.35 -31.73 -3.06
C GLY B 461 -12.94 -32.71 -4.14
N ILE B 462 -13.21 -32.31 -5.37
CA ILE B 462 -12.89 -33.12 -6.52
C ILE B 462 -11.59 -32.55 -7.09
N THR B 463 -10.61 -33.43 -7.35
CA THR B 463 -9.36 -32.98 -7.94
C THR B 463 -9.20 -33.74 -9.24
N ILE B 464 -8.67 -33.08 -10.25
CA ILE B 464 -8.45 -33.74 -11.54
C ILE B 464 -6.98 -33.60 -11.90
N SER B 465 -6.30 -34.72 -12.06
CA SER B 465 -4.89 -34.71 -12.40
C SER B 465 -4.68 -34.92 -13.90
N HIS B 466 -3.68 -34.22 -14.45
CA HIS B 466 -3.34 -34.35 -15.86
C HIS B 466 -1.88 -34.73 -16.00
N LEU B 467 -1.59 -35.95 -16.46
CA LEU B 467 -0.19 -36.34 -16.62
C LEU B 467 0.14 -36.73 -18.06
N ARG B 468 1.35 -36.38 -18.47
CA ARG B 468 1.83 -36.74 -19.80
C ARG B 468 3.25 -37.32 -19.68
N PHE B 469 3.57 -38.27 -20.55
CA PHE B 469 4.88 -38.89 -20.59
C PHE B 469 5.18 -39.09 -22.05
N GLY B 470 6.42 -38.84 -22.45
CA GLY B 470 6.75 -39.02 -23.85
C GLY B 470 8.24 -39.04 -24.14
N GLU B 471 8.57 -39.54 -25.31
CA GLU B 471 9.95 -39.61 -25.72
C GLU B 471 10.45 -38.23 -26.12
N LYS B 472 9.52 -37.33 -26.40
CA LYS B 472 9.90 -35.97 -26.78
C LYS B 472 9.49 -34.93 -25.72
N PRO B 473 10.16 -33.76 -25.71
CA PRO B 473 9.85 -32.69 -24.74
C PRO B 473 8.38 -32.31 -24.77
N ILE B 474 7.80 -32.13 -23.59
CA ILE B 474 6.39 -31.81 -23.48
C ILE B 474 6.13 -30.30 -23.38
N GLN B 475 5.55 -29.75 -24.43
CA GLN B 475 5.24 -28.33 -24.50
C GLN B 475 3.75 -28.06 -24.33
N SER B 476 2.99 -29.10 -23.98
CA SER B 476 1.55 -28.98 -23.82
C SER B 476 1.11 -28.24 -22.56
N THR B 477 1.17 -26.91 -22.60
CA THR B 477 0.77 -26.14 -21.44
C THR B 477 -0.73 -25.93 -21.44
N TYR B 478 -1.47 -27.03 -21.44
CA TYR B 478 -2.92 -26.99 -21.42
C TYR B 478 -3.35 -28.33 -20.86
N LEU B 479 -4.56 -28.40 -20.36
CA LEU B 479 -5.08 -29.64 -19.79
C LEU B 479 -5.17 -30.73 -20.82
N VAL B 480 -5.13 -31.98 -20.36
CA VAL B 480 -5.28 -33.11 -21.25
C VAL B 480 -6.72 -33.06 -21.77
N ASN B 481 -6.90 -33.15 -23.08
CA ASN B 481 -8.27 -33.13 -23.61
C ASN B 481 -8.64 -34.45 -24.31
N ARG B 482 -7.65 -35.26 -24.66
CA ARG B 482 -7.88 -36.54 -25.31
C ARG B 482 -6.95 -37.55 -24.64
N ALA B 483 -7.40 -38.16 -23.54
CA ALA B 483 -6.56 -39.09 -22.79
C ALA B 483 -6.48 -40.53 -23.30
N ASP B 484 -5.36 -41.18 -22.99
CA ASP B 484 -5.11 -42.56 -23.37
C ASP B 484 -5.61 -43.42 -22.22
N TYR B 485 -5.56 -42.81 -21.03
CA TYR B 485 -5.93 -43.45 -19.79
C TYR B 485 -6.67 -42.49 -18.89
N VAL B 486 -7.89 -42.86 -18.51
CA VAL B 486 -8.66 -42.05 -17.59
C VAL B 486 -9.01 -42.95 -16.42
N ALA B 487 -8.78 -42.48 -15.20
CA ALA B 487 -9.09 -43.25 -14.01
C ALA B 487 -10.01 -42.43 -13.13
N CYS B 488 -11.11 -43.03 -12.70
CA CYS B 488 -12.05 -42.34 -11.83
C CYS B 488 -11.89 -43.02 -10.49
N HIS B 489 -11.38 -42.29 -9.50
CA HIS B 489 -11.09 -42.87 -8.19
C HIS B 489 -12.20 -42.82 -7.15
N ASN B 490 -13.32 -42.22 -7.51
CA ASN B 490 -14.44 -42.09 -6.61
C ASN B 490 -15.67 -42.48 -7.41
N PRO B 491 -16.36 -43.56 -7.01
CA PRO B 491 -17.55 -44.00 -7.76
C PRO B 491 -18.69 -42.94 -7.86
N ALA B 492 -18.89 -42.15 -6.81
CA ALA B 492 -19.94 -41.12 -6.84
C ALA B 492 -19.84 -40.18 -8.06
N TYR B 493 -18.65 -40.00 -8.61
CA TYR B 493 -18.47 -39.12 -9.77
C TYR B 493 -19.13 -39.64 -11.04
N VAL B 494 -19.34 -40.94 -11.10
CA VAL B 494 -19.90 -41.59 -12.27
C VAL B 494 -21.17 -40.94 -12.86
N GLY B 495 -22.15 -40.65 -12.01
CA GLY B 495 -23.36 -40.06 -12.53
C GLY B 495 -23.46 -38.55 -12.39
N ILE B 496 -22.33 -37.88 -12.15
CA ILE B 496 -22.34 -36.44 -11.96
C ILE B 496 -21.52 -35.69 -12.99
N TYR B 497 -20.29 -36.14 -13.22
CA TYR B 497 -19.38 -35.49 -14.17
C TYR B 497 -19.13 -36.27 -15.46
N ASP B 498 -18.74 -35.55 -16.50
CA ASP B 498 -18.44 -36.13 -17.81
C ASP B 498 -17.01 -36.66 -17.75
N ILE B 499 -16.79 -37.71 -16.98
CA ILE B 499 -15.45 -38.26 -16.81
C ILE B 499 -14.75 -38.86 -18.01
N LEU B 500 -15.47 -39.19 -19.07
CA LEU B 500 -14.81 -39.78 -20.25
C LEU B 500 -14.65 -38.84 -21.43
N GLU B 501 -15.03 -37.58 -21.26
CA GLU B 501 -14.92 -36.63 -22.36
C GLU B 501 -13.53 -36.62 -23.01
N GLY B 502 -13.51 -36.80 -24.33
CA GLY B 502 -12.26 -36.79 -25.05
C GLY B 502 -11.39 -38.04 -25.02
N ILE B 503 -11.72 -39.05 -24.21
CA ILE B 503 -10.88 -40.24 -24.17
C ILE B 503 -10.74 -40.78 -25.59
N LYS B 504 -9.54 -41.20 -25.95
CA LYS B 504 -9.30 -41.72 -27.29
C LYS B 504 -9.98 -43.05 -27.54
N ASP B 505 -10.29 -43.31 -28.80
CA ASP B 505 -10.89 -44.59 -29.16
C ASP B 505 -9.88 -45.64 -28.68
N GLY B 506 -10.38 -46.71 -28.07
CA GLY B 506 -9.49 -47.76 -27.59
C GLY B 506 -8.69 -47.49 -26.34
N GLY B 507 -8.82 -46.30 -25.77
CA GLY B 507 -8.08 -45.99 -24.56
C GLY B 507 -8.60 -46.79 -23.38
N THR B 508 -7.98 -46.65 -22.22
CA THR B 508 -8.50 -47.42 -21.11
C THR B 508 -9.08 -46.56 -20.01
N PHE B 509 -10.11 -47.11 -19.39
CA PHE B 509 -10.83 -46.44 -18.33
C PHE B 509 -10.86 -47.34 -17.11
N VAL B 510 -10.26 -46.87 -16.05
CA VAL B 510 -10.23 -47.61 -14.81
C VAL B 510 -11.21 -46.93 -13.86
N LEU B 511 -12.02 -47.74 -13.21
CA LEU B 511 -13.00 -47.22 -12.30
C LEU B 511 -12.87 -47.93 -10.99
N ASN B 512 -12.86 -47.16 -9.91
CA ASN B 512 -12.81 -47.74 -8.59
C ASN B 512 -14.25 -47.77 -8.12
N SER B 513 -14.76 -48.97 -7.87
CA SER B 513 -16.14 -49.12 -7.40
C SER B 513 -16.39 -50.55 -6.93
N PRO B 514 -17.48 -50.76 -6.18
CA PRO B 514 -17.85 -52.08 -5.66
C PRO B 514 -18.81 -52.83 -6.60
N TRP B 515 -19.03 -52.28 -7.79
CA TRP B 515 -19.96 -52.86 -8.77
C TRP B 515 -19.28 -53.86 -9.67
N SER B 516 -18.91 -54.97 -9.06
CA SER B 516 -18.17 -56.03 -9.74
C SER B 516 -18.94 -56.82 -10.80
N SER B 517 -20.17 -57.21 -10.49
CA SER B 517 -20.97 -57.99 -11.45
C SER B 517 -21.55 -57.11 -12.53
N LEU B 518 -21.68 -57.64 -13.73
CA LEU B 518 -22.25 -56.86 -14.83
C LEU B 518 -23.60 -56.30 -14.39
N GLU B 519 -24.30 -57.09 -13.59
CA GLU B 519 -25.61 -56.68 -13.08
C GLU B 519 -25.53 -55.38 -12.27
N ASP B 520 -24.64 -55.35 -11.28
CA ASP B 520 -24.47 -54.14 -10.45
C ASP B 520 -23.96 -52.94 -11.25
N MET B 521 -23.12 -53.21 -12.25
CA MET B 521 -22.59 -52.14 -13.09
C MET B 521 -23.72 -51.56 -13.92
N ASP B 522 -24.59 -52.41 -14.46
CA ASP B 522 -25.72 -51.92 -15.25
C ASP B 522 -26.60 -51.01 -14.42
N LYS B 523 -26.81 -51.40 -13.17
CA LYS B 523 -27.65 -50.65 -12.26
C LYS B 523 -27.09 -49.31 -11.78
N HIS B 524 -25.76 -49.15 -11.85
CA HIS B 524 -25.13 -47.90 -11.38
C HIS B 524 -24.43 -47.02 -12.39
N LEU B 525 -24.14 -47.55 -13.56
CA LEU B 525 -23.42 -46.77 -14.57
C LEU B 525 -24.42 -46.10 -15.51
N PRO B 526 -24.26 -44.78 -15.77
CA PRO B 526 -25.13 -44.01 -16.65
C PRO B 526 -25.05 -44.48 -18.10
N SER B 527 -26.17 -44.39 -18.82
CA SER B 527 -26.23 -44.81 -20.21
C SER B 527 -25.16 -44.13 -21.04
N GLY B 528 -24.94 -42.84 -20.76
CA GLY B 528 -23.95 -42.06 -21.48
C GLY B 528 -22.59 -42.71 -21.43
N ILE B 529 -22.22 -43.14 -20.24
CA ILE B 529 -20.95 -43.81 -20.05
C ILE B 529 -20.97 -45.17 -20.70
N LYS B 530 -22.07 -45.91 -20.56
CA LYS B 530 -22.17 -47.23 -21.18
C LYS B 530 -21.93 -47.16 -22.67
N ARG B 531 -22.51 -46.16 -23.31
CA ARG B 531 -22.36 -46.01 -24.75
C ARG B 531 -20.93 -45.63 -25.15
N THR B 532 -20.32 -44.73 -24.39
CA THR B 532 -18.95 -44.32 -24.70
C THR B 532 -17.99 -45.51 -24.62
N ILE B 533 -18.11 -46.28 -23.55
CA ILE B 533 -17.24 -47.43 -23.38
C ILE B 533 -17.40 -48.38 -24.57
N ALA B 534 -18.64 -48.69 -24.90
CA ALA B 534 -18.93 -49.59 -26.00
C ALA B 534 -18.60 -49.00 -27.37
N ASN B 535 -19.04 -47.78 -27.66
CA ASN B 535 -18.76 -47.19 -28.96
C ASN B 535 -17.30 -46.90 -29.27
N LYS B 536 -16.52 -46.55 -28.26
CA LYS B 536 -15.10 -46.27 -28.48
C LYS B 536 -14.26 -47.51 -28.21
N LYS B 537 -14.92 -48.65 -28.02
CA LYS B 537 -14.22 -49.90 -27.76
C LYS B 537 -13.15 -49.73 -26.67
N LEU B 538 -13.50 -49.05 -25.59
CA LEU B 538 -12.54 -48.84 -24.52
C LEU B 538 -12.21 -50.10 -23.72
N LYS B 539 -10.98 -50.16 -23.22
CA LYS B 539 -10.55 -51.26 -22.39
C LYS B 539 -10.99 -50.76 -21.01
N PHE B 540 -12.08 -51.31 -20.51
CA PHE B 540 -12.68 -50.91 -19.26
C PHE B 540 -12.33 -51.82 -18.09
N TYR B 541 -11.86 -51.22 -16.99
CA TYR B 541 -11.53 -52.00 -15.79
C TYR B 541 -12.23 -51.49 -14.55
N ASN B 542 -12.84 -52.40 -13.81
CA ASN B 542 -13.44 -51.99 -12.56
C ASN B 542 -12.65 -52.65 -11.43
N ILE B 543 -12.34 -51.90 -10.39
CA ILE B 543 -11.62 -52.51 -9.30
C ILE B 543 -12.20 -52.01 -7.99
N ASP B 544 -12.49 -52.96 -7.09
CA ASP B 544 -13.06 -52.61 -5.79
C ASP B 544 -11.90 -52.26 -4.85
N ALA B 545 -11.28 -51.11 -5.11
CA ALA B 545 -10.15 -50.65 -4.33
C ALA B 545 -10.39 -50.64 -2.82
N VAL B 546 -11.56 -50.24 -2.37
CA VAL B 546 -11.82 -50.19 -0.94
C VAL B 546 -11.71 -51.57 -0.31
N LYS B 547 -12.35 -52.55 -0.95
CA LYS B 547 -12.34 -53.91 -0.45
C LYS B 547 -10.91 -54.44 -0.40
N ILE B 548 -10.21 -54.38 -1.53
CA ILE B 548 -8.83 -54.86 -1.58
C ILE B 548 -7.99 -54.20 -0.50
N ALA B 549 -8.08 -52.89 -0.38
CA ALA B 549 -7.30 -52.19 0.65
C ALA B 549 -7.64 -52.69 2.05
N THR B 550 -8.92 -52.96 2.29
CA THR B 550 -9.36 -53.43 3.60
C THR B 550 -8.82 -54.83 3.88
N ASP B 551 -8.90 -55.67 2.85
CA ASP B 551 -8.41 -57.04 3.00
C ASP B 551 -6.92 -57.10 3.30
N VAL B 552 -6.11 -56.23 2.69
CA VAL B 552 -4.67 -56.33 2.95
C VAL B 552 -4.21 -55.60 4.18
N GLY B 553 -5.15 -55.03 4.93
CA GLY B 553 -4.82 -54.32 6.16
C GLY B 553 -4.63 -52.83 6.07
N LEU B 554 -4.81 -52.24 4.89
CA LEU B 554 -4.62 -50.79 4.70
C LEU B 554 -5.91 -50.02 5.04
N GLY B 555 -6.84 -50.70 5.70
CA GLY B 555 -8.08 -50.06 6.12
C GLY B 555 -8.85 -49.20 5.14
N GLY B 556 -9.05 -49.66 3.91
CA GLY B 556 -9.81 -48.87 2.97
C GLY B 556 -9.12 -47.78 2.17
N ARG B 557 -7.86 -47.46 2.49
CA ARG B 557 -7.11 -46.45 1.74
C ARG B 557 -6.85 -47.03 0.35
N ILE B 558 -7.38 -46.40 -0.68
CA ILE B 558 -7.22 -46.90 -2.06
C ILE B 558 -5.99 -46.40 -2.82
N ASN B 559 -5.29 -45.41 -2.28
CA ASN B 559 -4.16 -44.84 -3.02
C ASN B 559 -3.20 -45.83 -3.66
N MET B 560 -2.72 -46.82 -2.93
CA MET B 560 -1.79 -47.77 -3.53
C MET B 560 -2.42 -48.62 -4.64
N ILE B 561 -3.69 -49.03 -4.45
CA ILE B 561 -4.38 -49.84 -5.47
C ILE B 561 -4.49 -49.07 -6.77
N MET B 562 -4.95 -47.82 -6.70
CA MET B 562 -5.10 -47.01 -7.91
C MET B 562 -3.78 -46.67 -8.58
N GLN B 563 -2.72 -46.62 -7.79
CA GLN B 563 -1.36 -46.37 -8.29
C GLN B 563 -0.92 -47.58 -9.12
N THR B 564 -1.28 -48.77 -8.65
CA THR B 564 -0.92 -50.00 -9.34
C THR B 564 -1.66 -50.05 -10.67
N ALA B 565 -2.93 -49.65 -10.65
CA ALA B 565 -3.73 -49.61 -11.86
C ALA B 565 -3.00 -48.78 -12.92
N PHE B 566 -2.50 -47.63 -12.51
CA PHE B 566 -1.80 -46.77 -13.46
C PHE B 566 -0.52 -47.42 -14.00
N PHE B 567 0.33 -47.89 -13.10
CA PHE B 567 1.57 -48.53 -13.51
C PHE B 567 1.36 -49.74 -14.40
N LYS B 568 0.27 -50.46 -14.19
CA LYS B 568 -0.01 -51.66 -14.97
C LYS B 568 -0.76 -51.42 -16.28
N LEU B 569 -1.63 -50.41 -16.30
CA LEU B 569 -2.47 -50.17 -17.46
C LEU B 569 -2.25 -48.95 -18.33
N ALA B 570 -1.55 -47.95 -17.81
CA ALA B 570 -1.37 -46.70 -18.54
C ALA B 570 -0.53 -46.78 -19.81
N GLY B 571 0.18 -47.88 -20.01
CA GLY B 571 1.00 -48.00 -21.21
C GLY B 571 2.28 -47.18 -21.19
N VAL B 572 2.69 -46.70 -20.02
CA VAL B 572 3.90 -45.91 -19.94
C VAL B 572 5.13 -46.78 -19.87
N LEU B 573 5.08 -47.80 -19.04
CA LEU B 573 6.20 -48.72 -18.86
C LEU B 573 5.79 -50.14 -19.22
N PRO B 574 6.77 -50.98 -19.54
CA PRO B 574 6.40 -52.36 -19.85
C PRO B 574 6.18 -52.96 -18.46
N PHE B 575 5.27 -53.93 -18.36
CA PHE B 575 4.88 -54.61 -17.12
C PHE B 575 5.94 -54.94 -16.07
N GLU B 576 6.96 -55.69 -16.44
CA GLU B 576 7.97 -56.06 -15.46
C GLU B 576 8.67 -54.85 -14.86
N LYS B 577 8.99 -53.86 -15.69
CA LYS B 577 9.65 -52.67 -15.17
C LYS B 577 8.67 -51.92 -14.30
N ALA B 578 7.42 -51.85 -14.74
CA ALA B 578 6.39 -51.16 -14.00
C ALA B 578 6.30 -51.64 -12.55
N VAL B 579 6.10 -52.95 -12.37
CA VAL B 579 5.95 -53.51 -11.02
C VAL B 579 7.22 -53.36 -10.21
N ASP B 580 8.34 -53.62 -10.88
CA ASP B 580 9.65 -53.51 -10.26
C ASP B 580 9.82 -52.13 -9.61
N LEU B 581 9.72 -51.10 -10.44
CA LEU B 581 9.87 -49.73 -9.98
C LEU B 581 8.83 -49.34 -8.92
N LEU B 582 7.63 -49.91 -8.99
CA LEU B 582 6.61 -49.59 -7.99
C LEU B 582 7.01 -50.20 -6.66
N LYS B 583 7.29 -51.50 -6.65
CA LYS B 583 7.70 -52.17 -5.43
C LYS B 583 8.93 -51.47 -4.85
N LYS B 584 9.85 -51.04 -5.73
CA LYS B 584 11.06 -50.36 -5.29
C LYS B 584 10.70 -49.14 -4.44
N SER B 585 9.92 -48.23 -5.02
CA SER B 585 9.51 -47.02 -4.31
C SER B 585 8.84 -47.31 -2.98
N ILE B 586 7.94 -48.29 -2.95
CA ILE B 586 7.27 -48.62 -1.71
C ILE B 586 8.28 -48.83 -0.60
N HIS B 587 9.39 -49.48 -0.93
CA HIS B 587 10.46 -49.71 0.04
C HIS B 587 11.19 -48.39 0.31
N LYS B 588 11.39 -47.60 -0.73
CA LYS B 588 12.04 -46.29 -0.59
C LYS B 588 11.18 -45.56 0.43
N ALA B 589 10.00 -45.13 0.01
CA ALA B 589 9.05 -44.47 0.91
C ALA B 589 8.75 -45.56 1.91
N TYR B 590 7.77 -45.38 2.79
CA TYR B 590 7.48 -46.42 3.77
C TYR B 590 8.83 -47.02 4.17
N GLY B 591 8.89 -48.32 4.41
CA GLY B 591 10.14 -48.93 4.79
C GLY B 591 10.81 -48.13 5.89
N LYS B 592 10.03 -47.19 6.43
CA LYS B 592 10.46 -46.32 7.51
C LYS B 592 9.30 -46.37 8.49
N LYS B 593 8.58 -47.48 8.42
CA LYS B 593 7.42 -47.75 9.26
C LYS B 593 7.41 -49.27 9.52
N GLY B 594 8.52 -49.92 9.21
CA GLY B 594 8.65 -51.35 9.41
C GLY B 594 8.20 -52.16 8.20
N GLU B 595 8.39 -53.48 8.26
CA GLU B 595 7.98 -54.34 7.15
C GLU B 595 6.48 -54.46 7.11
N LYS B 596 5.86 -54.56 8.28
CA LYS B 596 4.42 -54.72 8.36
C LYS B 596 3.72 -53.79 7.38
N ILE B 597 4.01 -52.50 7.48
CA ILE B 597 3.41 -51.52 6.59
C ILE B 597 3.86 -51.76 5.17
N VAL B 598 5.17 -52.00 4.98
CA VAL B 598 5.69 -52.27 3.64
C VAL B 598 5.03 -53.49 3.00
N LYS B 599 4.91 -54.56 3.78
CA LYS B 599 4.30 -55.78 3.28
C LYS B 599 2.83 -55.53 2.91
N MET B 600 2.14 -54.71 3.70
CA MET B 600 0.75 -54.44 3.38
C MET B 600 0.67 -53.71 2.03
N ASN B 601 1.59 -52.78 1.78
CA ASN B 601 1.55 -52.07 0.51
C ASN B 601 2.01 -52.92 -0.66
N THR B 602 2.94 -53.86 -0.43
CA THR B 602 3.37 -54.74 -1.54
C THR B 602 2.23 -55.72 -1.80
N ASP B 603 1.59 -56.18 -0.73
CA ASP B 603 0.47 -57.10 -0.86
C ASP B 603 -0.67 -56.41 -1.60
N ALA B 604 -0.73 -55.09 -1.49
CA ALA B 604 -1.76 -54.34 -2.15
C ALA B 604 -1.50 -54.37 -3.64
N VAL B 605 -0.25 -54.07 -4.01
CA VAL B 605 0.16 -54.07 -5.40
C VAL B 605 -0.15 -55.43 -6.03
N ASP B 606 0.32 -56.50 -5.38
CA ASP B 606 0.10 -57.86 -5.89
C ASP B 606 -1.39 -58.12 -6.12
N GLN B 607 -2.20 -57.89 -5.10
CA GLN B 607 -3.62 -58.13 -5.23
C GLN B 607 -4.23 -57.27 -6.33
N ALA B 608 -3.82 -56.01 -6.39
CA ALA B 608 -4.34 -55.12 -7.41
C ALA B 608 -3.94 -55.65 -8.80
N VAL B 609 -2.68 -56.06 -8.96
CA VAL B 609 -2.24 -56.57 -10.25
C VAL B 609 -3.07 -57.81 -10.60
N THR B 610 -3.29 -58.66 -9.60
CA THR B 610 -4.09 -59.89 -9.77
C THR B 610 -5.53 -59.57 -10.19
N SER B 611 -6.12 -58.55 -9.57
CA SER B 611 -7.50 -58.25 -9.88
C SER B 611 -7.79 -57.31 -11.04
N LEU B 612 -6.77 -56.67 -11.60
CA LEU B 612 -7.02 -55.77 -12.71
C LEU B 612 -7.15 -56.54 -14.03
N GLN B 613 -8.39 -56.89 -14.33
CA GLN B 613 -8.69 -57.62 -15.55
C GLN B 613 -9.79 -56.84 -16.26
N GLU B 614 -9.87 -56.97 -17.58
CA GLU B 614 -10.89 -56.26 -18.33
C GLU B 614 -12.29 -56.62 -17.95
N PHE B 615 -13.15 -55.61 -17.89
CA PHE B 615 -14.55 -55.80 -17.54
C PHE B 615 -15.24 -56.15 -18.85
N LYS B 616 -15.92 -57.28 -18.89
CA LYS B 616 -16.59 -57.63 -20.14
C LYS B 616 -17.97 -57.01 -20.26
N TYR B 617 -18.07 -56.01 -21.12
CA TYR B 617 -19.34 -55.34 -21.31
C TYR B 617 -20.02 -55.84 -22.58
N PRO B 618 -21.35 -55.88 -22.58
CA PRO B 618 -22.11 -56.34 -23.76
C PRO B 618 -22.09 -55.29 -24.86
N ASP B 619 -22.34 -55.74 -26.09
CA ASP B 619 -22.36 -54.83 -27.23
C ASP B 619 -23.58 -53.93 -27.11
N SER B 620 -24.61 -54.41 -26.39
CA SER B 620 -25.83 -53.66 -26.22
C SER B 620 -25.64 -52.36 -25.44
N TRP B 621 -24.45 -52.17 -24.88
CA TRP B 621 -24.16 -50.92 -24.16
C TRP B 621 -24.09 -49.81 -25.21
N LYS B 622 -23.80 -50.20 -26.45
CA LYS B 622 -23.73 -49.24 -27.56
C LYS B 622 -24.95 -48.34 -27.60
N ASP B 623 -26.07 -48.83 -27.10
CA ASP B 623 -27.28 -48.01 -27.07
C ASP B 623 -28.11 -48.29 -25.85
N ALA B 624 -27.48 -48.16 -24.69
CA ALA B 624 -28.14 -48.34 -23.42
C ALA B 624 -29.21 -47.24 -23.38
N PRO B 625 -30.38 -47.54 -22.84
CA PRO B 625 -31.46 -46.56 -22.75
C PRO B 625 -31.09 -45.40 -21.85
N ALA B 626 -31.69 -44.25 -22.13
CA ALA B 626 -31.47 -43.04 -21.35
C ALA B 626 -32.48 -42.99 -20.21
N GLU B 627 -32.16 -42.29 -19.13
CA GLU B 627 -33.08 -42.21 -17.99
C GLU B 627 -33.69 -40.82 -17.78
N THR B 628 -34.71 -40.78 -16.94
CA THR B 628 -35.43 -39.56 -16.61
C THR B 628 -34.56 -38.52 -15.94
N LYS B 629 -35.18 -37.71 -15.07
CA LYS B 629 -34.50 -36.65 -14.36
C LYS B 629 -35.08 -36.50 -12.95
N ALA B 630 -34.30 -36.89 -11.96
CA ALA B 630 -34.75 -36.77 -10.58
C ALA B 630 -34.39 -35.35 -10.11
N GLU B 631 -34.28 -34.42 -11.06
CA GLU B 631 -33.92 -33.04 -10.76
C GLU B 631 -34.83 -32.32 -9.78
N PRO B 632 -34.35 -32.12 -8.55
CA PRO B 632 -35.15 -31.44 -7.53
C PRO B 632 -35.60 -30.03 -7.93
N MET B 633 -36.42 -29.44 -7.06
CA MET B 633 -36.89 -28.11 -7.30
C MET B 633 -35.77 -27.17 -6.85
N THR B 634 -35.38 -26.29 -7.76
CA THR B 634 -34.29 -25.36 -7.57
C THR B 634 -34.72 -24.01 -8.13
N ASN B 635 -33.99 -22.95 -7.84
CA ASN B 635 -34.37 -21.68 -8.43
C ASN B 635 -33.70 -21.52 -9.80
N GLU B 636 -34.17 -20.55 -10.56
CA GLU B 636 -33.66 -20.31 -11.89
C GLU B 636 -32.15 -20.11 -11.99
N PHE B 637 -31.60 -19.32 -11.10
CA PHE B 637 -30.17 -19.04 -11.13
C PHE B 637 -29.33 -20.29 -10.92
N PHE B 638 -29.81 -21.18 -10.06
CA PHE B 638 -29.08 -22.41 -9.81
C PHE B 638 -29.03 -23.27 -11.06
N LYS B 639 -30.17 -23.40 -11.74
CA LYS B 639 -30.24 -24.21 -12.95
C LYS B 639 -29.41 -23.60 -14.08
N ASN B 640 -29.50 -22.29 -14.23
CA ASN B 640 -28.81 -21.61 -15.31
C ASN B 640 -27.36 -21.22 -15.11
N VAL B 641 -26.94 -21.01 -13.88
CA VAL B 641 -25.56 -20.59 -13.66
C VAL B 641 -24.79 -21.47 -12.68
N VAL B 642 -25.33 -21.66 -11.49
CA VAL B 642 -24.63 -22.45 -10.49
C VAL B 642 -24.38 -23.91 -10.90
N LYS B 643 -25.43 -24.66 -11.19
CA LYS B 643 -25.25 -26.07 -11.53
C LYS B 643 -24.28 -26.29 -12.69
N PRO B 644 -24.40 -25.50 -13.77
CA PRO B 644 -23.47 -25.69 -14.88
C PRO B 644 -22.01 -25.53 -14.40
N ILE B 645 -21.77 -24.54 -13.55
CA ILE B 645 -20.43 -24.31 -13.04
C ILE B 645 -19.99 -25.50 -12.17
N LEU B 646 -20.86 -25.92 -11.27
CA LEU B 646 -20.54 -27.03 -10.37
C LEU B 646 -20.27 -28.36 -11.09
N THR B 647 -20.91 -28.57 -12.23
CA THR B 647 -20.71 -29.78 -13.01
C THR B 647 -19.58 -29.59 -14.01
N GLN B 648 -18.67 -28.68 -13.67
CA GLN B 648 -17.47 -28.38 -14.46
C GLN B 648 -17.70 -27.91 -15.91
N GLN B 649 -18.75 -27.12 -16.14
CA GLN B 649 -19.07 -26.60 -17.46
C GLN B 649 -19.10 -25.07 -17.42
N GLY B 650 -18.49 -24.49 -16.40
CA GLY B 650 -18.46 -23.04 -16.30
C GLY B 650 -17.94 -22.40 -17.57
N ASP B 651 -16.91 -23.00 -18.16
CA ASP B 651 -16.29 -22.50 -19.38
C ASP B 651 -17.26 -22.32 -20.56
N LYS B 652 -18.34 -23.09 -20.57
CA LYS B 652 -19.31 -22.96 -21.66
C LYS B 652 -20.28 -21.81 -21.47
N LEU B 653 -20.32 -21.21 -20.28
CA LEU B 653 -21.20 -20.06 -20.01
C LEU B 653 -20.64 -18.84 -20.72
N PRO B 654 -21.49 -18.13 -21.48
CA PRO B 654 -21.10 -16.92 -22.22
C PRO B 654 -21.03 -15.68 -21.32
N VAL B 655 -20.52 -14.60 -21.87
CA VAL B 655 -20.39 -13.37 -21.13
C VAL B 655 -21.71 -12.85 -20.58
N SER B 656 -22.77 -13.00 -21.36
CA SER B 656 -24.10 -12.54 -20.95
C SER B 656 -24.65 -13.20 -19.69
N ALA B 657 -24.02 -14.28 -19.25
CA ALA B 657 -24.48 -14.99 -18.06
C ALA B 657 -24.08 -14.33 -16.74
N PHE B 658 -23.20 -13.34 -16.78
CA PHE B 658 -22.73 -12.71 -15.56
C PHE B 658 -23.09 -11.23 -15.40
N GLU B 659 -23.09 -10.75 -14.18
CA GLU B 659 -23.38 -9.35 -13.94
C GLU B 659 -22.10 -8.56 -14.27
N ALA B 660 -22.25 -7.45 -14.96
CA ALA B 660 -21.10 -6.66 -15.34
C ALA B 660 -20.25 -6.24 -14.12
N ASP B 661 -20.88 -6.06 -12.97
CA ASP B 661 -20.14 -5.66 -11.77
C ASP B 661 -19.68 -6.82 -10.90
N GLY B 662 -19.89 -8.04 -11.35
CA GLY B 662 -19.46 -9.21 -10.61
C GLY B 662 -20.35 -9.74 -9.50
N ARG B 663 -21.43 -9.03 -9.20
CA ARG B 663 -22.27 -9.50 -8.11
C ARG B 663 -22.85 -10.89 -8.35
N PHE B 664 -23.17 -11.57 -7.25
CA PHE B 664 -23.81 -12.87 -7.28
C PHE B 664 -24.96 -12.77 -6.30
N PRO B 665 -26.00 -13.58 -6.48
CA PRO B 665 -27.14 -13.52 -5.55
C PRO B 665 -26.87 -14.39 -4.32
N LEU B 666 -27.56 -14.11 -3.22
CA LEU B 666 -27.39 -14.90 -2.01
C LEU B 666 -28.09 -16.26 -2.07
N GLY B 667 -27.67 -17.14 -1.18
CA GLY B 667 -28.29 -18.45 -1.06
C GLY B 667 -28.18 -19.54 -2.10
N THR B 668 -27.16 -19.49 -2.95
CA THR B 668 -27.04 -20.53 -3.96
C THR B 668 -26.62 -21.88 -3.34
N SER B 669 -26.03 -21.82 -2.14
CA SER B 669 -25.58 -23.05 -1.48
C SER B 669 -26.76 -23.89 -0.98
N GLN B 670 -27.92 -23.26 -0.83
CA GLN B 670 -29.12 -23.98 -0.39
C GLN B 670 -29.41 -25.22 -1.25
N PHE B 671 -28.95 -25.20 -2.50
CA PHE B 671 -29.24 -26.29 -3.42
C PHE B 671 -28.11 -27.27 -3.70
N GLU B 672 -26.96 -27.08 -3.08
CA GLU B 672 -25.82 -27.95 -3.35
C GLU B 672 -25.93 -29.38 -2.80
N LYS B 673 -26.48 -29.53 -1.59
CA LYS B 673 -26.69 -30.84 -0.96
C LYS B 673 -25.64 -31.88 -1.36
N ARG B 674 -24.37 -31.57 -1.19
CA ARG B 674 -23.28 -32.47 -1.59
C ARG B 674 -23.28 -33.88 -0.99
N GLY B 675 -23.74 -34.02 0.25
CA GLY B 675 -23.76 -35.32 0.88
C GLY B 675 -22.38 -36.00 0.82
N VAL B 676 -21.33 -35.30 1.27
CA VAL B 676 -19.98 -35.89 1.24
C VAL B 676 -19.45 -36.30 2.61
N ALA B 677 -20.32 -36.37 3.60
CA ALA B 677 -19.88 -36.78 4.93
C ALA B 677 -19.84 -38.31 4.91
N ILE B 678 -18.93 -38.89 5.68
CA ILE B 678 -18.85 -40.35 5.75
C ILE B 678 -19.83 -40.78 6.85
N ASN B 679 -19.79 -40.06 7.98
CA ASN B 679 -20.67 -40.33 9.08
C ASN B 679 -21.41 -39.05 9.44
N VAL B 680 -22.65 -39.20 9.87
CA VAL B 680 -23.47 -38.07 10.25
C VAL B 680 -24.15 -38.42 11.57
N PRO B 681 -24.57 -37.39 12.33
CA PRO B 681 -25.23 -37.63 13.60
C PRO B 681 -26.65 -38.13 13.46
N GLN B 682 -27.04 -39.07 14.33
CA GLN B 682 -28.40 -39.58 14.33
C GLN B 682 -28.97 -39.15 15.67
N TRP B 683 -30.14 -38.51 15.61
CA TRP B 683 -30.79 -38.03 16.81
C TRP B 683 -31.40 -39.19 17.59
N VAL B 684 -31.26 -39.16 18.91
CA VAL B 684 -31.85 -40.18 19.76
C VAL B 684 -32.68 -39.40 20.77
N PRO B 685 -33.93 -39.04 20.39
CA PRO B 685 -34.89 -38.26 21.20
C PRO B 685 -35.10 -38.61 22.67
N GLU B 686 -35.01 -39.88 23.04
CA GLU B 686 -35.21 -40.28 24.43
C GLU B 686 -34.21 -39.65 25.37
N ASN B 687 -33.02 -39.35 24.85
CA ASN B 687 -31.96 -38.79 25.67
C ASN B 687 -31.82 -37.28 25.59
N CYS B 688 -32.45 -36.68 24.58
CA CYS B 688 -32.38 -35.23 24.35
C CYS B 688 -32.99 -34.35 25.44
N ILE B 689 -32.24 -33.35 25.89
CA ILE B 689 -32.73 -32.45 26.90
C ILE B 689 -33.19 -31.15 26.25
N GLN B 690 -33.32 -31.15 24.93
CA GLN B 690 -33.77 -29.97 24.19
C GLN B 690 -33.01 -28.68 24.51
N CYS B 691 -31.68 -28.72 24.44
CA CYS B 691 -30.91 -27.52 24.74
C CYS B 691 -30.47 -26.67 23.55
N ASN B 692 -30.52 -27.25 22.36
CA ASN B 692 -30.14 -26.59 21.12
C ASN B 692 -28.63 -26.34 20.93
N GLN B 693 -27.80 -26.84 21.85
CA GLN B 693 -26.37 -26.63 21.73
C GLN B 693 -25.80 -27.23 20.45
N CYS B 694 -26.35 -28.36 20.03
CA CYS B 694 -25.89 -28.98 18.82
C CYS B 694 -26.01 -28.02 17.63
N ALA B 695 -27.19 -27.45 17.41
CA ALA B 695 -27.37 -26.52 16.30
C ALA B 695 -26.40 -25.35 16.39
N PHE B 696 -26.20 -24.87 17.62
CA PHE B 696 -25.33 -23.75 17.92
C PHE B 696 -23.87 -23.93 17.45
N VAL B 697 -23.33 -25.13 17.63
CA VAL B 697 -21.93 -25.39 17.30
C VAL B 697 -21.63 -25.87 15.89
N CYS B 698 -22.66 -26.19 15.13
CA CYS B 698 -22.46 -26.71 13.79
C CYS B 698 -21.81 -25.73 12.84
N PRO B 699 -20.65 -26.11 12.25
CA PRO B 699 -19.93 -25.24 11.31
C PRO B 699 -20.58 -25.15 9.92
N HIS B 700 -21.67 -25.90 9.70
CA HIS B 700 -22.32 -25.83 8.40
C HIS B 700 -23.82 -25.69 8.44
N SER B 701 -24.35 -25.42 9.63
CA SER B 701 -25.79 -25.23 9.80
C SER B 701 -26.57 -26.49 9.42
N ALA B 702 -25.97 -27.67 9.61
CA ALA B 702 -26.63 -28.94 9.25
C ALA B 702 -27.62 -29.49 10.29
N ILE B 703 -27.77 -28.80 11.42
CA ILE B 703 -28.74 -29.23 12.41
C ILE B 703 -29.84 -28.16 12.46
N LEU B 704 -31.08 -28.58 12.30
CA LEU B 704 -32.21 -27.67 12.35
C LEU B 704 -33.19 -27.97 13.48
N PRO B 705 -33.20 -27.11 14.52
CA PRO B 705 -34.13 -27.32 15.64
C PRO B 705 -35.52 -27.04 15.07
N VAL B 706 -36.48 -27.92 15.33
CA VAL B 706 -37.84 -27.71 14.84
C VAL B 706 -38.78 -27.56 16.02
N LEU B 707 -39.48 -26.44 16.12
CA LEU B 707 -40.42 -26.21 17.19
C LEU B 707 -41.75 -25.98 16.50
N ALA B 708 -42.63 -26.98 16.52
CA ALA B 708 -43.91 -26.83 15.86
C ALA B 708 -45.15 -27.15 16.69
N LYS B 709 -46.26 -26.55 16.28
CA LYS B 709 -47.55 -26.78 16.93
C LYS B 709 -47.97 -28.15 16.39
N GLU B 710 -48.60 -28.96 17.22
CA GLU B 710 -48.99 -30.29 16.77
C GLU B 710 -49.80 -30.26 15.48
N GLU B 711 -50.37 -29.10 15.17
CA GLU B 711 -51.18 -28.98 13.95
C GLU B 711 -50.29 -28.76 12.72
N GLU B 712 -49.01 -28.49 12.96
CA GLU B 712 -48.08 -28.30 11.86
C GLU B 712 -47.40 -29.62 11.55
N LEU B 713 -47.60 -30.60 12.41
CA LEU B 713 -47.01 -31.92 12.24
C LEU B 713 -47.97 -32.92 11.62
N VAL B 714 -49.17 -32.44 11.31
CA VAL B 714 -50.20 -33.30 10.73
C VAL B 714 -49.71 -34.13 9.53
N GLY B 715 -49.14 -33.48 8.53
CA GLY B 715 -48.66 -34.20 7.36
C GLY B 715 -47.25 -34.77 7.46
N ALA B 716 -46.64 -34.59 8.64
CA ALA B 716 -45.27 -35.07 8.88
C ALA B 716 -45.04 -36.55 8.62
N PRO B 717 -43.89 -36.90 8.01
CA PRO B 717 -43.56 -38.31 7.73
C PRO B 717 -43.75 -39.16 8.98
N ALA B 718 -44.06 -40.43 8.77
CA ALA B 718 -44.33 -41.38 9.84
C ALA B 718 -43.24 -41.46 10.91
N ASN B 719 -41.99 -41.20 10.52
CA ASN B 719 -40.86 -41.26 11.45
C ASN B 719 -40.39 -39.91 11.97
N PHE B 720 -41.12 -38.85 11.65
CA PHE B 720 -40.77 -37.51 12.10
C PHE B 720 -41.03 -37.38 13.60
N THR B 721 -40.26 -38.12 14.39
CA THR B 721 -40.40 -38.13 15.83
C THR B 721 -40.18 -36.79 16.50
N ALA B 722 -41.14 -36.38 17.32
CA ALA B 722 -41.03 -35.12 18.05
C ALA B 722 -41.32 -35.35 19.52
N LEU B 723 -40.80 -34.47 20.37
CA LEU B 723 -40.98 -34.58 21.81
C LEU B 723 -41.87 -33.45 22.33
N GLU B 724 -42.32 -33.58 23.58
CA GLU B 724 -43.14 -32.56 24.20
C GLU B 724 -42.14 -31.46 24.53
N ALA B 725 -42.31 -30.27 23.97
CA ALA B 725 -41.38 -29.17 24.23
C ALA B 725 -41.25 -28.80 25.71
N LYS B 726 -40.07 -28.97 26.25
CA LYS B 726 -39.79 -28.63 27.65
C LYS B 726 -39.70 -27.11 27.76
N GLY B 727 -39.97 -26.57 28.95
CA GLY B 727 -39.91 -25.13 29.14
C GLY B 727 -41.30 -24.51 29.21
N LYS B 728 -41.54 -23.64 30.18
CA LYS B 728 -42.87 -23.03 30.34
C LYS B 728 -43.29 -22.20 29.13
N GLU B 729 -42.35 -21.47 28.54
CA GLU B 729 -42.67 -20.63 27.39
C GLU B 729 -43.09 -21.43 26.16
N LEU B 730 -42.67 -22.69 26.09
CA LEU B 730 -42.96 -23.55 24.94
C LEU B 730 -44.01 -24.63 25.22
N LYS B 731 -44.54 -24.62 26.44
CA LYS B 731 -45.54 -25.59 26.91
C LYS B 731 -46.32 -26.41 25.90
N GLY B 732 -47.02 -25.77 24.97
CA GLY B 732 -47.80 -26.54 24.01
C GLY B 732 -47.13 -27.10 22.76
N TYR B 733 -45.89 -26.72 22.50
CA TYR B 733 -45.20 -27.17 21.28
C TYR B 733 -44.65 -28.60 21.25
N LYS B 734 -44.14 -28.95 20.08
CA LYS B 734 -43.50 -30.25 19.84
C LYS B 734 -42.08 -29.91 19.36
N PHE B 735 -41.08 -30.46 20.03
CA PHE B 735 -39.69 -30.19 19.70
C PHE B 735 -38.98 -31.34 18.99
N ARG B 736 -38.20 -31.03 17.95
CA ARG B 736 -37.44 -32.05 17.23
C ARG B 736 -36.11 -31.53 16.71
N ILE B 737 -35.07 -32.34 16.84
CA ILE B 737 -33.76 -31.97 16.33
C ILE B 737 -33.65 -32.66 14.97
N GLN B 738 -33.74 -31.89 13.91
CA GLN B 738 -33.67 -32.46 12.56
C GLN B 738 -32.24 -32.37 11.99
N ILE B 739 -31.67 -33.52 11.66
CA ILE B 739 -30.34 -33.58 11.11
C ILE B 739 -30.40 -33.42 9.59
N ASN B 740 -29.56 -32.55 9.03
CA ASN B 740 -29.49 -32.30 7.58
C ASN B 740 -28.30 -33.14 7.12
N THR B 741 -28.57 -34.39 6.78
CA THR B 741 -27.53 -35.33 6.38
C THR B 741 -26.78 -35.08 5.05
N LEU B 742 -27.35 -34.30 4.14
CA LEU B 742 -26.64 -34.02 2.90
C LEU B 742 -25.71 -32.79 3.03
N ASP B 743 -26.03 -31.88 3.94
CA ASP B 743 -25.19 -30.71 4.14
C ASP B 743 -24.24 -30.90 5.31
N CYS B 744 -24.42 -31.98 6.05
CA CYS B 744 -23.54 -32.27 7.18
C CYS B 744 -22.15 -32.56 6.62
N MET B 745 -21.11 -32.21 7.37
CA MET B 745 -19.76 -32.47 6.88
C MET B 745 -19.02 -33.63 7.58
N GLY B 746 -19.64 -34.20 8.63
CA GLY B 746 -19.05 -35.35 9.31
C GLY B 746 -18.04 -35.09 10.41
N CYS B 747 -17.92 -33.83 10.84
CA CYS B 747 -16.97 -33.45 11.85
C CYS B 747 -17.23 -34.08 13.23
N GLY B 748 -18.50 -34.17 13.62
CA GLY B 748 -18.84 -34.75 14.91
C GLY B 748 -18.88 -33.81 16.11
N ASN B 749 -18.72 -32.50 15.89
CA ASN B 749 -18.75 -31.53 16.98
C ASN B 749 -20.05 -31.59 17.77
N CYS B 750 -21.17 -31.68 17.07
CA CYS B 750 -22.46 -31.71 17.75
C CYS B 750 -22.57 -32.90 18.71
N ALA B 751 -22.28 -34.11 18.23
CA ALA B 751 -22.37 -35.31 19.07
C ALA B 751 -21.37 -35.28 20.22
N ASP B 752 -20.21 -34.69 19.97
CA ASP B 752 -19.16 -34.58 20.99
C ASP B 752 -19.56 -33.65 22.15
N ILE B 753 -20.39 -32.66 21.86
CA ILE B 753 -20.79 -31.69 22.84
C ILE B 753 -22.14 -31.97 23.53
N CYS B 754 -22.99 -32.78 22.89
CA CYS B 754 -24.29 -33.14 23.45
C CYS B 754 -24.07 -33.47 24.93
N PRO B 755 -24.65 -32.67 25.84
CA PRO B 755 -24.59 -32.75 27.30
C PRO B 755 -24.73 -34.10 28.02
N PRO B 756 -25.82 -34.85 27.76
CA PRO B 756 -26.05 -36.14 28.41
C PRO B 756 -25.08 -37.28 28.12
N LYS B 757 -24.79 -38.08 29.16
CA LYS B 757 -23.89 -39.24 29.05
C LYS B 757 -24.48 -40.22 28.07
N GLU B 758 -25.79 -40.45 28.18
CA GLU B 758 -26.48 -41.30 27.22
C GLU B 758 -26.73 -40.27 26.15
N LYS B 759 -25.83 -40.24 25.18
CA LYS B 759 -25.86 -39.28 24.09
C LYS B 759 -27.17 -39.27 23.31
N ALA B 760 -27.57 -38.08 22.86
CA ALA B 760 -28.78 -37.91 22.07
C ALA B 760 -28.40 -37.75 20.60
N LEU B 761 -27.09 -37.80 20.34
CA LEU B 761 -26.54 -37.68 18.99
C LEU B 761 -25.45 -38.74 18.87
N VAL B 762 -25.54 -39.56 17.84
CA VAL B 762 -24.58 -40.63 17.65
C VAL B 762 -24.20 -40.67 16.19
N MET B 763 -22.91 -40.63 15.90
CA MET B 763 -22.44 -40.66 14.51
C MET B 763 -22.73 -42.03 13.89
N GLN B 764 -23.24 -42.05 12.66
CA GLN B 764 -23.56 -43.30 11.96
C GLN B 764 -23.25 -43.10 10.48
N PRO B 765 -23.00 -44.19 9.75
CA PRO B 765 -22.70 -44.01 8.32
C PRO B 765 -23.82 -43.22 7.66
N LEU B 766 -23.45 -42.34 6.72
CA LEU B 766 -24.41 -41.52 6.02
C LEU B 766 -25.47 -42.36 5.31
N ASP B 767 -25.08 -43.47 4.71
CA ASP B 767 -26.06 -44.29 4.01
C ASP B 767 -27.10 -44.92 4.94
N THR B 768 -26.84 -44.94 6.23
CA THR B 768 -27.81 -45.51 7.16
C THR B 768 -28.83 -44.46 7.61
N GLN B 769 -28.64 -43.21 7.20
CA GLN B 769 -29.54 -42.15 7.61
C GLN B 769 -30.26 -41.41 6.49
N ARG B 770 -29.58 -41.20 5.37
CA ARG B 770 -30.18 -40.43 4.28
C ARG B 770 -31.60 -40.77 3.81
N ASP B 771 -31.93 -42.05 3.66
CA ASP B 771 -33.27 -42.39 3.19
C ASP B 771 -34.35 -41.82 4.10
N ALA B 772 -34.12 -41.90 5.39
CA ALA B 772 -35.10 -41.41 6.33
C ALA B 772 -35.04 -39.90 6.49
N GLN B 773 -33.85 -39.40 6.79
CA GLN B 773 -33.65 -37.98 7.05
C GLN B 773 -33.71 -36.99 5.89
N VAL B 774 -33.49 -37.44 4.65
CA VAL B 774 -33.53 -36.48 3.55
C VAL B 774 -34.95 -35.94 3.46
N PRO B 775 -35.94 -36.82 3.30
CA PRO B 775 -37.31 -36.30 3.22
C PRO B 775 -37.75 -35.58 4.51
N ASN B 776 -37.19 -35.99 5.66
CA ASN B 776 -37.54 -35.34 6.92
C ASN B 776 -36.99 -33.92 7.01
N LEU B 777 -35.80 -33.72 6.48
CA LEU B 777 -35.18 -32.40 6.50
C LEU B 777 -36.02 -31.51 5.58
N GLU B 778 -36.45 -32.06 4.45
CA GLU B 778 -37.26 -31.32 3.49
C GLU B 778 -38.49 -30.79 4.18
N TYR B 779 -39.23 -31.72 4.79
CA TYR B 779 -40.44 -31.37 5.51
C TYR B 779 -40.15 -30.37 6.62
N ALA B 780 -39.15 -30.66 7.45
CA ALA B 780 -38.81 -29.78 8.56
C ALA B 780 -38.44 -28.38 8.08
N ALA B 781 -37.93 -28.30 6.87
CA ALA B 781 -37.49 -27.02 6.32
C ALA B 781 -38.65 -26.10 5.96
N ARG B 782 -39.84 -26.67 5.81
CA ARG B 782 -41.03 -25.89 5.45
C ARG B 782 -41.79 -25.46 6.70
N ILE B 783 -41.36 -25.89 7.87
CA ILE B 783 -42.03 -25.49 9.10
C ILE B 783 -41.51 -24.12 9.54
N PRO B 784 -42.40 -23.21 9.90
CA PRO B 784 -41.98 -21.87 10.31
C PRO B 784 -41.00 -21.84 11.50
N VAL B 785 -39.94 -21.05 11.36
CA VAL B 785 -38.97 -20.90 12.44
C VAL B 785 -39.69 -20.03 13.49
N LYS B 786 -39.65 -20.45 14.75
CA LYS B 786 -40.33 -19.73 15.81
C LYS B 786 -39.41 -18.74 16.50
N SER B 787 -39.13 -17.65 15.80
CA SER B 787 -38.25 -16.62 16.28
C SER B 787 -38.83 -15.70 17.34
N GLU B 788 -40.15 -15.77 17.53
CA GLU B 788 -40.83 -14.90 18.48
C GLU B 788 -41.11 -15.51 19.84
N VAL B 789 -40.65 -16.74 20.07
CA VAL B 789 -40.95 -17.38 21.34
C VAL B 789 -39.94 -17.17 22.47
N LEU B 790 -38.65 -17.17 22.15
CA LEU B 790 -37.62 -16.96 23.16
C LEU B 790 -36.75 -15.77 22.80
N PRO B 791 -36.04 -15.20 23.79
CA PRO B 791 -35.18 -14.06 23.47
C PRO B 791 -34.20 -14.48 22.37
N ARG B 792 -34.10 -13.64 21.35
CA ARG B 792 -33.20 -13.86 20.23
C ARG B 792 -31.71 -14.06 20.66
N ASP B 793 -31.29 -13.37 21.71
CA ASP B 793 -29.91 -13.48 22.17
C ASP B 793 -29.69 -14.52 23.25
N SER B 794 -30.68 -15.38 23.48
CA SER B 794 -30.54 -16.42 24.48
C SER B 794 -29.97 -17.65 23.79
N LEU B 795 -29.34 -18.52 24.56
CA LEU B 795 -28.75 -19.72 23.98
C LEU B 795 -29.76 -20.51 23.15
N LYS B 796 -30.80 -21.01 23.82
CA LYS B 796 -31.82 -21.80 23.15
C LYS B 796 -32.57 -20.95 22.13
N GLY B 797 -32.84 -19.69 22.48
CA GLY B 797 -33.55 -18.80 21.57
C GLY B 797 -32.82 -18.57 20.25
N SER B 798 -31.52 -18.30 20.33
CA SER B 798 -30.72 -18.07 19.12
C SER B 798 -30.98 -19.13 18.06
N GLN B 799 -31.10 -20.38 18.48
CA GLN B 799 -31.32 -21.46 17.53
C GLN B 799 -32.76 -21.59 17.01
N PHE B 800 -33.62 -20.65 17.40
CA PHE B 800 -34.99 -20.63 16.91
C PHE B 800 -35.06 -19.41 15.98
N GLN B 801 -33.87 -18.93 15.60
CA GLN B 801 -33.72 -17.83 14.68
C GLN B 801 -33.32 -18.44 13.33
N GLU B 802 -33.49 -17.66 12.27
CA GLU B 802 -33.11 -18.10 10.93
C GLU B 802 -31.61 -17.87 10.72
N PRO B 803 -30.81 -18.94 10.56
CA PRO B 803 -29.38 -18.69 10.34
C PRO B 803 -29.22 -18.24 8.89
N LEU B 804 -28.48 -17.17 8.65
CA LEU B 804 -28.31 -16.65 7.29
C LEU B 804 -26.93 -16.84 6.63
N MET B 805 -26.29 -17.96 6.93
CA MET B 805 -25.00 -18.31 6.37
C MET B 805 -25.04 -19.82 6.59
N GLU B 806 -25.13 -20.59 5.52
CA GLU B 806 -25.24 -22.03 5.67
C GLU B 806 -24.60 -22.80 4.54
N PHE B 807 -24.16 -24.02 4.87
CA PHE B 807 -23.56 -24.92 3.90
C PHE B 807 -22.37 -24.32 3.13
N SER B 808 -21.46 -23.63 3.82
CA SER B 808 -20.32 -23.05 3.13
C SER B 808 -19.30 -24.11 2.76
N GLY B 809 -18.30 -23.70 1.98
CA GLY B 809 -17.25 -24.59 1.54
C GLY B 809 -16.11 -24.72 2.55
N ALA B 810 -16.37 -24.30 3.79
CA ALA B 810 -15.37 -24.39 4.87
C ALA B 810 -15.08 -25.85 5.20
N CYS B 811 -13.90 -26.13 5.74
CA CYS B 811 -13.53 -27.51 6.08
C CYS B 811 -14.51 -28.07 7.08
N SER B 812 -14.57 -29.39 7.14
CA SER B 812 -15.44 -30.06 8.07
C SER B 812 -14.91 -29.73 9.48
N GLY B 813 -15.78 -29.20 10.34
CA GLY B 813 -15.39 -28.83 11.69
C GLY B 813 -14.73 -27.46 11.84
N CYS B 814 -14.78 -26.65 10.78
CA CYS B 814 -14.16 -25.32 10.81
C CYS B 814 -14.46 -24.55 12.10
N GLY B 815 -13.45 -23.88 12.63
CA GLY B 815 -13.67 -23.12 13.85
C GLY B 815 -14.18 -21.71 13.59
N GLU B 816 -14.27 -21.31 12.32
CA GLU B 816 -14.75 -19.97 11.99
C GLU B 816 -16.25 -19.83 11.83
N THR B 817 -16.84 -20.72 11.03
CA THR B 817 -18.26 -20.66 10.71
C THR B 817 -19.30 -20.75 11.83
N PRO B 818 -19.01 -21.47 12.91
CA PRO B 818 -20.04 -21.52 13.96
C PRO B 818 -20.29 -20.09 14.49
N TYR B 819 -19.22 -19.32 14.64
CA TYR B 819 -19.37 -17.95 15.13
C TYR B 819 -20.19 -17.07 14.21
N VAL B 820 -19.84 -17.11 12.93
CA VAL B 820 -20.49 -16.27 11.94
C VAL B 820 -21.96 -16.63 11.81
N ARG B 821 -22.26 -17.91 11.91
CA ARG B 821 -23.64 -18.32 11.80
C ARG B 821 -24.51 -17.70 12.88
N VAL B 822 -24.14 -17.81 14.15
CA VAL B 822 -25.00 -17.21 15.17
C VAL B 822 -25.02 -15.70 15.08
N ILE B 823 -23.92 -15.10 14.62
CA ILE B 823 -23.96 -13.66 14.49
C ILE B 823 -25.13 -13.29 13.56
N THR B 824 -25.31 -14.04 12.47
CA THR B 824 -26.41 -13.73 11.56
C THR B 824 -27.78 -14.01 12.21
N GLN B 825 -27.81 -14.87 13.21
CA GLN B 825 -29.06 -15.16 13.88
C GLN B 825 -29.45 -14.00 14.80
N LEU B 826 -28.50 -13.13 15.11
CA LEU B 826 -28.84 -11.99 15.94
C LEU B 826 -28.98 -10.69 15.14
N PHE B 827 -28.17 -10.50 14.10
CA PHE B 827 -28.24 -9.28 13.31
C PHE B 827 -28.33 -9.45 11.81
N GLY B 828 -28.40 -10.69 11.34
CA GLY B 828 -28.43 -10.94 9.91
C GLY B 828 -29.22 -10.03 9.00
N GLU B 829 -30.52 -9.88 9.28
CA GLU B 829 -31.42 -9.08 8.46
C GLU B 829 -31.06 -7.61 8.32
N ARG B 830 -30.17 -7.09 9.17
CA ARG B 830 -29.83 -5.69 9.05
C ARG B 830 -28.34 -5.40 9.02
N MET B 831 -27.54 -6.38 8.59
CA MET B 831 -26.11 -6.12 8.59
C MET B 831 -25.37 -5.97 7.26
N PHE B 832 -24.30 -5.20 7.32
CA PHE B 832 -23.40 -5.02 6.19
C PHE B 832 -22.18 -5.78 6.68
N ILE B 833 -21.48 -6.45 5.77
CA ILE B 833 -20.28 -7.16 6.18
C ILE B 833 -19.17 -6.81 5.26
N ALA B 834 -18.13 -6.17 5.81
CA ALA B 834 -16.91 -5.81 5.06
C ALA B 834 -15.97 -6.95 5.45
N ASN B 835 -15.73 -7.86 4.51
CA ASN B 835 -14.93 -9.05 4.75
C ASN B 835 -13.50 -9.03 4.20
N ALA B 836 -12.53 -9.16 5.09
CA ALA B 836 -11.14 -9.19 4.68
C ALA B 836 -10.94 -10.48 3.89
N THR B 837 -10.08 -10.41 2.88
CA THR B 837 -9.79 -11.59 2.13
C THR B 837 -9.23 -12.65 3.09
N GLY B 838 -9.52 -13.92 2.84
CA GLY B 838 -9.02 -14.96 3.72
C GLY B 838 -9.99 -16.10 3.70
N CYS B 839 -9.77 -17.11 4.54
CA CYS B 839 -10.70 -18.24 4.57
C CYS B 839 -12.14 -17.78 4.59
N SER B 840 -12.45 -16.77 5.43
CA SER B 840 -13.82 -16.28 5.54
C SER B 840 -14.38 -15.66 4.25
N SER B 841 -13.52 -15.20 3.34
CA SER B 841 -14.00 -14.65 2.06
C SER B 841 -14.01 -15.83 1.07
N ILE B 842 -13.17 -16.82 1.31
CA ILE B 842 -13.11 -17.99 0.45
C ILE B 842 -14.30 -18.93 0.70
N TRP B 843 -14.60 -19.27 1.95
CA TRP B 843 -15.79 -20.10 2.16
C TRP B 843 -17.01 -19.22 2.08
N GLY B 844 -16.81 -17.91 2.28
CA GLY B 844 -17.93 -16.99 2.20
C GLY B 844 -18.42 -16.63 0.80
N ALA B 845 -17.54 -16.68 -0.20
CA ALA B 845 -17.96 -16.32 -1.53
C ALA B 845 -17.11 -16.83 -2.71
N SER B 846 -16.81 -18.13 -2.70
CA SER B 846 -16.10 -18.74 -3.82
C SER B 846 -17.18 -19.05 -4.83
N ALA B 847 -17.21 -18.33 -5.94
CA ALA B 847 -18.23 -18.56 -6.96
C ALA B 847 -18.19 -20.04 -7.31
N PRO B 848 -19.36 -20.66 -7.57
CA PRO B 848 -20.67 -20.04 -7.59
C PRO B 848 -21.45 -20.34 -6.32
N SER B 849 -20.75 -20.71 -5.27
CA SER B 849 -21.41 -21.08 -4.01
C SER B 849 -21.49 -19.96 -2.99
N MET B 850 -22.70 -19.45 -2.78
CA MET B 850 -22.92 -18.35 -1.84
C MET B 850 -23.69 -18.83 -0.61
N PRO B 851 -22.96 -19.06 0.51
CA PRO B 851 -23.54 -19.54 1.76
C PRO B 851 -24.47 -18.55 2.47
N TYR B 852 -24.20 -17.24 2.35
CA TYR B 852 -25.05 -16.26 2.99
C TYR B 852 -26.38 -16.24 2.26
N LYS B 853 -27.47 -16.15 3.02
CA LYS B 853 -28.80 -16.16 2.41
C LYS B 853 -29.71 -15.10 3.01
N THR B 854 -30.92 -15.00 2.48
CA THR B 854 -31.90 -14.05 3.00
C THR B 854 -32.89 -14.78 3.89
N ASN B 855 -33.61 -14.04 4.72
CA ASN B 855 -34.60 -14.68 5.56
C ASN B 855 -35.89 -14.76 4.73
N ARG B 856 -36.99 -15.20 5.35
CA ARG B 856 -38.27 -15.31 4.68
C ARG B 856 -38.81 -13.97 4.17
N LEU B 857 -38.20 -12.87 4.57
CA LEU B 857 -38.65 -11.55 4.12
C LEU B 857 -37.71 -10.97 3.09
N GLY B 858 -36.71 -11.74 2.67
CA GLY B 858 -35.79 -11.26 1.66
C GLY B 858 -34.67 -10.39 2.20
N GLN B 859 -34.52 -10.38 3.51
CA GLN B 859 -33.48 -9.59 4.15
C GLN B 859 -32.33 -10.51 4.47
N GLY B 860 -31.12 -9.96 4.45
CA GLY B 860 -29.93 -10.75 4.72
C GLY B 860 -28.69 -9.89 4.67
N PRO B 861 -27.53 -10.42 5.09
CA PRO B 861 -26.28 -9.66 5.09
C PRO B 861 -25.84 -9.13 3.73
N ALA B 862 -25.57 -7.82 3.67
CA ALA B 862 -25.07 -7.19 2.45
C ALA B 862 -23.58 -7.49 2.58
N TRP B 863 -23.10 -8.47 1.82
CA TRP B 863 -21.73 -8.94 1.90
C TRP B 863 -20.80 -8.53 0.78
N GLY B 864 -19.59 -8.10 1.16
CA GLY B 864 -18.62 -7.71 0.17
C GLY B 864 -17.18 -7.97 0.59
N ASN B 865 -16.36 -8.36 -0.39
CA ASN B 865 -14.94 -8.55 -0.15
C ASN B 865 -14.26 -7.48 -1.00
N SER B 866 -13.55 -6.55 -0.38
CA SER B 866 -12.85 -5.54 -1.15
C SER B 866 -11.48 -6.14 -1.43
N LEU B 867 -10.55 -5.90 -0.52
CA LEU B 867 -9.20 -6.41 -0.61
C LEU B 867 -8.82 -7.08 0.70
N PHE B 868 -7.56 -7.47 0.82
CA PHE B 868 -7.08 -8.11 2.03
C PHE B 868 -6.70 -7.07 3.10
N GLU B 869 -5.98 -6.04 2.67
CA GLU B 869 -5.47 -5.00 3.55
C GLU B 869 -6.45 -3.92 4.03
N ASP B 870 -7.60 -3.80 3.37
CA ASP B 870 -8.55 -2.73 3.66
C ASP B 870 -9.90 -3.03 4.32
N ALA B 871 -10.12 -4.25 4.79
CA ALA B 871 -11.41 -4.58 5.37
C ALA B 871 -11.97 -3.54 6.34
N ALA B 872 -11.16 -3.03 7.27
CA ALA B 872 -11.70 -2.07 8.21
C ALA B 872 -12.17 -0.78 7.53
N GLU B 873 -11.32 -0.22 6.68
CA GLU B 873 -11.66 1.04 6.04
C GLU B 873 -12.82 0.88 5.08
N TYR B 874 -12.94 -0.32 4.51
CA TYR B 874 -14.00 -0.63 3.58
C TYR B 874 -15.31 -0.56 4.38
N GLY B 875 -15.32 -1.19 5.55
CA GLY B 875 -16.50 -1.19 6.39
C GLY B 875 -16.76 0.22 6.87
N PHE B 876 -15.68 0.92 7.19
CA PHE B 876 -15.79 2.31 7.62
C PHE B 876 -16.53 3.13 6.54
N GLY B 877 -16.21 2.89 5.28
CA GLY B 877 -16.84 3.62 4.18
C GLY B 877 -18.32 3.33 4.07
N MET B 878 -18.70 2.09 4.32
CA MET B 878 -20.09 1.72 4.30
C MET B 878 -20.78 2.60 5.36
N ASN B 879 -20.16 2.68 6.53
CA ASN B 879 -20.66 3.47 7.64
C ASN B 879 -20.85 4.93 7.26
N MET B 880 -19.84 5.54 6.64
CA MET B 880 -19.95 6.94 6.22
C MET B 880 -21.13 7.16 5.27
N SER B 881 -21.35 6.24 4.34
CA SER B 881 -22.45 6.41 3.41
C SER B 881 -23.77 6.38 4.18
N MET B 882 -23.92 5.41 5.08
CA MET B 882 -25.15 5.33 5.86
C MET B 882 -25.33 6.62 6.68
N PHE B 883 -24.24 7.13 7.28
CA PHE B 883 -24.40 8.36 8.03
C PHE B 883 -24.87 9.49 7.12
N ALA B 884 -24.21 9.64 5.98
CA ALA B 884 -24.56 10.69 5.03
C ALA B 884 -25.96 10.55 4.45
N ARG B 885 -26.32 9.35 3.98
CA ARG B 885 -27.61 9.15 3.37
C ARG B 885 -28.75 9.22 4.37
N ARG B 886 -28.55 8.68 5.57
CA ARG B 886 -29.60 8.71 6.57
C ARG B 886 -29.73 10.10 7.16
N THR B 887 -28.66 10.88 7.10
CA THR B 887 -28.76 12.25 7.61
C THR B 887 -29.59 13.04 6.59
N HIS B 888 -29.46 12.67 5.33
CA HIS B 888 -30.21 13.29 4.26
C HIS B 888 -31.70 12.93 4.49
N LEU B 889 -31.95 11.68 4.87
CA LEU B 889 -33.33 11.25 5.12
C LEU B 889 -33.94 11.99 6.30
N ALA B 890 -33.17 12.17 7.37
CA ALA B 890 -33.63 12.86 8.57
C ALA B 890 -33.91 14.33 8.30
N ASP B 891 -33.15 14.93 7.38
CA ASP B 891 -33.35 16.33 7.02
C ASP B 891 -34.70 16.43 6.31
N LEU B 892 -34.94 15.54 5.35
CA LEU B 892 -36.20 15.54 4.61
C LEU B 892 -37.37 15.28 5.55
N ALA B 893 -37.15 14.39 6.53
CA ALA B 893 -38.20 14.05 7.47
C ALA B 893 -38.61 15.28 8.28
N ALA B 894 -37.61 16.05 8.69
CA ALA B 894 -37.87 17.25 9.47
C ALA B 894 -38.63 18.25 8.62
N LYS B 895 -38.26 18.37 7.33
CA LYS B 895 -38.95 19.32 6.45
C LYS B 895 -40.40 18.91 6.26
N ALA B 896 -40.65 17.61 6.15
CA ALA B 896 -42.00 17.12 5.97
C ALA B 896 -42.86 17.47 7.19
N LEU B 897 -42.27 17.46 8.37
CA LEU B 897 -43.02 17.79 9.57
C LEU B 897 -43.63 19.19 9.49
N GLU B 898 -43.14 19.98 8.55
CA GLU B 898 -43.63 21.33 8.33
C GLU B 898 -44.35 21.49 6.98
N SER B 899 -45.07 20.43 6.60
CA SER B 899 -45.82 20.40 5.35
C SER B 899 -47.24 20.02 5.74
N ASP B 900 -48.08 19.71 4.74
CA ASP B 900 -49.46 19.34 5.03
C ASP B 900 -49.63 17.83 5.06
N ALA B 901 -48.55 17.10 5.33
CA ALA B 901 -48.59 15.64 5.42
C ALA B 901 -49.61 15.28 6.48
N SER B 902 -50.22 14.10 6.38
CA SER B 902 -51.23 13.70 7.36
C SER B 902 -50.67 13.61 8.78
N GLY B 903 -51.57 13.64 9.76
CA GLY B 903 -51.16 13.54 11.15
C GLY B 903 -50.50 12.21 11.45
N ASP B 904 -50.95 11.16 10.77
CA ASP B 904 -50.41 9.82 10.94
C ASP B 904 -48.99 9.77 10.42
N VAL B 905 -48.77 10.39 9.25
CA VAL B 905 -47.46 10.42 8.65
C VAL B 905 -46.46 11.16 9.54
N LYS B 906 -46.89 12.29 10.11
CA LYS B 906 -46.02 13.08 10.97
C LYS B 906 -45.68 12.39 12.28
N GLU B 907 -46.66 11.68 12.83
CA GLU B 907 -46.45 10.96 14.08
C GLU B 907 -45.34 9.94 13.82
N ALA B 908 -45.46 9.27 12.69
CA ALA B 908 -44.50 8.25 12.27
C ALA B 908 -43.12 8.89 12.05
N LEU B 909 -43.09 10.04 11.39
CA LEU B 909 -41.83 10.72 11.15
C LEU B 909 -41.18 11.20 12.44
N GLN B 910 -41.97 11.71 13.38
CA GLN B 910 -41.38 12.15 14.64
C GLN B 910 -40.82 10.95 15.36
N GLY B 911 -41.60 9.86 15.36
CA GLY B 911 -41.15 8.63 16.01
C GLY B 911 -39.83 8.17 15.42
N TRP B 912 -39.78 8.10 14.10
CA TRP B 912 -38.58 7.65 13.42
C TRP B 912 -37.42 8.57 13.75
N LEU B 913 -37.67 9.87 13.66
CA LEU B 913 -36.61 10.83 13.97
C LEU B 913 -36.08 10.65 15.38
N ALA B 914 -36.96 10.24 16.29
CA ALA B 914 -36.60 10.05 17.67
C ALA B 914 -35.90 8.71 17.91
N GLY B 915 -36.22 7.72 17.08
CA GLY B 915 -35.60 6.42 17.26
C GLY B 915 -34.86 5.94 16.03
N LYS B 916 -34.31 6.87 15.24
CA LYS B 916 -33.60 6.51 14.02
C LYS B 916 -32.34 5.67 14.20
N ASN B 917 -31.73 5.74 15.37
CA ASN B 917 -30.53 4.95 15.64
C ASN B 917 -30.79 3.85 16.61
N ASP B 918 -32.06 3.47 16.73
CA ASP B 918 -32.46 2.38 17.60
C ASP B 918 -32.99 1.26 16.73
N PRO B 919 -32.31 0.11 16.75
CA PRO B 919 -32.75 -1.04 15.95
C PRO B 919 -34.27 -1.31 16.05
N ILE B 920 -34.82 -1.16 17.26
CA ILE B 920 -36.25 -1.40 17.48
C ILE B 920 -37.16 -0.30 16.94
N LYS B 921 -37.07 0.88 17.52
CA LYS B 921 -37.91 2.00 17.11
C LYS B 921 -37.73 2.46 15.67
N SER B 922 -36.52 2.33 15.13
CA SER B 922 -36.30 2.75 13.74
C SER B 922 -37.12 1.83 12.82
N LYS B 923 -37.10 0.53 13.10
CA LYS B 923 -37.85 -0.41 12.29
C LYS B 923 -39.33 -0.17 12.49
N GLU B 924 -39.75 -0.06 13.75
CA GLU B 924 -41.14 0.17 14.07
C GLU B 924 -41.71 1.41 13.37
N TYR B 925 -41.09 2.56 13.53
CA TYR B 925 -41.64 3.74 12.87
C TYR B 925 -41.38 3.70 11.38
N GLY B 926 -40.27 3.08 10.99
CA GLY B 926 -39.95 2.96 9.59
C GLY B 926 -40.96 2.05 8.90
N ASP B 927 -41.36 0.97 9.56
CA ASP B 927 -42.35 0.08 8.94
C ASP B 927 -43.69 0.79 8.77
N LYS B 928 -44.02 1.69 9.70
CA LYS B 928 -45.26 2.44 9.58
C LYS B 928 -45.18 3.39 8.38
N LEU B 929 -44.00 3.94 8.11
CA LEU B 929 -43.85 4.85 6.98
C LEU B 929 -43.98 4.10 5.67
N LYS B 930 -43.57 2.84 5.65
CA LYS B 930 -43.69 2.07 4.42
C LYS B 930 -45.15 1.94 4.02
N LYS B 931 -46.02 1.72 4.99
CA LYS B 931 -47.43 1.60 4.67
C LYS B 931 -48.08 2.95 4.40
N LEU B 932 -47.79 3.94 5.24
CA LEU B 932 -48.38 5.26 5.07
C LEU B 932 -47.98 5.98 3.78
N LEU B 933 -46.77 5.73 3.30
CA LEU B 933 -46.32 6.39 2.09
C LEU B 933 -46.34 5.53 0.83
N ALA B 934 -46.84 4.31 0.93
CA ALA B 934 -46.88 3.46 -0.24
C ALA B 934 -47.59 4.19 -1.39
N GLY B 935 -46.92 4.26 -2.53
CA GLY B 935 -47.51 4.95 -3.66
C GLY B 935 -47.01 6.37 -3.87
N GLN B 936 -46.64 7.06 -2.79
CA GLN B 936 -46.13 8.42 -2.89
C GLN B 936 -44.99 8.48 -3.90
N LYS B 937 -45.09 9.42 -4.84
CA LYS B 937 -44.06 9.56 -5.86
C LYS B 937 -43.61 11.01 -5.96
N ASP B 938 -44.46 11.91 -5.49
CA ASP B 938 -44.17 13.32 -5.58
C ASP B 938 -43.64 14.03 -4.34
N GLY B 939 -42.89 15.09 -4.60
CA GLY B 939 -42.30 15.90 -3.55
C GLY B 939 -41.62 15.19 -2.41
N LEU B 940 -41.49 15.92 -1.31
CA LEU B 940 -40.89 15.47 -0.08
C LEU B 940 -41.29 14.06 0.30
N LEU B 941 -42.60 13.78 0.37
CA LEU B 941 -43.04 12.44 0.76
C LEU B 941 -42.54 11.37 -0.20
N GLY B 942 -42.51 11.71 -1.49
CA GLY B 942 -42.04 10.76 -2.48
C GLY B 942 -40.58 10.45 -2.26
N GLN B 943 -39.79 11.48 -2.00
CA GLN B 943 -38.36 11.30 -1.75
C GLN B 943 -38.13 10.43 -0.50
N ILE B 944 -38.97 10.63 0.50
CA ILE B 944 -38.87 9.88 1.74
C ILE B 944 -39.28 8.43 1.50
N ALA B 945 -40.33 8.24 0.69
CA ALA B 945 -40.82 6.92 0.36
C ALA B 945 -39.75 6.11 -0.38
N ALA B 946 -38.97 6.78 -1.22
CA ALA B 946 -37.93 6.10 -1.97
C ALA B 946 -36.67 5.75 -1.13
N MET B 947 -36.64 6.16 0.14
CA MET B 947 -35.50 5.89 1.01
C MET B 947 -35.78 4.90 2.13
N SER B 948 -36.78 4.06 1.94
CA SER B 948 -37.14 3.10 2.98
C SER B 948 -36.03 2.11 3.35
N ASP B 949 -35.15 1.77 2.41
CA ASP B 949 -34.08 0.82 2.76
C ASP B 949 -33.05 1.49 3.68
N LEU B 950 -33.39 2.69 4.15
CA LEU B 950 -32.53 3.40 5.08
C LEU B 950 -33.24 3.62 6.43
N TYR B 951 -34.53 3.31 6.51
CA TYR B 951 -35.31 3.51 7.73
C TYR B 951 -34.71 2.80 8.94
N THR B 952 -34.56 1.49 8.84
CA THR B 952 -34.01 0.68 9.91
C THR B 952 -32.50 0.89 10.12
N LYS B 953 -32.12 1.11 11.38
CA LYS B 953 -30.73 1.28 11.75
C LYS B 953 -29.99 0.00 11.33
N LYS B 954 -28.88 0.16 10.60
CA LYS B 954 -28.11 -1.01 10.16
C LYS B 954 -26.98 -1.33 11.13
N SER B 955 -26.46 -2.54 11.00
CA SER B 955 -25.37 -3.01 11.81
C SER B 955 -24.20 -3.26 10.85
N VAL B 956 -23.16 -2.45 10.97
CA VAL B 956 -21.99 -2.56 10.10
C VAL B 956 -20.94 -3.42 10.76
N TRP B 957 -20.65 -4.56 10.15
CA TRP B 957 -19.64 -5.48 10.67
C TRP B 957 -18.44 -5.61 9.73
N ILE B 958 -17.26 -5.83 10.31
CA ILE B 958 -16.04 -6.02 9.55
C ILE B 958 -15.51 -7.40 9.97
N PHE B 959 -15.45 -8.33 9.02
CA PHE B 959 -14.97 -9.70 9.29
C PHE B 959 -13.56 -9.90 8.77
N GLY B 960 -12.76 -10.65 9.51
CA GLY B 960 -11.41 -10.92 9.09
C GLY B 960 -10.68 -11.86 10.02
N GLY B 961 -9.58 -12.42 9.50
CA GLY B 961 -8.77 -13.35 10.28
C GLY B 961 -7.68 -12.61 11.04
N ASP B 962 -6.84 -13.35 11.76
CA ASP B 962 -5.78 -12.76 12.57
C ASP B 962 -4.68 -12.15 11.70
N GLY B 963 -4.43 -12.79 10.57
CA GLY B 963 -3.43 -12.29 9.64
C GLY B 963 -3.84 -10.89 9.20
N TRP B 964 -5.13 -10.71 8.91
CA TRP B 964 -5.63 -9.40 8.51
C TRP B 964 -5.54 -8.40 9.68
N ALA B 965 -6.18 -8.76 10.79
CA ALA B 965 -6.25 -7.92 11.98
C ALA B 965 -4.96 -7.60 12.72
N TYR B 966 -4.06 -8.57 12.83
CA TYR B 966 -2.79 -8.37 13.54
C TYR B 966 -1.63 -7.91 12.65
N ASP B 967 -1.76 -8.12 11.35
CA ASP B 967 -0.70 -7.78 10.41
C ASP B 967 -1.02 -6.73 9.36
N ILE B 968 -1.33 -7.19 8.15
CA ILE B 968 -1.60 -6.32 7.02
C ILE B 968 -2.69 -5.25 7.19
N GLY B 969 -3.83 -5.62 7.76
CA GLY B 969 -4.89 -4.66 7.95
C GLY B 969 -4.87 -3.95 9.30
N TYR B 970 -3.89 -4.27 10.14
CA TYR B 970 -3.79 -3.66 11.48
C TYR B 970 -3.86 -2.13 11.53
N GLY B 971 -3.08 -1.47 10.68
CA GLY B 971 -3.10 -0.02 10.65
C GLY B 971 -4.46 0.58 10.34
N GLY B 972 -5.20 -0.05 9.44
CA GLY B 972 -6.51 0.47 9.11
C GLY B 972 -7.50 0.10 10.20
N LEU B 973 -7.30 -1.09 10.77
CA LEU B 973 -8.17 -1.55 11.83
C LEU B 973 -8.02 -0.59 13.01
N ASP B 974 -6.76 -0.28 13.31
CA ASP B 974 -6.43 0.64 14.39
C ASP B 974 -7.05 2.00 14.13
N HIS B 975 -6.87 2.52 12.91
CA HIS B 975 -7.42 3.83 12.59
C HIS B 975 -8.92 3.90 12.70
N VAL B 976 -9.60 2.89 12.18
CA VAL B 976 -11.05 2.84 12.22
C VAL B 976 -11.57 2.71 13.66
N LEU B 977 -10.89 1.94 14.50
CA LEU B 977 -11.33 1.82 15.89
C LEU B 977 -11.16 3.15 16.62
N ALA B 978 -10.06 3.84 16.34
CA ALA B 978 -9.78 5.12 16.95
C ALA B 978 -10.76 6.20 16.51
N SER B 979 -11.43 6.00 15.38
CA SER B 979 -12.36 7.01 14.87
C SER B 979 -13.56 7.23 15.76
N GLY B 980 -13.90 6.22 16.56
CA GLY B 980 -15.04 6.35 17.45
C GLY B 980 -16.39 6.12 16.79
N GLU B 981 -16.39 5.80 15.50
CA GLU B 981 -17.64 5.56 14.78
C GLU B 981 -18.23 4.23 15.21
N ASP B 982 -19.50 4.01 14.86
CA ASP B 982 -20.21 2.79 15.22
C ASP B 982 -20.07 1.64 14.22
N VAL B 983 -18.99 0.88 14.37
CA VAL B 983 -18.74 -0.28 13.52
C VAL B 983 -18.34 -1.41 14.45
N ASN B 984 -18.55 -2.65 14.00
CA ASN B 984 -18.23 -3.85 14.77
C ASN B 984 -17.22 -4.72 14.06
N VAL B 985 -16.08 -4.94 14.69
CA VAL B 985 -15.06 -5.76 14.11
C VAL B 985 -15.05 -7.13 14.78
N PHE B 986 -15.18 -8.17 13.97
CA PHE B 986 -15.17 -9.52 14.51
C PHE B 986 -13.96 -10.25 13.92
N VAL B 987 -13.05 -10.64 14.80
CA VAL B 987 -11.85 -11.31 14.36
C VAL B 987 -11.83 -12.80 14.64
N MET B 988 -11.71 -13.58 13.59
CA MET B 988 -11.62 -15.02 13.75
C MET B 988 -10.14 -15.31 13.75
N ASP B 989 -9.60 -15.51 14.96
CA ASP B 989 -8.19 -15.77 15.17
C ASP B 989 -7.85 -17.26 15.04
N THR B 990 -7.15 -17.64 13.97
CA THR B 990 -6.76 -19.04 13.79
C THR B 990 -5.29 -19.19 14.15
N GLU B 991 -4.70 -18.09 14.62
CA GLU B 991 -3.30 -18.07 15.00
C GLU B 991 -2.34 -18.42 13.84
N VAL B 992 -2.80 -18.18 12.60
CA VAL B 992 -2.02 -18.40 11.36
C VAL B 992 -2.77 -17.88 10.16
N TYR B 993 -2.04 -17.68 9.06
CA TYR B 993 -2.64 -17.29 7.78
C TYR B 993 -3.06 -18.69 7.32
N SER B 994 -4.33 -19.02 7.52
CA SER B 994 -4.86 -20.33 7.20
C SER B 994 -5.04 -20.63 5.70
N ASN B 995 -5.87 -19.83 5.05
CA ASN B 995 -6.18 -20.06 3.64
C ASN B 995 -4.96 -20.29 2.74
N THR B 996 -3.93 -19.47 2.92
CA THR B 996 -2.71 -19.55 2.12
C THR B 996 -1.78 -20.71 2.44
N GLY B 997 -2.01 -21.42 3.55
CA GLY B 997 -1.16 -22.55 3.85
C GLY B 997 -0.48 -22.62 5.21
N GLY B 998 -1.08 -21.97 6.21
CA GLY B 998 -0.51 -22.03 7.53
C GLY B 998 0.74 -21.23 7.81
N GLN B 999 0.88 -20.04 7.22
CA GLN B 999 2.04 -19.22 7.51
C GLN B 999 1.79 -18.50 8.82
N SER B 1000 2.85 -18.30 9.57
CA SER B 1000 2.81 -17.61 10.86
C SER B 1000 2.34 -16.17 10.72
N SER B 1001 1.72 -15.65 11.79
CA SER B 1001 1.29 -14.26 11.82
C SER B 1001 1.65 -13.73 13.21
N LYS B 1002 1.47 -12.43 13.45
CA LYS B 1002 1.81 -11.92 14.77
C LYS B 1002 0.86 -12.45 15.84
N ALA B 1003 -0.18 -13.16 15.40
CA ALA B 1003 -1.15 -13.76 16.32
C ALA B 1003 -0.70 -15.19 16.65
N THR B 1004 0.28 -15.70 15.89
CA THR B 1004 0.82 -17.05 16.15
C THR B 1004 1.56 -17.03 17.50
N PRO B 1005 1.28 -18.02 18.36
CA PRO B 1005 1.93 -18.08 19.68
C PRO B 1005 3.36 -18.59 19.70
N THR B 1006 3.98 -18.38 20.86
CA THR B 1006 5.33 -18.83 21.13
C THR B 1006 5.37 -20.36 21.01
N GLY B 1007 6.39 -20.90 20.34
CA GLY B 1007 6.51 -22.34 20.22
C GLY B 1007 5.66 -23.06 19.19
N ALA B 1008 4.71 -22.37 18.56
CA ALA B 1008 3.86 -22.99 17.55
C ALA B 1008 4.62 -23.17 16.23
N VAL B 1009 4.50 -24.33 15.58
CA VAL B 1009 5.17 -24.54 14.31
C VAL B 1009 4.24 -24.10 13.16
N ALA B 1010 4.78 -23.35 12.22
CA ALA B 1010 4.03 -22.86 11.05
C ALA B 1010 5.04 -22.46 10.01
N LYS B 1011 4.61 -22.25 8.77
CA LYS B 1011 5.58 -21.80 7.76
C LYS B 1011 6.17 -20.48 8.27
N PHE B 1012 7.49 -20.33 8.17
CA PHE B 1012 8.18 -19.11 8.62
C PHE B 1012 8.36 -19.10 10.12
N ALA B 1013 8.04 -20.25 10.70
CA ALA B 1013 8.16 -20.50 12.14
C ALA B 1013 8.44 -22.01 12.21
N ALA B 1014 9.32 -22.45 11.31
CA ALA B 1014 9.72 -23.85 11.13
C ALA B 1014 10.34 -24.58 12.32
N ALA B 1015 10.82 -23.83 13.31
CA ALA B 1015 11.41 -24.40 14.51
C ALA B 1015 10.61 -23.90 15.72
N GLY B 1016 9.36 -23.54 15.48
CA GLY B 1016 8.49 -23.01 16.52
C GLY B 1016 8.69 -21.51 16.63
N LYS B 1017 7.62 -20.71 16.56
CA LYS B 1017 7.73 -19.26 16.63
C LYS B 1017 8.53 -18.80 17.85
N ARG B 1018 9.51 -17.92 17.63
CA ARG B 1018 10.36 -17.47 18.73
C ARG B 1018 10.00 -16.13 19.36
N THR B 1019 8.85 -15.59 19.00
CA THR B 1019 8.35 -14.35 19.59
C THR B 1019 6.92 -14.71 19.99
N GLY B 1020 6.41 -14.11 21.05
CA GLY B 1020 5.08 -14.43 21.48
C GLY B 1020 3.97 -13.73 20.71
N LYS B 1021 2.74 -14.15 21.01
CA LYS B 1021 1.55 -13.58 20.39
C LYS B 1021 1.40 -12.09 20.68
N LYS B 1022 1.14 -11.31 19.64
CA LYS B 1022 0.92 -9.87 19.81
C LYS B 1022 -0.39 -9.70 20.56
N ASP B 1023 -0.39 -8.83 21.58
CA ASP B 1023 -1.61 -8.58 22.37
C ASP B 1023 -2.45 -7.49 21.74
N LEU B 1024 -3.16 -7.85 20.66
CA LEU B 1024 -4.02 -6.92 19.97
C LEU B 1024 -5.08 -6.33 20.92
N ALA B 1025 -5.71 -7.18 21.73
CA ALA B 1025 -6.74 -6.76 22.68
C ALA B 1025 -6.30 -5.65 23.67
N ARG B 1026 -5.18 -5.88 24.35
CA ARG B 1026 -4.70 -4.89 25.30
C ARG B 1026 -4.24 -3.63 24.60
N MET B 1027 -3.79 -3.76 23.36
CA MET B 1027 -3.35 -2.58 22.64
C MET B 1027 -4.55 -1.68 22.35
N VAL B 1028 -5.63 -2.28 21.88
CA VAL B 1028 -6.83 -1.56 21.55
C VAL B 1028 -7.56 -1.02 22.80
N MET B 1029 -7.45 -1.72 23.93
CA MET B 1029 -8.09 -1.24 25.14
C MET B 1029 -7.48 0.07 25.64
N THR B 1030 -6.27 0.40 25.21
CA THR B 1030 -5.59 1.61 25.66
C THR B 1030 -6.27 2.92 25.24
N TYR B 1031 -7.23 2.84 24.32
CA TYR B 1031 -7.97 4.01 23.86
C TYR B 1031 -9.01 4.41 24.90
N GLY B 1032 -9.55 3.41 25.59
CA GLY B 1032 -10.56 3.67 26.58
C GLY B 1032 -11.96 3.85 26.00
N TYR B 1033 -12.09 4.27 24.75
CA TYR B 1033 -13.42 4.45 24.19
C TYR B 1033 -13.83 3.38 23.19
N VAL B 1034 -13.06 2.30 23.10
CA VAL B 1034 -13.40 1.22 22.20
C VAL B 1034 -13.87 0.02 23.01
N TYR B 1035 -14.96 -0.62 22.57
CA TYR B 1035 -15.43 -1.81 23.25
C TYR B 1035 -14.56 -2.98 22.75
N VAL B 1036 -13.95 -3.73 23.68
CA VAL B 1036 -13.12 -4.85 23.30
C VAL B 1036 -13.51 -6.13 24.07
N ALA B 1037 -13.54 -7.25 23.38
CA ALA B 1037 -13.89 -8.49 24.05
C ALA B 1037 -13.29 -9.70 23.37
N THR B 1038 -13.11 -10.76 24.14
CA THR B 1038 -12.59 -12.00 23.59
C THR B 1038 -13.61 -13.09 23.89
N VAL B 1039 -13.73 -14.04 22.98
CA VAL B 1039 -14.70 -15.12 23.17
C VAL B 1039 -14.11 -16.46 22.77
N SER B 1040 -14.85 -17.52 23.12
CA SER B 1040 -14.46 -18.87 22.80
C SER B 1040 -15.71 -19.69 22.99
N MET B 1041 -16.39 -19.96 21.89
CA MET B 1041 -17.63 -20.68 21.92
C MET B 1041 -17.60 -21.93 22.78
N GLY B 1042 -16.57 -22.75 22.60
CA GLY B 1042 -16.45 -23.98 23.38
C GLY B 1042 -16.50 -23.85 24.89
N TYR B 1043 -16.03 -22.71 25.41
CA TYR B 1043 -16.02 -22.46 26.84
C TYR B 1043 -17.36 -21.93 27.33
N SER B 1044 -17.94 -21.00 26.58
CA SER B 1044 -19.22 -20.43 26.96
C SER B 1044 -20.00 -19.83 25.79
N LYS B 1045 -21.13 -20.45 25.45
CA LYS B 1045 -21.94 -19.92 24.38
C LYS B 1045 -22.65 -18.68 24.88
N GLN B 1046 -22.99 -18.71 26.16
CA GLN B 1046 -23.67 -17.57 26.76
C GLN B 1046 -22.78 -16.33 26.80
N GLN B 1047 -21.50 -16.49 27.17
CA GLN B 1047 -20.61 -15.33 27.21
C GLN B 1047 -20.41 -14.77 25.79
N PHE B 1048 -20.48 -15.65 24.79
CA PHE B 1048 -20.32 -15.24 23.38
C PHE B 1048 -21.55 -14.44 22.94
N LEU B 1049 -22.74 -14.89 23.30
CA LEU B 1049 -23.96 -14.17 22.93
C LEU B 1049 -24.03 -12.80 23.63
N LYS B 1050 -23.60 -12.78 24.89
CA LYS B 1050 -23.60 -11.56 25.68
C LYS B 1050 -22.66 -10.54 25.04
N VAL B 1051 -21.52 -10.99 24.56
CA VAL B 1051 -20.55 -10.12 23.91
C VAL B 1051 -21.10 -9.55 22.61
N LEU B 1052 -21.77 -10.39 21.83
CA LEU B 1052 -22.35 -9.94 20.58
C LEU B 1052 -23.29 -8.81 20.89
N LYS B 1053 -24.23 -9.08 21.81
CA LYS B 1053 -25.19 -8.06 22.22
C LYS B 1053 -24.50 -6.77 22.73
N GLU B 1054 -23.56 -6.89 23.66
CA GLU B 1054 -22.88 -5.69 24.17
C GLU B 1054 -22.02 -4.96 23.12
N ALA B 1055 -21.32 -5.71 22.28
CA ALA B 1055 -20.50 -5.06 21.27
C ALA B 1055 -21.34 -4.32 20.24
N GLU B 1056 -22.32 -5.00 19.66
CA GLU B 1056 -23.17 -4.41 18.63
C GLU B 1056 -23.97 -3.21 19.10
N SER B 1057 -24.41 -3.23 20.37
CA SER B 1057 -25.21 -2.13 20.93
C SER B 1057 -24.34 -0.98 21.40
N PHE B 1058 -23.04 -1.22 21.56
CA PHE B 1058 -22.17 -0.16 21.99
C PHE B 1058 -22.17 0.89 20.89
N PRO B 1059 -22.47 2.14 21.22
CA PRO B 1059 -22.51 3.22 20.22
C PRO B 1059 -21.13 3.78 19.92
N GLY B 1060 -20.24 2.91 19.48
CA GLY B 1060 -18.89 3.32 19.18
C GLY B 1060 -18.20 2.14 18.54
N PRO B 1061 -16.87 2.16 18.42
CA PRO B 1061 -16.20 1.02 17.81
C PRO B 1061 -16.22 -0.19 18.72
N SER B 1062 -16.32 -1.36 18.11
CA SER B 1062 -16.32 -2.62 18.86
C SER B 1062 -15.37 -3.61 18.23
N LEU B 1063 -14.60 -4.30 19.06
CA LEU B 1063 -13.66 -5.28 18.59
C LEU B 1063 -13.86 -6.56 19.37
N VAL B 1064 -14.12 -7.65 18.65
CA VAL B 1064 -14.33 -8.96 19.26
C VAL B 1064 -13.42 -9.98 18.59
N ILE B 1065 -12.59 -10.63 19.40
CA ILE B 1065 -11.65 -11.63 18.91
C ILE B 1065 -12.10 -13.01 19.37
N ALA B 1066 -12.35 -13.92 18.43
CA ALA B 1066 -12.81 -15.27 18.76
C ALA B 1066 -11.72 -16.31 18.53
N TYR B 1067 -11.73 -17.38 19.34
CA TYR B 1067 -10.75 -18.44 19.18
C TYR B 1067 -11.32 -19.40 18.16
N ALA B 1068 -10.71 -19.41 16.98
CA ALA B 1068 -11.15 -20.28 15.90
C ALA B 1068 -10.19 -21.45 15.70
N THR B 1069 -10.69 -22.66 15.84
CA THR B 1069 -9.85 -23.82 15.62
C THR B 1069 -9.72 -23.96 14.12
N CYS B 1070 -8.65 -24.60 13.68
CA CYS B 1070 -8.37 -24.75 12.25
C CYS B 1070 -7.55 -26.02 11.95
N ILE B 1071 -7.82 -26.68 10.83
CA ILE B 1071 -7.07 -27.89 10.50
C ILE B 1071 -5.55 -27.65 10.53
N ASN B 1072 -5.12 -26.41 10.31
CA ASN B 1072 -3.69 -26.08 10.32
C ASN B 1072 -3.09 -26.38 11.68
N GLN B 1073 -3.88 -26.16 12.74
CA GLN B 1073 -3.44 -26.38 14.11
C GLN B 1073 -3.15 -27.84 14.46
N GLY B 1074 -3.71 -28.77 13.69
CA GLY B 1074 -3.48 -30.17 13.94
C GLY B 1074 -4.08 -30.75 15.20
N LEU B 1075 -5.40 -30.61 15.37
CA LEU B 1075 -6.06 -31.17 16.55
C LEU B 1075 -5.93 -32.68 16.35
N ARG B 1076 -5.23 -33.34 17.27
CA ARG B 1076 -4.93 -34.77 17.19
C ARG B 1076 -6.07 -35.80 17.25
N LYS B 1077 -7.27 -35.37 17.65
CA LYS B 1077 -8.40 -36.28 17.71
C LYS B 1077 -9.52 -35.89 16.76
N GLY B 1078 -9.23 -34.90 15.91
CA GLY B 1078 -10.18 -34.43 14.94
C GLY B 1078 -10.77 -33.07 15.24
N MET B 1079 -11.26 -32.40 14.20
CA MET B 1079 -11.88 -31.11 14.35
C MET B 1079 -13.21 -31.27 15.09
N GLY B 1080 -13.65 -32.52 15.25
CA GLY B 1080 -14.88 -32.77 15.99
C GLY B 1080 -14.68 -32.40 17.46
N LYS B 1081 -13.42 -32.15 17.86
CA LYS B 1081 -13.11 -31.75 19.24
C LYS B 1081 -12.92 -30.22 19.35
N SER B 1082 -13.28 -29.47 18.32
CA SER B 1082 -13.09 -28.02 18.35
C SER B 1082 -13.68 -27.33 19.57
N GLN B 1083 -14.96 -27.58 19.82
CA GLN B 1083 -15.63 -26.99 20.96
C GLN B 1083 -14.86 -27.33 22.23
N ASP B 1084 -14.46 -28.60 22.35
CA ASP B 1084 -13.72 -29.02 23.53
C ASP B 1084 -12.37 -28.30 23.60
N VAL B 1085 -11.70 -28.17 22.46
CA VAL B 1085 -10.41 -27.48 22.45
C VAL B 1085 -10.62 -26.00 22.80
N MET B 1086 -11.72 -25.42 22.33
CA MET B 1086 -12.02 -24.02 22.64
C MET B 1086 -12.22 -23.90 24.13
N ASN B 1087 -12.87 -24.91 24.70
CA ASN B 1087 -13.13 -24.95 26.13
C ASN B 1087 -11.82 -24.96 26.90
N THR B 1088 -10.96 -25.92 26.57
CA THR B 1088 -9.66 -26.05 27.25
C THR B 1088 -8.75 -24.85 26.99
N ALA B 1089 -8.92 -24.19 25.84
CA ALA B 1089 -8.10 -23.02 25.52
C ALA B 1089 -8.28 -22.00 26.63
N VAL B 1090 -9.53 -21.86 27.09
CA VAL B 1090 -9.88 -20.92 28.14
C VAL B 1090 -9.53 -21.44 29.55
N LYS B 1091 -9.91 -22.66 29.84
CA LYS B 1091 -9.64 -23.18 31.16
C LYS B 1091 -8.14 -23.22 31.46
N SER B 1092 -7.34 -23.53 30.45
CA SER B 1092 -5.90 -23.59 30.62
C SER B 1092 -5.28 -22.21 30.84
N GLY B 1093 -6.04 -21.16 30.56
CA GLY B 1093 -5.51 -19.82 30.74
C GLY B 1093 -4.83 -19.33 29.47
N TYR B 1094 -4.78 -20.21 28.47
CA TYR B 1094 -4.17 -19.91 27.20
C TYR B 1094 -4.92 -18.77 26.52
N TRP B 1095 -6.26 -18.85 26.57
CA TRP B 1095 -7.13 -17.87 25.95
C TRP B 1095 -8.17 -17.39 26.94
N PRO B 1096 -7.79 -16.47 27.83
CA PRO B 1096 -8.77 -15.98 28.80
C PRO B 1096 -9.81 -15.07 28.15
N LEU B 1097 -11.04 -15.16 28.63
CA LEU B 1097 -12.13 -14.32 28.13
C LEU B 1097 -12.32 -13.08 29.00
N PHE B 1098 -12.63 -11.96 28.35
CA PHE B 1098 -12.84 -10.71 29.08
C PHE B 1098 -13.58 -9.68 28.24
N ARG B 1099 -14.06 -8.64 28.90
CA ARG B 1099 -14.79 -7.57 28.25
C ARG B 1099 -14.36 -6.23 28.79
N TYR B 1100 -14.14 -5.29 27.88
CA TYR B 1100 -13.79 -3.93 28.24
C TYR B 1100 -14.96 -3.09 27.70
N ASP B 1101 -15.82 -2.59 28.59
CA ASP B 1101 -16.99 -1.82 28.17
C ASP B 1101 -16.94 -0.36 28.62
N PRO B 1102 -16.59 0.56 27.71
CA PRO B 1102 -16.50 1.98 28.03
C PRO B 1102 -17.72 2.61 28.74
N ARG B 1103 -18.92 2.13 28.45
CA ARG B 1103 -20.04 2.76 29.10
C ARG B 1103 -20.10 2.48 30.60
N LEU B 1104 -19.45 1.39 31.03
CA LEU B 1104 -19.41 1.07 32.44
C LEU B 1104 -18.61 2.17 33.12
N ALA B 1105 -17.55 2.61 32.43
CA ALA B 1105 -16.70 3.65 32.99
C ALA B 1105 -17.48 4.96 33.13
N ALA B 1106 -18.44 5.20 32.24
CA ALA B 1106 -19.24 6.41 32.31
C ALA B 1106 -20.15 6.33 33.54
N GLN B 1107 -20.41 5.12 34.01
CA GLN B 1107 -21.25 4.91 35.19
C GLN B 1107 -20.39 4.84 36.42
N GLY B 1108 -19.12 5.19 36.26
CA GLY B 1108 -18.20 5.16 37.38
C GLY B 1108 -17.78 3.76 37.81
N LYS B 1109 -18.00 2.78 36.95
CA LYS B 1109 -17.62 1.41 37.25
C LYS B 1109 -16.42 1.03 36.37
N ASN B 1110 -15.71 -0.03 36.73
CA ASN B 1110 -14.55 -0.48 35.95
C ASN B 1110 -15.02 -1.09 34.63
N PRO B 1111 -14.54 -0.54 33.51
CA PRO B 1111 -14.92 -1.06 32.19
C PRO B 1111 -14.45 -2.48 31.90
N PHE B 1112 -13.34 -2.86 32.53
CA PHE B 1112 -12.76 -4.18 32.33
C PHE B 1112 -13.33 -5.27 33.23
N GLN B 1113 -13.74 -6.36 32.62
CA GLN B 1113 -14.31 -7.48 33.36
C GLN B 1113 -13.71 -8.79 32.85
N LEU B 1114 -13.27 -9.65 33.77
CA LEU B 1114 -12.66 -10.96 33.46
C LEU B 1114 -13.75 -12.03 33.46
N ASP B 1115 -13.91 -12.76 32.35
CA ASP B 1115 -14.96 -13.77 32.30
C ASP B 1115 -14.51 -15.22 32.46
N SER B 1116 -13.22 -15.45 32.51
CA SER B 1116 -12.73 -16.82 32.68
C SER B 1116 -11.91 -16.78 33.95
N LYS B 1117 -11.41 -17.93 34.39
CA LYS B 1117 -10.65 -18.02 35.62
C LYS B 1117 -9.18 -18.26 35.42
N ALA B 1118 -8.43 -18.16 36.52
CA ALA B 1118 -6.98 -18.36 36.53
C ALA B 1118 -6.60 -19.70 35.91
N PRO B 1119 -5.47 -19.76 35.19
CA PRO B 1119 -5.00 -21.00 34.55
C PRO B 1119 -5.20 -22.22 35.46
N ASP B 1120 -5.87 -23.24 34.97
CA ASP B 1120 -6.13 -24.43 35.76
C ASP B 1120 -5.01 -25.48 35.69
N GLY B 1121 -3.92 -25.17 34.98
CA GLY B 1121 -2.80 -26.08 34.89
C GLY B 1121 -2.81 -27.14 33.81
N SER B 1122 -3.80 -27.13 32.94
CA SER B 1122 -3.84 -28.14 31.89
C SER B 1122 -3.19 -27.66 30.58
N VAL B 1123 -2.47 -26.55 30.62
CA VAL B 1123 -1.90 -26.02 29.39
C VAL B 1123 -0.99 -26.97 28.61
N GLU B 1124 -0.19 -27.75 29.33
CA GLU B 1124 0.73 -28.68 28.69
C GLU B 1124 -0.02 -29.71 27.84
N GLU B 1125 -1.12 -30.24 28.35
CA GLU B 1125 -1.91 -31.21 27.60
C GLU B 1125 -2.55 -30.53 26.40
N PHE B 1126 -3.00 -29.29 26.60
CA PHE B 1126 -3.61 -28.47 25.57
C PHE B 1126 -2.72 -28.35 24.33
N LEU B 1127 -1.48 -27.94 24.57
CA LEU B 1127 -0.49 -27.77 23.51
C LEU B 1127 -0.18 -29.10 22.86
N MET B 1128 0.24 -30.07 23.67
CA MET B 1128 0.59 -31.39 23.17
C MET B 1128 -0.54 -32.08 22.44
N ALA B 1129 -1.76 -31.62 22.62
CA ALA B 1129 -2.89 -32.22 21.93
C ALA B 1129 -3.04 -31.62 20.52
N GLN B 1130 -2.16 -30.69 20.16
CA GLN B 1130 -2.19 -30.07 18.82
C GLN B 1130 -0.87 -30.33 18.12
N ASN B 1131 -0.91 -30.76 16.87
CA ASN B 1131 0.32 -31.05 16.16
C ASN B 1131 1.22 -29.83 15.98
N ARG B 1132 0.63 -28.64 15.89
CA ARG B 1132 1.45 -27.44 15.70
C ARG B 1132 2.44 -27.28 16.86
N PHE B 1133 2.16 -27.96 17.96
CA PHE B 1133 3.04 -27.93 19.13
C PHE B 1133 3.77 -29.27 19.28
N ALA B 1134 3.01 -30.36 19.21
CA ALA B 1134 3.59 -31.69 19.38
C ALA B 1134 4.68 -32.01 18.37
N VAL B 1135 4.48 -31.63 17.11
CA VAL B 1135 5.48 -31.93 16.10
C VAL B 1135 6.85 -31.34 16.48
N LEU B 1136 6.86 -30.23 17.22
CA LEU B 1136 8.13 -29.64 17.63
C LEU B 1136 8.73 -30.53 18.70
N ASP B 1137 7.88 -31.08 19.57
CA ASP B 1137 8.37 -31.93 20.64
C ASP B 1137 9.08 -33.15 20.09
N ARG B 1138 8.57 -33.66 18.97
CA ARG B 1138 9.18 -34.83 18.36
C ARG B 1138 10.44 -34.51 17.57
N SER B 1139 10.59 -33.28 17.10
CA SER B 1139 11.76 -32.89 16.30
C SER B 1139 12.86 -32.14 17.04
N PHE B 1140 12.47 -31.23 17.92
CA PHE B 1140 13.42 -30.45 18.72
C PHE B 1140 12.93 -30.53 20.16
N PRO B 1141 12.89 -31.73 20.73
CA PRO B 1141 12.43 -31.94 22.11
C PRO B 1141 12.94 -30.94 23.15
N GLU B 1142 14.21 -30.58 23.09
CA GLU B 1142 14.75 -29.64 24.07
C GLU B 1142 14.17 -28.24 23.93
N ASP B 1143 14.13 -27.73 22.70
CA ASP B 1143 13.60 -26.41 22.45
C ASP B 1143 12.10 -26.39 22.72
N ALA B 1144 11.41 -27.45 22.30
CA ALA B 1144 9.97 -27.57 22.49
C ALA B 1144 9.63 -27.46 23.98
N LYS B 1145 10.30 -28.26 24.79
CA LYS B 1145 10.10 -28.28 26.24
C LYS B 1145 10.25 -26.86 26.81
N ARG B 1146 11.23 -26.13 26.30
CA ARG B 1146 11.52 -24.76 26.71
C ARG B 1146 10.42 -23.80 26.34
N LEU B 1147 9.96 -23.91 25.09
CA LEU B 1147 8.94 -23.03 24.54
C LEU B 1147 7.55 -23.28 25.10
N ARG B 1148 7.24 -24.53 25.40
CA ARG B 1148 5.96 -24.80 25.99
C ARG B 1148 5.97 -24.23 27.41
N ALA B 1149 7.13 -24.24 28.06
CA ALA B 1149 7.22 -23.70 29.40
C ALA B 1149 7.14 -22.18 29.32
N GLN B 1150 7.68 -21.62 28.23
CA GLN B 1150 7.64 -20.19 28.05
C GLN B 1150 6.17 -19.75 27.87
N VAL B 1151 5.43 -20.51 27.07
CA VAL B 1151 4.00 -20.22 26.85
C VAL B 1151 3.30 -20.21 28.22
N ALA B 1152 3.46 -21.30 28.97
CA ALA B 1152 2.85 -21.40 30.30
C ALA B 1152 3.16 -20.18 31.18
N HIS B 1153 4.39 -19.68 31.10
CA HIS B 1153 4.75 -18.52 31.90
C HIS B 1153 4.12 -17.25 31.31
N GLU B 1154 4.13 -17.13 29.99
CA GLU B 1154 3.54 -15.95 29.36
C GLU B 1154 2.07 -15.81 29.78
N LEU B 1155 1.33 -16.91 29.74
CA LEU B 1155 -0.08 -16.80 30.08
C LEU B 1155 -0.29 -16.56 31.55
N ASP B 1156 0.61 -17.09 32.37
CA ASP B 1156 0.55 -16.89 33.82
C ASP B 1156 0.63 -15.39 34.09
N VAL B 1157 1.63 -14.76 33.50
CA VAL B 1157 1.79 -13.33 33.66
C VAL B 1157 0.59 -12.56 33.10
N ARG B 1158 0.16 -12.91 31.89
CA ARG B 1158 -0.95 -12.19 31.29
C ARG B 1158 -2.19 -12.26 32.17
N PHE B 1159 -2.57 -13.46 32.59
CA PHE B 1159 -3.75 -13.57 33.44
C PHE B 1159 -3.63 -12.68 34.68
N LYS B 1160 -2.44 -12.68 35.31
CA LYS B 1160 -2.22 -11.87 36.50
C LYS B 1160 -2.41 -10.38 36.18
N GLU B 1161 -2.01 -9.96 34.99
CA GLU B 1161 -2.16 -8.56 34.60
C GLU B 1161 -3.64 -8.25 34.35
N LEU B 1162 -4.38 -9.22 33.81
CA LEU B 1162 -5.81 -9.03 33.55
C LEU B 1162 -6.54 -8.92 34.89
N GLU B 1163 -6.06 -9.65 35.89
CA GLU B 1163 -6.65 -9.61 37.22
C GLU B 1163 -6.43 -8.25 37.85
N HIS B 1164 -5.28 -7.63 37.62
CA HIS B 1164 -5.08 -6.29 38.17
C HIS B 1164 -6.03 -5.34 37.45
N MET B 1165 -6.05 -5.39 36.12
CA MET B 1165 -6.92 -4.51 35.36
C MET B 1165 -8.32 -4.59 35.93
N ALA B 1166 -8.75 -5.80 36.26
CA ALA B 1166 -10.09 -6.01 36.77
C ALA B 1166 -10.29 -5.47 38.18
N ALA B 1167 -9.22 -5.39 38.95
CA ALA B 1167 -9.29 -4.93 40.33
C ALA B 1167 -8.90 -3.47 40.52
N THR B 1168 -8.49 -2.81 39.43
CA THR B 1168 -8.07 -1.42 39.54
C THR B 1168 -9.28 -0.49 39.70
N ASN B 1169 -9.05 0.67 40.31
CA ASN B 1169 -10.10 1.66 40.47
C ASN B 1169 -9.65 2.90 39.68
N ILE B 1170 -8.79 2.67 38.71
CA ILE B 1170 -8.26 3.73 37.85
C ILE B 1170 -8.73 3.53 36.41
N PHE B 1171 -9.61 4.43 35.93
CA PHE B 1171 -10.12 4.36 34.56
C PHE B 1171 -10.72 5.70 34.14
N GLU B 1172 -10.91 5.90 32.83
CA GLU B 1172 -11.43 7.18 32.35
C GLU B 1172 -12.87 7.23 31.85
N SER B 1173 -13.36 8.45 31.73
CA SER B 1173 -14.73 8.77 31.29
C SER B 1173 -15.11 8.24 29.90
N PHE B 1174 -16.31 8.60 29.47
CA PHE B 1174 -16.82 8.19 28.16
C PHE B 1174 -18.08 8.96 27.74
N ALA B 1175 -18.15 9.31 26.45
CA ALA B 1175 -19.28 10.04 25.86
C ALA B 1175 -19.24 9.81 24.35
N PRO B 1176 -20.32 9.26 23.76
CA PRO B 1176 -20.42 8.99 22.33
C PRO B 1176 -19.99 10.13 21.38
N ALA B 1177 -20.37 11.37 21.70
CA ALA B 1177 -20.03 12.53 20.88
C ALA B 1177 -20.72 13.80 21.39
N GLY B 1178 -20.77 14.82 20.53
CA GLY B 1178 -21.41 16.08 20.89
C GLY B 1178 -20.46 17.23 21.19
N GLY B 1179 -20.96 18.45 21.05
CA GLY B 1179 -20.13 19.62 21.33
C GLY B 1179 -19.83 20.53 20.14
N LYS B 1180 -18.78 20.19 19.40
CA LYS B 1180 -18.30 20.96 18.25
C LYS B 1180 -19.13 22.16 17.77
N ALA B 1181 -20.37 21.92 17.36
CA ALA B 1181 -21.21 23.00 16.89
C ALA B 1181 -20.61 23.67 15.66
N ASP B 1182 -21.47 24.10 14.75
CA ASP B 1182 -21.08 24.74 13.50
C ASP B 1182 -19.95 25.77 13.61
N GLY B 1183 -19.07 25.73 12.62
CA GLY B 1183 -17.95 26.63 12.57
C GLY B 1183 -16.65 25.88 12.76
N SER B 1184 -15.57 26.45 12.24
CA SER B 1184 -14.24 25.86 12.35
C SER B 1184 -13.27 27.04 12.35
N VAL B 1185 -12.02 26.79 12.68
CA VAL B 1185 -11.06 27.86 12.71
C VAL B 1185 -9.66 27.35 12.35
N ASP B 1186 -8.90 28.17 11.63
CA ASP B 1186 -7.55 27.78 11.25
C ASP B 1186 -6.63 27.86 12.46
N PHE B 1187 -5.72 26.88 12.60
CA PHE B 1187 -4.80 26.83 13.72
C PHE B 1187 -3.83 28.01 13.74
N GLY B 1188 -3.75 28.75 12.63
CA GLY B 1188 -2.85 29.87 12.57
C GLY B 1188 -3.56 31.18 12.88
N GLU B 1189 -4.89 31.10 12.98
CA GLU B 1189 -5.72 32.28 13.24
C GLU B 1189 -5.29 33.12 14.43
N GLY B 1190 -4.82 34.33 14.15
CA GLY B 1190 -4.41 35.24 15.21
C GLY B 1190 -3.24 34.81 16.08
N ALA B 1191 -2.30 34.07 15.51
CA ALA B 1191 -1.11 33.64 16.25
C ALA B 1191 -0.11 34.79 16.21
N GLU B 1192 0.77 34.87 17.21
CA GLU B 1192 1.75 35.97 17.25
C GLU B 1192 2.94 35.80 16.32
N PHE B 1193 3.27 34.57 15.99
CA PHE B 1193 4.38 34.31 15.09
C PHE B 1193 3.86 33.41 13.97
N CYS B 1194 4.57 33.39 12.85
CA CYS B 1194 4.16 32.56 11.72
C CYS B 1194 3.86 31.12 12.17
N THR B 1195 2.83 30.52 11.58
CA THR B 1195 2.47 29.14 11.90
C THR B 1195 2.72 28.25 10.67
N ARG B 1196 3.15 28.87 9.57
CA ARG B 1196 3.46 28.14 8.36
C ARG B 1196 4.84 28.61 7.87
N ASP B 1197 5.50 27.83 7.02
CA ASP B 1197 6.82 28.21 6.51
C ASP B 1197 6.87 28.80 5.09
N ASP B 1198 8.09 28.99 4.57
CA ASP B 1198 8.32 29.56 3.22
C ASP B 1198 8.30 28.49 2.13
N THR B 1199 7.76 27.33 2.49
CA THR B 1199 7.69 26.16 1.63
C THR B 1199 6.50 26.11 0.69
N PRO B 1200 6.65 25.49 -0.49
CA PRO B 1200 5.49 25.41 -1.39
C PRO B 1200 4.52 24.37 -0.83
N MET B 1201 5.00 23.57 0.11
CA MET B 1201 4.18 22.54 0.75
C MET B 1201 3.13 23.14 1.68
N MET B 1202 3.50 24.19 2.41
CA MET B 1202 2.55 24.82 3.30
C MET B 1202 1.76 25.94 2.64
N ALA B 1203 2.09 26.25 1.38
CA ALA B 1203 1.38 27.30 0.66
C ALA B 1203 -0.11 26.97 0.49
N ARG B 1204 -0.95 27.97 0.67
CA ARG B 1204 -2.39 27.82 0.57
C ARG B 1204 -2.98 29.10 0.00
N PRO B 1205 -4.19 29.02 -0.56
CA PRO B 1205 -4.84 30.19 -1.14
C PRO B 1205 -4.76 31.42 -0.23
N ASP B 1206 -5.08 31.23 1.05
CA ASP B 1206 -5.08 32.35 1.99
C ASP B 1206 -3.78 32.66 2.68
N SER B 1207 -2.68 32.01 2.30
CA SER B 1207 -1.44 32.32 2.98
C SER B 1207 -0.61 33.34 2.20
N GLY B 1208 0.40 33.87 2.85
CA GLY B 1208 1.24 34.87 2.17
C GLY B 1208 1.36 36.17 2.95
N GLU B 1209 0.59 36.31 4.02
CA GLU B 1209 0.59 37.51 4.85
C GLU B 1209 1.77 37.56 5.84
N ALA B 1210 2.48 38.70 5.86
CA ALA B 1210 3.64 38.88 6.74
C ALA B 1210 3.38 38.50 8.21
N CYS B 1211 4.44 38.04 8.88
CA CYS B 1211 4.39 37.62 10.28
C CYS B 1211 5.81 37.53 10.86
N ASP B 1212 5.90 37.33 12.18
CA ASP B 1212 7.19 37.20 12.88
C ASP B 1212 7.64 35.74 12.66
N GLN B 1213 8.66 35.57 11.82
CA GLN B 1213 9.19 34.25 11.47
C GLN B 1213 10.22 33.67 12.46
N ASN B 1214 10.24 34.20 13.68
CA ASN B 1214 11.16 33.74 14.72
C ASN B 1214 12.66 33.90 14.43
N ARG B 1215 13.04 34.85 13.58
CA ARG B 1215 14.48 35.05 13.31
C ARG B 1215 15.07 36.21 14.12
N ALA B 1216 14.21 36.87 14.90
CA ALA B 1216 14.60 38.02 15.71
C ALA B 1216 14.57 37.67 17.19
N GLY B 1217 14.38 36.38 17.49
CA GLY B 1217 14.35 35.94 18.86
C GLY B 1217 12.97 36.00 19.48
N THR B 1218 12.93 35.72 20.77
CA THR B 1218 11.70 35.72 21.56
C THR B 1218 11.02 37.08 21.73
N SER B 1219 9.74 37.07 22.12
CA SER B 1219 8.99 38.30 22.34
C SER B 1219 9.76 39.13 23.37
N GLU B 1220 10.01 38.50 24.51
CA GLU B 1220 10.74 39.13 25.59
C GLU B 1220 12.11 39.64 25.14
N GLN B 1221 12.87 38.79 24.45
CA GLN B 1221 14.19 39.19 23.98
C GLN B 1221 14.06 40.39 23.05
N GLN B 1222 13.09 40.33 22.14
CA GLN B 1222 12.85 41.42 21.22
C GLN B 1222 12.51 42.69 22.01
N GLY B 1223 11.65 42.54 22.99
CA GLY B 1223 11.26 43.66 23.83
C GLY B 1223 12.43 44.26 24.60
N ASP B 1224 13.28 43.42 25.14
CA ASP B 1224 14.42 43.90 25.89
C ASP B 1224 15.46 44.54 24.97
N LEU B 1225 15.58 44.05 23.74
CA LEU B 1225 16.54 44.61 22.80
C LEU B 1225 16.09 46.02 22.44
N SER B 1226 14.77 46.21 22.38
CA SER B 1226 14.17 47.49 22.07
C SER B 1226 14.52 48.48 23.19
N LYS B 1227 14.28 48.04 24.42
CA LYS B 1227 14.55 48.81 25.63
C LYS B 1227 16.02 49.23 25.69
N ARG B 1228 16.91 48.32 25.33
CA ARG B 1228 18.34 48.58 25.38
C ARG B 1228 18.88 49.39 24.21
N THR B 1229 18.37 49.15 23.01
CA THR B 1229 18.86 49.89 21.85
C THR B 1229 18.02 51.11 21.57
N LYS B 1230 17.00 51.33 22.40
CA LYS B 1230 16.10 52.48 22.29
C LYS B 1230 16.57 53.63 21.39
N LYS B 1231 17.43 54.50 21.93
CA LYS B 1231 17.97 55.66 21.21
C LYS B 1231 16.94 56.76 21.01
FE1 SF4 C . 27.85 29.60 29.24
FE2 SF4 C . 26.27 28.56 27.31
FE3 SF4 C . 26.02 27.68 29.78
FE4 SF4 C . 25.28 30.22 29.17
S1 SF4 C . 24.28 28.29 28.41
S2 SF4 C . 26.44 29.59 31.04
S3 SF4 C . 26.81 30.81 27.55
S4 SF4 C . 27.88 27.41 28.51
FE1 SF4 D . 21.09 28.46 17.81
FE2 SF4 D . 20.94 31.06 17.12
FE3 SF4 D . 20.85 30.37 19.69
FE4 SF4 D . 18.79 29.75 18.08
S1 SF4 D . 19.45 31.87 18.69
S2 SF4 D . 19.74 28.36 19.64
S3 SF4 D . 19.87 29.31 16.07
S4 SF4 D . 22.67 30.11 18.33
FE1 SF4 E . 9.42 23.81 10.96
FE2 SF4 E . 8.96 21.26 10.49
FE3 SF4 E . 10.50 21.93 12.53
FE4 SF4 E . 7.78 22.33 12.52
S1 SF4 E . 8.85 20.32 12.60
S2 SF4 E . 9.36 23.80 13.27
S3 SF4 E . 7.43 22.92 10.32
S4 SF4 E . 11.00 22.26 10.31
N1' HTL F . 1.17 10.00 1.48
C2' HTL F . 2.23 9.16 1.04
C2A HTL F . 2.07 7.69 0.75
N3' HTL F . 3.39 9.67 0.87
C4' HTL F . 3.70 11.04 1.12
N4' HTL F . 5.01 11.40 0.89
C5' HTL F . 2.63 11.98 1.62
C6' HTL F . 1.37 11.36 1.75
C35 HTL F . 2.87 13.44 1.97
N3 HTL F . 3.82 13.41 3.09
C2 HTL F . 5.14 14.21 2.82
S1 HTL F . 5.61 15.11 4.22
C5 HTL F . 4.53 14.05 5.25
C4 HTL F . 3.40 13.63 4.41
C4A HTL F . 1.85 13.60 4.90
C5A HTL F . 4.19 14.78 6.60
C5B HTL F . 4.22 13.83 7.74
O5G HTL F . 4.30 14.24 9.00
P1 HTL F . 4.97 13.57 10.18
O11 HTL F . 6.23 14.37 10.23
O12 HTL F . 4.07 13.92 11.45
O13 HTL F . 5.29 12.15 10.00
P2 HTL F . 6.54 16.09 10.38
O21 HTL F . 5.27 16.54 11.27
O22 HTL F . 7.76 16.27 11.17
O23 HTL F . 6.40 16.75 8.99
C1' HTL F . 6.02 14.35 1.09
O2' HTL F . 5.35 14.07 -0.04
C3' HTL F . 7.23 15.27 0.94
MG MG G . 4.53 15.56 12.84
CA CA H . 18.42 -1.23 20.20
C CO2 I . 4.39 17.30 1.01
O1 CO2 I . 3.73 16.43 0.29
O2 CO2 I . 5.03 18.13 1.71
FE1 SF4 J . -30.67 -32.55 22.36
FE2 SF4 J . -28.90 -31.30 20.74
FE3 SF4 J . -29.02 -30.68 23.36
FE4 SF4 J . -28.06 -33.11 22.43
S1 SF4 J . -27.11 -31.09 22.16
S2 SF4 J . -29.43 -32.76 24.26
S3 SF4 J . -29.44 -33.53 20.64
S4 SF4 J . -30.69 -30.30 21.87
FE1 SF4 K . -22.72 -30.17 11.95
FE2 SF4 K . -22.70 -32.26 13.52
FE3 SF4 K . -22.49 -32.61 10.86
FE4 SF4 K . -20.43 -31.52 12.23
S1 SF4 K . -21.20 -33.65 12.47
S2 SF4 K . -21.30 -30.79 10.24
S3 SF4 K . -21.57 -30.37 13.92
S4 SF4 K . -24.31 -31.79 11.97
FE1 SF4 L . -10.44 -24.79 6.97
FE2 SF4 L . -9.96 -22.21 6.87
FE3 SF4 L . -11.71 -23.11 8.66
FE4 SF4 L . -9.03 -23.52 8.83
S1 SF4 L . -10.17 -21.52 9.05
S2 SF4 L . -10.65 -25.08 9.26
S3 SF4 L . -8.42 -23.86 6.63
S4 SF4 L . -11.94 -23.16 6.34
N1' HTL M . -1.19 -10.12 0.05
C2' HTL M . -2.19 -9.18 -0.40
C2A HTL M . -2.02 -7.76 -0.54
N3' HTL M . -3.35 -9.62 -0.71
C4' HTL M . -3.72 -10.99 -0.61
N4' HTL M . -4.96 -11.19 -0.97
C5' HTL M . -2.78 -12.00 -0.13
C6' HTL M . -1.49 -11.49 0.19
C35 HTL M . -3.12 -13.39 0.05
N3 HTL M . -4.19 -13.58 1.08
C2 HTL M . -5.47 -14.35 0.66
S1 HTL M . -6.04 -15.60 1.84
C5 HTL M . -5.06 -14.55 2.97
C4 HTL M . -3.84 -13.99 2.26
C4A HTL M . -2.37 -13.84 2.95
C5A HTL M . -4.77 -15.35 4.37
C5B HTL M . -5.20 -14.50 5.45
O5G HTL M . -5.19 -14.99 6.70
P1 HTL M . -6.00 -14.59 8.00
O11 HTL M . -7.31 -15.33 7.74
O12 HTL M . -6.30 -13.15 8.01
O13 HTL M . -5.37 -15.15 9.26
P2 HTL M . -7.66 -16.93 7.66
O21 HTL M . -6.68 -17.56 8.61
O22 HTL M . -9.15 -17.09 8.16
O23 HTL M . -7.51 -17.37 6.38
C1' HTL M . -6.19 -14.38 -1.10
O2' HTL M . -5.49 -13.86 -2.18
C3' HTL M . -7.23 -15.56 -1.38
MG MG N . -6.03 -16.85 10.42
CA CA O . -20.72 -1.03 17.80
C CO2 P . -3.84 -16.54 -1.85
O1 CO2 P . -4.41 -17.42 -1.63
O2 CO2 P . -3.29 -15.66 -2.07
#